data_2AYL
#
_entry.id   2AYL
#
_cell.length_a   98.931
_cell.length_b   206.550
_cell.length_c   221.553
_cell.angle_alpha   90.00
_cell.angle_beta   90.00
_cell.angle_gamma   90.00
#
_symmetry.space_group_name_H-M   'I 2 2 2'
#
loop_
_entity.id
_entity.type
_entity.pdbx_description
1 polymer 'Prostaglandin G/H synthase 1'
2 branched 2-acetamido-2-deoxy-beta-D-glucopyranose-(1-4)-2-acetamido-2-deoxy-beta-D-glucopyranose
3 branched alpha-D-mannopyranose-(1-6)-alpha-D-mannopyranose-(1-6)-alpha-D-mannopyranose-(1-4)-2-acetamido-2-deoxy-beta-D-glucopyranose-(1-4)-2-acetamido-2-deoxy-beta-D-glucopyranose
4 branched alpha-D-mannopyranose-(1-6)-alpha-D-mannopyranose-(1-4)-2-acetamido-2-deoxy-beta-D-glucopyranose-(1-4)-2-acetamido-2-deoxy-beta-D-glucopyranose
5 non-polymer 'octyl beta-D-glucopyranoside'
6 non-polymer FLURBIPROFEN
7 non-polymer 'MANGANESE PROTOPORPHYRIN IX'
8 non-polymer GLYCEROL
9 water water
#
_entity_poly.entity_id   1
_entity_poly.type   'polypeptide(L)'
_entity_poly.pdbx_seq_one_letter_code
;PVNPCCYYPCQHQGICVRFGLDRYQCDCTRTGYSGPNCTIPEIWTWLRTTLRPSPSFIHFLLTHGRWLWDFVNATFIRDT
LMRLVLTVRSNLIPSPPTYNIAHDYISWESFSNVSYYTRILPSVPRDCPTPMGTKGKKQLPDAEFLSRRFLLRRKFIPDP
QGTNLMFAFFAQHFTHQFFKTSGKMGPGFTKALGHGVDLGHIYGDNLERQYQLRLFKDGKLKYQMLNGEVYPPSVEEAPV
LMHYPRGIPPQSQMAVGQEVFGLLPGLMLYATIWLREHNRVCDLLKAEHPTWGDEQLFQTARLILIGETIKIVIEEYVQQ
LSGYFLQLKFDPELLFGAQFQYRNRIAMEFNQLYHWHPLMPDSFRVGPQDYSYEQFLFNTSMLVDYGVEALVDAFSRQPA
GRIGGGRNIDHHILHVAVDVIKESRVLRLQPFNEYRKRFGMKPYTSFQELTGEKEMAAELEELYGDIDALEFYPGLLLEK
CHPNSIFGESMIEMGAPFSLKGLLGNPICSPEYWKASTFGGEVGFNLVKTATLKKLVCLNTKTCPYVSFHVPD
;
_entity_poly.pdbx_strand_id   A,B
#
loop_
_chem_comp.id
_chem_comp.type
_chem_comp.name
_chem_comp.formula
BOG D-saccharide 'octyl beta-D-glucopyranoside' 'C14 H28 O6'
FLP non-polymer FLURBIPROFEN 'C15 H13 F O2'
GOL non-polymer GLYCEROL 'C3 H8 O3'
MAN D-saccharide, alpha linking alpha-D-mannopyranose 'C6 H12 O6'
MNH non-polymer 'MANGANESE PROTOPORPHYRIN IX' 'C34 H32 Mn N4 O4 4'
NAG D-saccharide, beta linking 2-acetamido-2-deoxy-beta-D-glucopyranose 'C8 H15 N O6'
#
# COMPACT_ATOMS: atom_id res chain seq x y z
N PRO A 1 13.32 32.43 20.77
CA PRO A 1 14.34 31.60 20.08
C PRO A 1 13.85 31.23 18.69
N VAL A 2 14.61 31.60 17.66
CA VAL A 2 14.22 31.28 16.29
C VAL A 2 14.39 29.80 16.00
N ASN A 3 13.33 29.19 15.48
CA ASN A 3 13.34 27.77 15.13
C ASN A 3 14.55 27.50 14.23
N PRO A 4 15.53 26.71 14.70
CA PRO A 4 16.70 26.42 13.88
C PRO A 4 16.42 25.71 12.56
N CYS A 5 15.33 24.94 12.50
CA CYS A 5 15.02 24.25 11.25
C CYS A 5 14.55 25.24 10.17
N CYS A 6 14.26 26.48 10.55
CA CYS A 6 13.84 27.49 9.59
C CYS A 6 14.97 27.83 8.63
N TYR A 7 16.19 27.46 9.02
CA TYR A 7 17.38 27.71 8.21
C TYR A 7 17.70 26.56 7.25
N TYR A 8 16.88 25.51 7.29
CA TYR A 8 17.09 24.34 6.44
C TYR A 8 18.55 23.90 6.55
N PRO A 9 19.05 23.68 7.78
CA PRO A 9 20.43 23.26 8.00
C PRO A 9 20.84 21.90 7.45
N CYS A 10 19.95 20.91 7.54
CA CYS A 10 20.27 19.57 7.07
C CYS A 10 20.25 19.44 5.56
N GLN A 11 21.36 19.01 5.00
CA GLN A 11 21.49 18.84 3.55
C GLN A 11 21.40 17.37 3.18
N HIS A 12 21.32 17.14 1.87
CA HIS A 12 21.30 15.80 1.30
C HIS A 12 20.30 14.82 1.90
N GLN A 13 19.08 15.31 2.14
CA GLN A 13 17.99 14.50 2.69
C GLN A 13 18.10 14.20 4.18
N GLY A 14 19.03 14.86 4.88
CA GLY A 14 19.12 14.65 6.31
C GLY A 14 17.85 15.22 6.92
N ILE A 15 17.39 14.67 8.04
CA ILE A 15 16.15 15.12 8.66
C ILE A 15 16.37 16.04 9.87
N CYS A 16 15.83 17.26 9.81
CA CYS A 16 15.98 18.25 10.90
C CYS A 16 14.98 17.97 12.02
N VAL A 17 15.50 17.79 13.23
CA VAL A 17 14.66 17.53 14.39
C VAL A 17 15.03 18.50 15.53
N ARG A 18 14.00 19.04 16.16
CA ARG A 18 14.16 19.98 17.27
C ARG A 18 14.47 19.21 18.55
N PHE A 19 15.51 19.63 19.27
CA PHE A 19 15.89 19.00 20.53
C PHE A 19 16.06 20.09 21.57
N GLY A 20 15.53 19.87 22.77
CA GLY A 20 15.66 20.87 23.81
C GLY A 20 14.90 22.13 23.40
N LEU A 21 15.20 23.23 24.07
CA LEU A 21 14.52 24.50 23.80
C LEU A 21 15.00 25.23 22.55
N ASP A 22 16.25 25.01 22.15
CA ASP A 22 16.76 25.72 20.99
C ASP A 22 17.72 24.99 20.07
N ARG A 23 17.97 23.71 20.32
CA ARG A 23 18.89 22.96 19.47
C ARG A 23 18.18 22.17 18.38
N TYR A 24 18.98 21.61 17.47
CA TYR A 24 18.46 20.78 16.39
C TYR A 24 19.54 19.75 16.11
N GLN A 25 19.14 18.63 15.53
CA GLN A 25 20.08 17.58 15.15
C GLN A 25 19.62 17.07 13.80
N CYS A 26 20.58 16.72 12.95
CA CYS A 26 20.25 16.19 11.64
C CYS A 26 20.46 14.69 11.64
N ASP A 27 19.44 13.95 11.21
CA ASP A 27 19.55 12.51 11.13
C ASP A 27 20.07 12.23 9.73
N CYS A 28 21.36 11.87 9.64
CA CYS A 28 22.01 11.59 8.35
C CYS A 28 21.93 10.13 7.92
N THR A 29 21.14 9.33 8.62
CA THR A 29 21.04 7.90 8.29
C THR A 29 20.85 7.63 6.80
N ARG A 30 21.76 6.84 6.23
CA ARG A 30 21.73 6.46 4.82
C ARG A 30 21.73 7.58 3.79
N THR A 31 22.20 8.77 4.17
CA THR A 31 22.24 9.86 3.22
C THR A 31 23.56 9.81 2.45
N GLY A 32 24.54 9.08 2.98
CA GLY A 32 25.84 9.01 2.35
C GLY A 32 26.78 10.08 2.87
N TYR A 33 26.30 10.85 3.85
CA TYR A 33 27.07 11.93 4.47
C TYR A 33 27.00 11.88 5.99
N SER A 34 27.92 12.59 6.63
CA SER A 34 27.95 12.68 8.10
C SER A 34 28.16 14.15 8.47
N GLY A 35 28.27 14.43 9.76
CA GLY A 35 28.47 15.80 10.22
C GLY A 35 27.18 16.43 10.71
N PRO A 36 27.26 17.53 11.48
CA PRO A 36 26.10 18.23 12.03
C PRO A 36 25.02 18.53 10.99
N ASN A 37 25.43 18.81 9.75
CA ASN A 37 24.47 19.14 8.70
C ASN A 37 24.45 18.18 7.52
N CYS A 38 24.97 16.96 7.71
N CYS A 38 25.02 16.98 7.74
CA CYS A 38 25.02 15.96 6.65
CA CYS A 38 25.03 15.96 6.70
C CYS A 38 25.73 16.51 5.42
C CYS A 38 25.73 16.49 5.44
N THR A 39 26.93 17.06 5.61
CA THR A 39 27.69 17.62 4.48
C THR A 39 29.03 16.94 4.21
N ILE A 40 29.48 16.08 5.11
CA ILE A 40 30.76 15.40 4.93
C ILE A 40 30.49 14.07 4.24
N PRO A 41 30.91 13.95 2.97
CA PRO A 41 30.69 12.72 2.20
C PRO A 41 31.55 11.52 2.56
N GLU A 42 31.00 10.34 2.32
CA GLU A 42 31.71 9.08 2.53
C GLU A 42 32.46 8.96 1.21
N ILE A 43 33.51 8.14 1.17
CA ILE A 43 34.31 8.01 -0.05
C ILE A 43 33.51 7.74 -1.33
N TRP A 44 32.63 6.74 -1.30
CA TRP A 44 31.86 6.41 -2.49
C TRP A 44 30.88 7.50 -2.88
N THR A 45 30.36 8.21 -1.88
CA THR A 45 29.43 9.29 -2.13
C THR A 45 30.15 10.39 -2.90
N TRP A 46 31.36 10.71 -2.43
CA TRP A 46 32.16 11.74 -3.08
C TRP A 46 32.51 11.37 -4.52
N LEU A 47 32.87 10.10 -4.75
CA LEU A 47 33.20 9.66 -6.09
C LEU A 47 32.00 9.82 -7.02
N ARG A 48 30.86 9.29 -6.58
CA ARG A 48 29.63 9.35 -7.35
C ARG A 48 29.24 10.78 -7.76
N THR A 49 29.34 11.72 -6.83
CA THR A 49 28.98 13.10 -7.16
C THR A 49 30.03 13.81 -8.02
N THR A 50 31.28 13.36 -7.92
CA THR A 50 32.37 13.97 -8.69
C THR A 50 32.37 13.52 -10.15
N LEU A 51 32.02 12.26 -10.38
CA LEU A 51 32.00 11.69 -11.72
C LEU A 51 30.66 11.92 -12.42
N ARG A 52 29.68 12.39 -11.64
CA ARG A 52 28.35 12.62 -12.16
C ARG A 52 28.24 13.90 -12.99
N PRO A 53 27.91 13.77 -14.28
CA PRO A 53 27.78 14.94 -15.15
C PRO A 53 26.50 15.71 -14.84
N SER A 54 26.48 16.99 -15.18
CA SER A 54 25.31 17.83 -14.91
C SER A 54 24.11 17.41 -15.75
N PRO A 55 22.89 17.79 -15.30
CA PRO A 55 21.65 17.47 -16.02
C PRO A 55 21.70 18.05 -17.43
N SER A 56 22.28 19.25 -17.54
CA SER A 56 22.40 19.94 -18.81
C SER A 56 23.26 19.15 -19.79
N PHE A 57 24.36 18.58 -19.29
CA PHE A 57 25.25 17.79 -20.14
C PHE A 57 24.59 16.48 -20.54
N ILE A 58 23.95 15.82 -19.57
CA ILE A 58 23.26 14.56 -19.86
C ILE A 58 22.15 14.82 -20.87
N HIS A 59 21.47 15.96 -20.73
CA HIS A 59 20.40 16.33 -21.66
C HIS A 59 20.98 16.46 -23.06
N PHE A 60 22.18 17.04 -23.15
CA PHE A 60 22.85 17.21 -24.42
C PHE A 60 23.08 15.84 -25.08
N LEU A 61 23.68 14.92 -24.33
CA LEU A 61 23.97 13.58 -24.82
C LEU A 61 22.72 12.87 -25.35
N LEU A 62 21.60 13.06 -24.66
CA LEU A 62 20.34 12.43 -25.03
C LEU A 62 19.63 13.07 -26.22
N THR A 63 20.05 14.27 -26.60
CA THR A 63 19.43 14.96 -27.72
C THR A 63 20.36 15.21 -28.90
N HIS A 64 21.44 14.43 -28.97
CA HIS A 64 22.41 14.57 -30.05
C HIS A 64 23.00 13.22 -30.45
N GLY A 65 23.66 13.19 -31.60
CA GLY A 65 24.26 11.96 -32.08
C GLY A 65 23.21 10.91 -32.41
N ARG A 66 22.25 11.29 -33.24
CA ARG A 66 21.16 10.40 -33.63
C ARG A 66 21.66 9.05 -34.15
N TRP A 67 22.74 9.08 -34.94
CA TRP A 67 23.29 7.87 -35.50
C TRP A 67 23.66 6.86 -34.40
N LEU A 68 24.27 7.35 -33.34
CA LEU A 68 24.68 6.48 -32.24
C LEU A 68 23.47 5.90 -31.51
N TRP A 69 22.47 6.75 -31.27
CA TRP A 69 21.26 6.29 -30.58
C TRP A 69 20.51 5.25 -31.39
N ASP A 70 20.47 5.42 -32.71
CA ASP A 70 19.77 4.45 -33.56
C ASP A 70 20.36 3.06 -33.39
N PHE A 71 21.68 2.99 -33.20
CA PHE A 71 22.35 1.71 -32.98
C PHE A 71 21.95 1.18 -31.62
N VAL A 72 22.11 2.04 -30.61
CA VAL A 72 21.79 1.70 -29.22
C VAL A 72 20.35 1.21 -29.03
N ASN A 73 19.40 1.90 -29.65
CA ASN A 73 17.99 1.54 -29.53
C ASN A 73 17.63 0.17 -30.06
N ALA A 74 18.50 -0.42 -30.88
CA ALA A 74 18.22 -1.74 -31.44
C ALA A 74 18.92 -2.86 -30.68
N THR A 75 19.62 -2.50 -29.60
CA THR A 75 20.33 -3.49 -28.80
C THR A 75 19.84 -3.50 -27.36
N PHE A 76 20.43 -4.36 -26.54
CA PHE A 76 20.05 -4.46 -25.13
C PHE A 76 20.50 -3.23 -24.35
N ILE A 77 21.30 -2.37 -24.98
CA ILE A 77 21.77 -1.15 -24.34
C ILE A 77 20.58 -0.25 -24.03
N ARG A 78 19.55 -0.35 -24.86
CA ARG A 78 18.33 0.42 -24.67
C ARG A 78 17.74 0.05 -23.30
N ASP A 79 17.70 -1.26 -23.03
CA ASP A 79 17.18 -1.78 -21.77
C ASP A 79 18.02 -1.36 -20.57
N THR A 80 19.34 -1.46 -20.74
CA THR A 80 20.25 -1.09 -19.67
C THR A 80 20.06 0.36 -19.26
N LEU A 81 19.91 1.24 -20.24
CA LEU A 81 19.72 2.66 -19.97
C LEU A 81 18.34 2.98 -19.41
N MET A 82 17.32 2.29 -19.90
CA MET A 82 15.96 2.54 -19.41
C MET A 82 15.90 2.13 -17.93
N ARG A 83 16.50 1.01 -17.60
CA ARG A 83 16.51 0.53 -16.23
C ARG A 83 17.21 1.56 -15.34
N LEU A 84 18.32 2.08 -15.86
CA LEU A 84 19.10 3.08 -15.14
C LEU A 84 18.24 4.33 -14.89
N VAL A 85 17.54 4.78 -15.93
CA VAL A 85 16.67 5.95 -15.84
C VAL A 85 15.61 5.70 -14.77
N LEU A 86 14.94 4.58 -14.89
CA LEU A 86 13.89 4.17 -13.96
C LEU A 86 14.33 4.17 -12.50
N THR A 87 15.41 3.46 -12.20
CA THR A 87 15.88 3.36 -10.82
C THR A 87 16.48 4.64 -10.25
N VAL A 88 17.26 5.37 -11.05
CA VAL A 88 17.87 6.60 -10.54
C VAL A 88 16.82 7.69 -10.29
N ARG A 89 15.86 7.82 -11.21
CA ARG A 89 14.82 8.82 -11.03
C ARG A 89 13.90 8.45 -9.85
N SER A 90 13.42 7.21 -9.84
CA SER A 90 12.53 6.72 -8.79
C SER A 90 13.09 6.76 -7.38
N ASN A 91 14.40 6.55 -7.25
CA ASN A 91 15.01 6.56 -5.93
C ASN A 91 14.92 7.90 -5.20
N LEU A 92 14.59 8.97 -5.91
CA LEU A 92 14.47 10.29 -5.28
C LEU A 92 13.11 10.51 -4.63
N ILE A 93 12.19 9.56 -4.80
CA ILE A 93 10.86 9.68 -4.22
C ILE A 93 10.74 8.71 -3.04
N PRO A 94 10.47 9.23 -1.84
CA PRO A 94 10.34 8.30 -0.71
C PRO A 94 9.17 7.33 -0.83
N SER A 95 9.40 6.08 -0.46
CA SER A 95 8.39 5.04 -0.52
C SER A 95 8.75 3.97 0.51
N PRO A 96 7.90 3.76 1.53
CA PRO A 96 6.62 4.41 1.81
C PRO A 96 6.72 5.93 1.91
N PRO A 97 5.60 6.64 1.67
CA PRO A 97 5.57 8.10 1.74
C PRO A 97 5.87 8.65 3.12
N THR A 98 6.35 9.88 3.17
CA THR A 98 6.72 10.46 4.45
C THR A 98 5.74 11.45 5.08
N TYR A 99 5.83 12.71 4.67
CA TYR A 99 5.00 13.76 5.26
C TYR A 99 3.70 14.11 4.52
N ASN A 100 2.88 14.93 5.18
CA ASN A 100 1.64 15.43 4.60
C ASN A 100 1.35 16.82 5.20
N ILE A 101 0.27 17.47 4.78
CA ILE A 101 -0.02 18.81 5.27
C ILE A 101 -0.18 18.95 6.78
N ALA A 102 -0.54 17.85 7.46
CA ALA A 102 -0.72 17.89 8.90
C ALA A 102 0.54 17.47 9.66
N HIS A 103 1.31 16.54 9.11
CA HIS A 103 2.52 16.07 9.80
C HIS A 103 3.82 16.29 9.04
N ASP A 104 4.71 17.09 9.62
CA ASP A 104 6.01 17.32 9.02
C ASP A 104 7.00 16.33 9.61
N TYR A 105 6.53 15.11 9.78
CA TYR A 105 7.32 14.02 10.34
C TYR A 105 6.60 12.72 10.00
N ILE A 106 7.31 11.61 10.06
CA ILE A 106 6.73 10.31 9.75
C ILE A 106 5.72 9.95 10.84
N SER A 107 4.58 9.40 10.44
CA SER A 107 3.56 9.01 11.42
C SER A 107 2.69 7.92 10.83
N TRP A 108 2.01 7.17 11.69
CA TRP A 108 1.14 6.12 11.19
C TRP A 108 -0.03 6.71 10.42
N GLU A 109 -0.50 7.88 10.85
CA GLU A 109 -1.62 8.55 10.18
C GLU A 109 -1.22 9.00 8.78
N SER A 110 0.00 9.50 8.61
CA SER A 110 0.45 9.93 7.29
C SER A 110 0.56 8.71 6.39
N PHE A 111 1.05 7.61 6.95
CA PHE A 111 1.16 6.39 6.18
C PHE A 111 -0.20 5.83 5.78
N SER A 112 -1.14 5.79 6.73
CA SER A 112 -2.44 5.18 6.45
C SER A 112 -3.57 6.01 5.85
N ASN A 113 -3.62 7.31 6.12
CA ASN A 113 -4.72 8.13 5.61
C ASN A 113 -4.47 8.61 4.18
N VAL A 114 -5.06 7.93 3.20
CA VAL A 114 -4.84 8.30 1.80
C VAL A 114 -5.62 9.50 1.28
N SER A 115 -6.41 10.14 2.14
CA SER A 115 -7.14 11.32 1.70
C SER A 115 -6.16 12.49 1.62
N TYR A 116 -4.97 12.29 2.17
CA TYR A 116 -3.91 13.31 2.16
C TYR A 116 -2.96 13.12 0.98
N TYR A 117 -2.53 14.24 0.39
CA TYR A 117 -1.50 14.19 -0.65
C TYR A 117 -0.26 14.07 0.23
N THR A 118 0.82 13.47 -0.25
CA THR A 118 2.03 13.41 0.57
C THR A 118 2.83 14.62 0.14
N ARG A 119 4.00 14.82 0.74
CA ARG A 119 4.87 15.91 0.32
C ARG A 119 6.30 15.43 0.50
N ILE A 120 7.20 15.93 -0.34
CA ILE A 120 8.60 15.52 -0.31
C ILE A 120 9.42 16.27 0.73
N LEU A 121 9.24 17.59 0.80
CA LEU A 121 9.95 18.39 1.78
C LEU A 121 8.91 18.86 2.78
N PRO A 122 9.28 18.94 4.06
CA PRO A 122 8.34 19.39 5.08
C PRO A 122 7.97 20.86 4.81
N SER A 123 6.89 21.33 5.42
CA SER A 123 6.48 22.71 5.20
C SER A 123 7.44 23.69 5.87
N VAL A 124 7.32 24.96 5.52
CA VAL A 124 8.11 26.00 6.14
C VAL A 124 7.48 26.09 7.53
N PRO A 125 8.26 25.89 8.60
CA PRO A 125 7.66 25.98 9.94
C PRO A 125 6.86 27.27 10.13
N ARG A 126 5.68 27.15 10.72
CA ARG A 126 4.81 28.29 10.95
C ARG A 126 5.41 29.40 11.79
N ASP A 127 6.44 29.08 12.57
CA ASP A 127 7.06 30.09 13.43
C ASP A 127 8.33 30.72 12.86
N CYS A 128 8.56 30.56 11.56
CA CYS A 128 9.75 31.15 10.95
C CYS A 128 9.62 32.65 10.79
N PRO A 129 10.76 33.37 10.81
CA PRO A 129 10.82 34.83 10.68
C PRO A 129 10.15 35.35 9.41
N THR A 130 10.33 34.65 8.30
CA THR A 130 9.73 35.04 7.03
C THR A 130 8.90 33.90 6.47
N PRO A 131 7.99 34.22 5.54
CA PRO A 131 7.12 33.20 4.94
C PRO A 131 7.88 32.03 4.29
N MET A 132 9.08 32.29 3.77
CA MET A 132 9.85 31.24 3.12
C MET A 132 10.95 30.63 3.98
N GLY A 133 11.00 31.03 5.25
CA GLY A 133 12.01 30.52 6.15
C GLY A 133 12.70 31.68 6.85
N THR A 134 13.85 32.08 6.34
CA THR A 134 14.58 33.21 6.93
C THR A 134 14.97 34.22 5.88
N LYS A 135 14.77 33.89 4.61
CA LYS A 135 15.12 34.81 3.53
C LYS A 135 13.91 35.53 2.94
N GLY A 136 14.16 36.62 2.22
CA GLY A 136 13.07 37.36 1.60
C GLY A 136 12.43 38.40 2.51
N LYS A 137 11.32 38.98 2.04
CA LYS A 137 10.60 40.00 2.78
C LYS A 137 9.56 39.38 3.69
N LYS A 138 9.04 40.16 4.63
CA LYS A 138 8.03 39.67 5.57
C LYS A 138 6.74 39.32 4.84
N GLN A 139 6.59 39.81 3.62
CA GLN A 139 5.40 39.53 2.84
C GLN A 139 5.79 39.18 1.40
N LEU A 140 5.24 38.09 0.89
CA LEU A 140 5.50 37.64 -0.48
C LEU A 140 4.77 38.53 -1.49
N PRO A 141 5.22 38.51 -2.76
CA PRO A 141 4.59 39.32 -3.81
C PRO A 141 3.14 38.91 -4.03
N ASP A 142 2.28 39.88 -4.33
CA ASP A 142 0.87 39.59 -4.59
C ASP A 142 0.78 38.54 -5.69
N ALA A 143 0.01 37.48 -5.47
CA ALA A 143 -0.13 36.40 -6.45
C ALA A 143 -0.67 36.86 -7.80
N GLU A 144 -1.70 37.71 -7.76
CA GLU A 144 -2.30 38.23 -8.98
C GLU A 144 -1.31 39.09 -9.77
N PHE A 145 -0.57 39.95 -9.06
CA PHE A 145 0.42 40.81 -9.71
C PHE A 145 1.53 39.98 -10.35
N LEU A 146 2.02 39.00 -9.59
CA LEU A 146 3.08 38.11 -10.05
C LEU A 146 2.66 37.42 -11.34
N SER A 147 1.41 36.96 -11.38
CA SER A 147 0.88 36.25 -12.55
C SER A 147 0.71 37.18 -13.75
N ARG A 148 0.18 38.38 -13.50
CA ARG A 148 -0.02 39.36 -14.56
C ARG A 148 1.31 39.73 -15.20
N ARG A 149 2.29 40.04 -14.36
CA ARG A 149 3.62 40.45 -14.78
C ARG A 149 4.44 39.39 -15.50
N PHE A 150 4.49 38.19 -14.95
CA PHE A 150 5.33 37.13 -15.53
C PHE A 150 4.72 35.90 -16.17
N LEU A 151 3.45 35.62 -15.93
CA LEU A 151 2.86 34.41 -16.51
C LEU A 151 1.82 34.65 -17.60
N LEU A 152 1.25 35.84 -17.62
CA LEU A 152 0.23 36.20 -18.60
C LEU A 152 0.78 36.23 -20.02
N ARG A 153 0.09 35.56 -20.94
CA ARG A 153 0.52 35.53 -22.33
C ARG A 153 0.21 36.88 -22.98
N ARG A 154 1.17 37.37 -23.75
CA ARG A 154 0.99 38.63 -24.45
C ARG A 154 0.89 38.27 -25.92
N LYS A 155 1.69 37.28 -26.31
CA LYS A 155 1.69 36.79 -27.68
C LYS A 155 1.97 35.28 -27.61
N PHE A 156 1.09 34.49 -28.22
CA PHE A 156 1.25 33.04 -28.20
C PHE A 156 2.64 32.57 -28.58
N ILE A 157 3.22 31.70 -27.76
CA ILE A 157 4.55 31.16 -27.99
C ILE A 157 4.38 29.65 -28.15
N PRO A 158 4.47 29.14 -29.39
CA PRO A 158 4.31 27.70 -29.59
C PRO A 158 5.47 26.89 -29.04
N ASP A 159 5.22 25.62 -28.74
CA ASP A 159 6.27 24.76 -28.22
C ASP A 159 7.21 24.39 -29.36
N PRO A 160 8.51 24.70 -29.21
CA PRO A 160 9.48 24.38 -30.27
C PRO A 160 9.61 22.88 -30.54
N GLN A 161 9.15 22.04 -29.62
CA GLN A 161 9.24 20.60 -29.82
C GLN A 161 8.09 20.05 -30.65
N GLY A 162 7.19 20.94 -31.07
CA GLY A 162 6.07 20.52 -31.91
C GLY A 162 4.90 19.87 -31.20
N THR A 163 4.85 19.98 -29.88
CA THR A 163 3.75 19.39 -29.11
C THR A 163 2.43 20.01 -29.57
N ASN A 164 1.36 19.20 -29.62
CA ASN A 164 0.06 19.67 -30.08
C ASN A 164 -1.03 19.59 -29.01
N LEU A 165 -2.26 19.94 -29.40
CA LEU A 165 -3.38 19.91 -28.47
C LEU A 165 -3.83 18.49 -28.16
N MET A 166 -3.52 17.55 -29.04
CA MET A 166 -3.89 16.17 -28.80
C MET A 166 -3.12 15.73 -27.56
N PHE A 167 -1.89 16.21 -27.45
CA PHE A 167 -1.03 15.91 -26.30
C PHE A 167 -1.57 16.66 -25.07
N ALA A 168 -1.82 17.96 -25.24
CA ALA A 168 -2.30 18.78 -24.13
C ALA A 168 -3.55 18.20 -23.47
N PHE A 169 -4.53 17.79 -24.26
CA PHE A 169 -5.75 17.23 -23.70
C PHE A 169 -5.51 15.85 -23.11
N PHE A 170 -4.52 15.13 -23.61
CA PHE A 170 -4.22 13.81 -23.07
C PHE A 170 -3.67 14.05 -21.66
N ALA A 171 -2.77 15.04 -21.57
CA ALA A 171 -2.15 15.40 -20.30
C ALA A 171 -3.20 15.81 -19.27
N GLN A 172 -4.14 16.64 -19.69
CA GLN A 172 -5.19 17.09 -18.79
C GLN A 172 -6.09 15.92 -18.36
N HIS A 173 -6.49 15.11 -19.33
CA HIS A 173 -7.35 13.96 -19.06
C HIS A 173 -6.67 12.95 -18.14
N PHE A 174 -5.44 12.58 -18.51
CA PHE A 174 -4.63 11.62 -17.76
C PHE A 174 -4.34 12.03 -16.32
N THR A 175 -3.85 13.24 -16.12
CA THR A 175 -3.53 13.69 -14.77
C THR A 175 -4.75 13.86 -13.88
N HIS A 176 -5.92 14.10 -14.47
CA HIS A 176 -7.09 14.29 -13.63
C HIS A 176 -7.63 13.04 -12.97
N GLN A 177 -6.94 11.92 -13.17
CA GLN A 177 -7.35 10.69 -12.53
C GLN A 177 -6.64 10.61 -11.19
N PHE A 178 -5.52 11.33 -11.04
CA PHE A 178 -4.80 11.31 -9.76
C PHE A 178 -4.63 12.66 -9.06
N PHE A 179 -5.10 13.74 -9.69
CA PHE A 179 -5.09 15.06 -9.06
C PHE A 179 -6.56 15.45 -8.94
N LYS A 180 -7.13 15.32 -7.75
CA LYS A 180 -8.55 15.68 -7.51
C LYS A 180 -8.63 16.29 -6.12
N THR A 181 -8.13 17.51 -6.01
CA THR A 181 -8.12 18.20 -4.74
C THR A 181 -9.53 18.40 -4.22
N SER A 182 -9.75 18.00 -2.97
CA SER A 182 -11.05 18.10 -2.33
C SER A 182 -11.41 19.54 -1.93
N GLY A 183 -12.52 20.03 -2.46
CA GLY A 183 -12.95 21.38 -2.14
C GLY A 183 -13.42 21.45 -0.70
N LYS A 184 -14.06 20.37 -0.25
CA LYS A 184 -14.58 20.27 1.10
C LYS A 184 -13.46 20.26 2.14
N MET A 185 -12.56 19.30 2.03
CA MET A 185 -11.45 19.18 2.98
C MET A 185 -10.40 20.28 2.82
N GLY A 186 -10.23 20.78 1.59
CA GLY A 186 -9.27 21.84 1.35
C GLY A 186 -7.91 21.41 0.83
N PRO A 187 -6.97 22.37 0.69
CA PRO A 187 -5.63 22.07 0.19
C PRO A 187 -4.99 20.95 1.01
N GLY A 188 -4.24 20.09 0.33
CA GLY A 188 -3.59 19.00 1.03
C GLY A 188 -4.40 17.71 1.00
N PHE A 189 -5.63 17.78 0.52
CA PHE A 189 -6.49 16.61 0.46
C PHE A 189 -6.97 16.27 -0.95
N THR A 190 -7.13 14.97 -1.19
CA THR A 190 -7.53 14.47 -2.50
C THR A 190 -8.64 13.43 -2.44
N LYS A 191 -9.41 13.35 -3.53
CA LYS A 191 -10.49 12.37 -3.63
C LYS A 191 -10.06 11.19 -4.49
N ALA A 192 -8.91 11.33 -5.15
CA ALA A 192 -8.38 10.26 -6.00
C ALA A 192 -7.54 9.35 -5.12
N LEU A 193 -8.23 8.51 -4.35
CA LEU A 193 -7.58 7.60 -3.42
C LEU A 193 -6.71 6.53 -4.06
N GLY A 194 -6.82 6.36 -5.36
CA GLY A 194 -5.98 5.38 -6.04
C GLY A 194 -4.54 5.87 -6.10
N HIS A 195 -4.35 7.18 -5.96
CA HIS A 195 -3.02 7.77 -5.98
C HIS A 195 -2.13 7.33 -7.15
N GLY A 196 -2.72 7.24 -8.34
CA GLY A 196 -1.93 6.83 -9.49
C GLY A 196 -2.77 6.47 -10.69
N VAL A 197 -2.23 5.60 -11.54
CA VAL A 197 -2.93 5.20 -12.75
C VAL A 197 -3.89 4.04 -12.49
N ASP A 198 -5.04 4.37 -11.88
CA ASP A 198 -6.06 3.37 -11.61
C ASP A 198 -7.20 3.56 -12.60
N LEU A 199 -7.08 4.57 -13.44
CA LEU A 199 -8.12 4.90 -14.43
C LEU A 199 -9.44 5.25 -13.76
N GLY A 200 -9.36 5.91 -12.61
CA GLY A 200 -10.55 6.32 -11.90
C GLY A 200 -11.31 7.40 -12.66
N HIS A 201 -10.65 8.01 -13.64
CA HIS A 201 -11.30 9.06 -14.44
C HIS A 201 -12.20 8.44 -15.51
N ILE A 202 -12.14 7.12 -15.61
CA ILE A 202 -12.97 6.37 -16.56
C ILE A 202 -14.00 5.55 -15.79
N TYR A 203 -13.54 4.87 -14.74
CA TYR A 203 -14.42 4.00 -13.95
C TYR A 203 -15.00 4.60 -12.68
N GLY A 204 -14.58 5.82 -12.36
CA GLY A 204 -15.06 6.49 -11.16
C GLY A 204 -14.12 6.29 -9.99
N ASP A 205 -14.03 7.27 -9.09
CA ASP A 205 -13.14 7.15 -7.94
C ASP A 205 -13.75 6.42 -6.74
N ASN A 206 -14.99 5.96 -6.89
CA ASN A 206 -15.64 5.21 -5.83
C ASN A 206 -16.51 4.11 -6.44
N LEU A 207 -16.75 3.04 -5.68
CA LEU A 207 -17.53 1.90 -6.15
C LEU A 207 -18.95 2.23 -6.59
N GLU A 208 -19.66 3.00 -5.77
CA GLU A 208 -21.04 3.36 -6.11
C GLU A 208 -21.12 3.98 -7.49
N ARG A 209 -20.21 4.90 -7.78
CA ARG A 209 -20.19 5.58 -9.07
C ARG A 209 -19.87 4.60 -10.20
N GLN A 210 -18.92 3.71 -9.97
CA GLN A 210 -18.53 2.71 -10.97
C GLN A 210 -19.76 1.86 -11.32
N TYR A 211 -20.51 1.47 -10.30
CA TYR A 211 -21.70 0.66 -10.52
C TYR A 211 -22.74 1.37 -11.37
N GLN A 212 -22.87 2.68 -11.23
CA GLN A 212 -23.85 3.42 -12.04
C GLN A 212 -23.38 3.57 -13.47
N LEU A 213 -22.06 3.48 -13.67
CA LEU A 213 -21.44 3.61 -14.98
C LEU A 213 -21.42 2.31 -15.77
N ARG A 214 -21.41 1.19 -15.05
CA ARG A 214 -21.36 -0.14 -15.66
C ARG A 214 -22.69 -0.65 -16.20
N LEU A 215 -22.63 -1.39 -17.29
CA LEU A 215 -23.82 -1.95 -17.92
C LEU A 215 -24.22 -3.23 -17.17
N PHE A 216 -23.22 -3.90 -16.62
CA PHE A 216 -23.39 -5.15 -15.90
C PHE A 216 -23.79 -6.27 -16.85
N LYS A 217 -23.35 -6.13 -18.09
CA LYS A 217 -23.55 -7.15 -19.11
C LYS A 217 -22.28 -7.18 -19.94
N ASP A 218 -21.72 -8.37 -20.11
CA ASP A 218 -20.51 -8.52 -20.92
C ASP A 218 -19.30 -7.73 -20.41
N GLY A 219 -19.34 -7.31 -19.15
CA GLY A 219 -18.25 -6.54 -18.55
C GLY A 219 -18.14 -5.11 -19.03
N LYS A 220 -19.11 -4.68 -19.81
CA LYS A 220 -19.08 -3.34 -20.39
C LYS A 220 -19.58 -2.14 -19.59
N LEU A 221 -19.25 -0.97 -20.12
CA LEU A 221 -19.64 0.32 -19.56
C LEU A 221 -20.88 0.76 -20.35
N LYS A 222 -21.81 1.47 -19.70
CA LYS A 222 -22.99 1.96 -20.39
C LYS A 222 -22.52 2.94 -21.46
N TYR A 223 -23.35 3.10 -22.50
CA TYR A 223 -23.04 4.00 -23.60
C TYR A 223 -24.33 4.36 -24.32
N GLN A 224 -24.25 5.29 -25.27
CA GLN A 224 -25.42 5.66 -26.05
C GLN A 224 -24.99 5.84 -27.49
N MET A 225 -25.93 5.68 -28.42
CA MET A 225 -25.64 5.82 -29.83
C MET A 225 -26.17 7.16 -30.34
N LEU A 226 -25.30 7.89 -31.02
CA LEU A 226 -25.68 9.19 -31.58
C LEU A 226 -25.04 9.25 -32.96
N ASN A 227 -25.86 9.46 -33.98
CA ASN A 227 -25.37 9.53 -35.36
C ASN A 227 -24.60 8.25 -35.68
N GLY A 228 -25.10 7.13 -35.18
CA GLY A 228 -24.47 5.85 -35.42
C GLY A 228 -23.12 5.66 -34.75
N GLU A 229 -22.76 6.55 -33.83
CA GLU A 229 -21.48 6.46 -33.13
C GLU A 229 -21.68 6.23 -31.62
N VAL A 230 -20.70 5.58 -31.00
CA VAL A 230 -20.77 5.29 -29.57
C VAL A 230 -20.21 6.42 -28.69
N TYR A 231 -21.01 6.85 -27.72
CA TYR A 231 -20.58 7.90 -26.79
C TYR A 231 -20.97 7.55 -25.37
N PRO A 232 -20.38 8.25 -24.39
CA PRO A 232 -20.74 7.97 -22.99
C PRO A 232 -22.24 8.14 -22.84
N PRO A 233 -22.85 7.43 -21.87
CA PRO A 233 -24.30 7.55 -21.68
C PRO A 233 -24.65 8.89 -21.05
N SER A 234 -25.94 9.20 -20.99
CA SER A 234 -26.37 10.45 -20.38
C SER A 234 -26.49 10.21 -18.88
N VAL A 235 -26.56 11.30 -18.11
CA VAL A 235 -26.68 11.19 -16.67
C VAL A 235 -28.06 10.63 -16.33
N GLU A 236 -29.01 10.78 -17.24
CA GLU A 236 -30.33 10.25 -17.01
C GLU A 236 -30.26 8.72 -16.98
N GLU A 237 -29.42 8.14 -17.83
CA GLU A 237 -29.27 6.69 -17.91
C GLU A 237 -28.24 6.17 -16.91
N ALA A 238 -27.25 7.01 -16.59
CA ALA A 238 -26.22 6.65 -15.63
C ALA A 238 -26.19 7.80 -14.61
N PRO A 239 -27.09 7.73 -13.61
CA PRO A 239 -27.27 8.70 -12.52
C PRO A 239 -26.03 8.94 -11.69
N VAL A 240 -25.11 9.73 -12.23
CA VAL A 240 -23.86 10.05 -11.57
C VAL A 240 -23.72 11.57 -11.49
N LEU A 241 -23.07 12.07 -10.44
CA LEU A 241 -22.89 13.52 -10.32
C LEU A 241 -21.81 14.00 -11.30
N MET A 242 -22.20 14.95 -12.14
CA MET A 242 -21.27 15.55 -13.11
C MET A 242 -21.34 17.05 -12.87
N HIS A 243 -20.21 17.73 -12.98
CA HIS A 243 -20.20 19.18 -12.76
C HIS A 243 -20.50 19.91 -14.07
N TYR A 244 -21.75 20.34 -14.20
CA TYR A 244 -22.21 21.06 -15.38
C TYR A 244 -22.87 22.34 -14.91
N PRO A 245 -22.92 23.37 -15.77
CA PRO A 245 -23.55 24.63 -15.37
C PRO A 245 -24.99 24.37 -14.96
N ARG A 246 -25.50 25.10 -13.97
CA ARG A 246 -26.87 24.91 -13.55
C ARG A 246 -27.78 25.16 -14.73
N GLY A 247 -28.81 24.32 -14.88
CA GLY A 247 -29.73 24.49 -16.00
C GLY A 247 -29.56 23.47 -17.11
N ILE A 248 -28.43 22.75 -17.12
CA ILE A 248 -28.20 21.73 -18.13
C ILE A 248 -28.81 20.46 -17.54
N PRO A 249 -29.91 19.96 -18.13
CA PRO A 249 -30.59 18.75 -17.65
C PRO A 249 -29.78 17.47 -17.78
N PRO A 250 -30.11 16.46 -16.95
CA PRO A 250 -29.42 15.16 -16.94
C PRO A 250 -29.37 14.47 -18.32
N GLN A 251 -30.46 14.56 -19.08
CA GLN A 251 -30.50 13.93 -20.38
C GLN A 251 -29.50 14.56 -21.35
N SER A 252 -29.05 15.77 -21.04
CA SER A 252 -28.09 16.46 -21.90
C SER A 252 -26.67 16.42 -21.35
N GLN A 253 -26.48 15.72 -20.23
CA GLN A 253 -25.16 15.60 -19.64
C GLN A 253 -24.59 14.24 -20.00
N MET A 254 -23.27 14.14 -20.09
CA MET A 254 -22.65 12.85 -20.37
C MET A 254 -22.02 12.40 -19.07
N ALA A 255 -22.26 11.15 -18.71
CA ALA A 255 -21.73 10.58 -17.48
C ALA A 255 -20.46 9.78 -17.71
N VAL A 256 -19.37 10.20 -17.06
CA VAL A 256 -18.11 9.51 -17.17
C VAL A 256 -17.46 9.45 -15.79
N GLY A 257 -16.33 8.75 -15.70
CA GLY A 257 -15.65 8.59 -14.42
C GLY A 257 -15.30 9.85 -13.66
N GLN A 258 -14.80 10.86 -14.36
CA GLN A 258 -14.39 12.11 -13.73
C GLN A 258 -15.48 13.19 -13.88
N GLU A 259 -15.96 13.69 -12.74
CA GLU A 259 -17.03 14.68 -12.69
C GLU A 259 -16.85 15.98 -13.47
N VAL A 260 -15.62 16.41 -13.68
CA VAL A 260 -15.37 17.67 -14.37
C VAL A 260 -15.14 17.62 -15.88
N PHE A 261 -15.17 16.43 -16.47
CA PHE A 261 -14.90 16.31 -17.89
C PHE A 261 -15.91 16.93 -18.86
N GLY A 262 -17.08 17.31 -18.36
CA GLY A 262 -18.07 17.93 -19.23
C GLY A 262 -17.66 19.35 -19.59
N LEU A 263 -16.67 19.86 -18.86
CA LEU A 263 -16.14 21.21 -19.05
C LEU A 263 -15.50 21.47 -20.41
N LEU A 264 -14.87 20.44 -20.99
CA LEU A 264 -14.20 20.61 -22.27
C LEU A 264 -14.41 19.49 -23.27
N PRO A 265 -14.64 19.85 -24.54
CA PRO A 265 -14.84 18.80 -25.56
C PRO A 265 -13.59 17.92 -25.63
N GLY A 266 -12.43 18.51 -25.36
CA GLY A 266 -11.19 17.76 -25.41
C GLY A 266 -11.12 16.64 -24.39
N LEU A 267 -11.76 16.85 -23.23
CA LEU A 267 -11.77 15.86 -22.16
C LEU A 267 -12.77 14.74 -22.46
N MET A 268 -13.97 15.11 -22.90
CA MET A 268 -14.99 14.13 -23.21
C MET A 268 -14.56 13.31 -24.43
N LEU A 269 -13.68 13.91 -25.24
CA LEU A 269 -13.16 13.25 -26.43
C LEU A 269 -12.40 12.01 -25.96
N TYR A 270 -11.48 12.20 -25.00
CA TYR A 270 -10.71 11.09 -24.49
C TYR A 270 -11.57 10.13 -23.67
N ALA A 271 -12.57 10.66 -22.99
CA ALA A 271 -13.46 9.82 -22.20
C ALA A 271 -14.18 8.88 -23.16
N THR A 272 -14.52 9.41 -24.34
CA THR A 272 -15.21 8.63 -25.35
C THR A 272 -14.29 7.57 -25.95
N ILE A 273 -13.05 7.96 -26.26
CA ILE A 273 -12.09 7.02 -26.82
C ILE A 273 -11.83 5.84 -25.89
N TRP A 274 -11.54 6.14 -24.62
CA TRP A 274 -11.26 5.10 -23.65
C TRP A 274 -12.46 4.22 -23.35
N LEU A 275 -13.66 4.80 -23.40
CA LEU A 275 -14.88 4.04 -23.15
C LEU A 275 -15.04 3.01 -24.26
N ARG A 276 -14.81 3.45 -25.49
CA ARG A 276 -14.93 2.56 -26.64
C ARG A 276 -13.88 1.45 -26.57
N GLU A 277 -12.68 1.80 -26.13
CA GLU A 277 -11.59 0.83 -25.99
C GLU A 277 -11.96 -0.21 -24.92
N HIS A 278 -12.55 0.23 -23.82
CA HIS A 278 -12.94 -0.71 -22.78
C HIS A 278 -13.91 -1.76 -23.32
N ASN A 279 -14.99 -1.31 -23.95
CA ASN A 279 -15.98 -2.24 -24.49
C ASN A 279 -15.43 -3.11 -25.62
N ARG A 280 -14.43 -2.59 -26.32
CA ARG A 280 -13.80 -3.33 -27.40
C ARG A 280 -13.02 -4.49 -26.80
N VAL A 281 -12.28 -4.21 -25.73
CA VAL A 281 -11.50 -5.23 -25.06
C VAL A 281 -12.42 -6.30 -24.46
N CYS A 282 -13.59 -5.88 -23.98
CA CYS A 282 -14.55 -6.83 -23.43
C CYS A 282 -14.97 -7.85 -24.49
N ASP A 283 -15.13 -7.39 -25.72
CA ASP A 283 -15.51 -8.26 -26.83
C ASP A 283 -14.41 -9.29 -27.08
N LEU A 284 -13.15 -8.82 -27.12
CA LEU A 284 -12.02 -9.71 -27.35
C LEU A 284 -11.88 -10.73 -26.23
N LEU A 285 -12.12 -10.30 -24.99
CA LEU A 285 -12.03 -11.17 -23.83
C LEU A 285 -13.10 -12.27 -23.87
N LYS A 286 -14.33 -11.88 -24.15
CA LYS A 286 -15.44 -12.82 -24.19
C LYS A 286 -15.22 -13.92 -25.24
N ALA A 287 -14.65 -13.56 -26.38
CA ALA A 287 -14.39 -14.52 -27.44
C ALA A 287 -13.44 -15.61 -26.96
N GLU A 288 -12.51 -15.21 -26.10
CA GLU A 288 -11.51 -16.12 -25.54
C GLU A 288 -12.06 -16.88 -24.32
N HIS A 289 -12.92 -16.21 -23.56
CA HIS A 289 -13.48 -16.80 -22.35
C HIS A 289 -15.00 -16.73 -22.27
N PRO A 290 -15.70 -17.60 -23.03
CA PRO A 290 -17.16 -17.61 -23.02
C PRO A 290 -17.81 -17.96 -21.69
N THR A 291 -17.07 -18.63 -20.81
CA THR A 291 -17.64 -18.99 -19.50
C THR A 291 -17.53 -17.88 -18.45
N TRP A 292 -16.77 -16.84 -18.74
CA TRP A 292 -16.60 -15.73 -17.80
C TRP A 292 -17.87 -14.90 -17.63
N GLY A 293 -18.06 -14.38 -16.43
CA GLY A 293 -19.21 -13.54 -16.14
C GLY A 293 -18.85 -12.07 -16.34
N ASP A 294 -19.85 -11.21 -16.18
CA ASP A 294 -19.69 -9.77 -16.33
C ASP A 294 -18.59 -9.19 -15.44
N GLU A 295 -18.54 -9.60 -14.18
CA GLU A 295 -17.53 -9.09 -13.25
C GLU A 295 -16.09 -9.30 -13.72
N GLN A 296 -15.72 -10.54 -14.02
CA GLN A 296 -14.36 -10.82 -14.46
C GLN A 296 -14.03 -10.17 -15.79
N LEU A 297 -15.02 -10.04 -16.67
CA LEU A 297 -14.78 -9.40 -17.95
C LEU A 297 -14.44 -7.93 -17.70
N PHE A 298 -15.23 -7.27 -16.85
CA PHE A 298 -15.01 -5.87 -16.53
C PHE A 298 -13.66 -5.62 -15.84
N GLN A 299 -13.35 -6.42 -14.82
CA GLN A 299 -12.11 -6.24 -14.08
C GLN A 299 -10.87 -6.47 -14.94
N THR A 300 -10.94 -7.49 -15.80
CA THR A 300 -9.82 -7.82 -16.65
C THR A 300 -9.59 -6.75 -17.71
N ALA A 301 -10.69 -6.23 -18.26
CA ALA A 301 -10.57 -5.18 -19.26
C ALA A 301 -9.94 -3.94 -18.61
N ARG A 302 -10.33 -3.65 -17.36
CA ARG A 302 -9.79 -2.50 -16.65
C ARG A 302 -8.27 -2.62 -16.51
N LEU A 303 -7.80 -3.81 -16.14
CA LEU A 303 -6.37 -4.05 -15.99
C LEU A 303 -5.65 -3.85 -17.31
N ILE A 304 -6.26 -4.30 -18.40
CA ILE A 304 -5.66 -4.15 -19.73
C ILE A 304 -5.53 -2.65 -20.07
N LEU A 305 -6.60 -1.89 -19.86
CA LEU A 305 -6.55 -0.46 -20.17
C LEU A 305 -5.53 0.27 -19.30
N ILE A 306 -5.35 -0.19 -18.06
CA ILE A 306 -4.36 0.44 -17.19
C ILE A 306 -2.99 0.21 -17.84
N GLY A 307 -2.73 -1.04 -18.26
CA GLY A 307 -1.48 -1.36 -18.91
C GLY A 307 -1.28 -0.60 -20.20
N GLU A 308 -2.34 -0.48 -21.00
CA GLU A 308 -2.26 0.25 -22.26
C GLU A 308 -1.90 1.70 -21.99
N THR A 309 -2.48 2.25 -20.93
CA THR A 309 -2.23 3.64 -20.56
C THR A 309 -0.78 3.85 -20.18
N ILE A 310 -0.24 3.00 -19.31
CA ILE A 310 1.15 3.15 -18.92
C ILE A 310 2.08 3.00 -20.12
N LYS A 311 1.77 2.05 -21.01
CA LYS A 311 2.57 1.83 -22.22
C LYS A 311 2.63 3.10 -23.07
N ILE A 312 1.48 3.66 -23.38
CA ILE A 312 1.43 4.87 -24.20
C ILE A 312 2.07 6.06 -23.51
N VAL A 313 1.87 6.19 -22.20
CA VAL A 313 2.47 7.32 -21.47
C VAL A 313 3.99 7.32 -21.51
N ILE A 314 4.60 6.15 -21.30
CA ILE A 314 6.05 6.08 -21.32
C ILE A 314 6.65 6.16 -22.71
N GLU A 315 6.15 5.34 -23.63
CA GLU A 315 6.70 5.29 -24.97
C GLU A 315 6.30 6.36 -25.98
N GLU A 316 5.26 7.14 -25.69
CA GLU A 316 4.85 8.17 -26.63
C GLU A 316 4.68 9.55 -25.99
N TYR A 317 3.99 9.59 -24.86
CA TYR A 317 3.74 10.83 -24.13
C TYR A 317 5.04 11.40 -23.58
N VAL A 318 5.73 10.62 -22.74
CA VAL A 318 6.99 11.06 -22.17
C VAL A 318 8.05 11.20 -23.27
N GLN A 319 8.00 10.33 -24.27
CA GLN A 319 8.96 10.40 -25.37
C GLN A 319 8.89 11.78 -26.03
N GLN A 320 7.67 12.20 -26.36
CA GLN A 320 7.45 13.49 -27.01
C GLN A 320 7.94 14.63 -26.13
N LEU A 321 7.59 14.53 -24.86
CA LEU A 321 7.94 15.52 -23.86
C LEU A 321 9.46 15.65 -23.65
N SER A 322 10.13 14.51 -23.57
CA SER A 322 11.58 14.50 -23.34
C SER A 322 12.40 14.93 -24.54
N GLY A 323 11.94 14.57 -25.74
CA GLY A 323 12.68 14.91 -26.95
C GLY A 323 13.95 14.09 -27.07
N TYR A 324 14.07 13.02 -26.27
CA TYR A 324 15.26 12.17 -26.31
C TYR A 324 15.39 11.30 -27.55
N PHE A 325 16.62 11.01 -27.93
CA PHE A 325 16.91 10.16 -29.07
C PHE A 325 16.88 8.73 -28.56
N LEU A 326 16.97 8.59 -27.24
CA LEU A 326 16.90 7.28 -26.61
C LEU A 326 15.44 6.85 -26.71
N GLN A 327 15.19 5.63 -27.19
CA GLN A 327 13.83 5.13 -27.31
C GLN A 327 13.38 4.57 -25.95
N LEU A 328 12.54 5.33 -25.25
CA LEU A 328 12.04 4.91 -23.94
C LEU A 328 11.29 3.61 -24.06
N LYS A 329 11.24 2.85 -22.98
CA LYS A 329 10.57 1.55 -23.03
C LYS A 329 9.79 1.20 -21.77
N PHE A 330 8.57 0.70 -21.97
CA PHE A 330 7.77 0.26 -20.84
C PHE A 330 7.95 -1.25 -20.77
N ASP A 331 8.71 -1.69 -19.78
CA ASP A 331 8.93 -3.11 -19.56
C ASP A 331 9.17 -3.31 -18.07
N PRO A 332 8.12 -3.71 -17.35
CA PRO A 332 8.21 -3.94 -15.91
C PRO A 332 9.37 -4.87 -15.52
N GLU A 333 9.66 -5.84 -16.38
CA GLU A 333 10.74 -6.79 -16.10
C GLU A 333 12.09 -6.13 -15.89
N LEU A 334 12.27 -4.91 -16.39
CA LEU A 334 13.53 -4.20 -16.22
C LEU A 334 13.85 -3.98 -14.73
N LEU A 335 12.83 -3.97 -13.89
CA LEU A 335 13.04 -3.72 -12.46
C LEU A 335 12.96 -4.97 -11.59
N PHE A 336 12.72 -6.13 -12.20
CA PHE A 336 12.60 -7.37 -11.43
C PHE A 336 13.86 -7.79 -10.70
N GLY A 337 14.99 -7.21 -11.06
CA GLY A 337 16.23 -7.54 -10.39
C GLY A 337 16.64 -6.44 -9.43
N ALA A 338 15.81 -5.40 -9.33
CA ALA A 338 16.12 -4.27 -8.45
C ALA A 338 15.20 -4.18 -7.25
N GLN A 339 15.62 -3.36 -6.28
CA GLN A 339 14.85 -3.12 -5.07
C GLN A 339 13.93 -1.95 -5.41
N PHE A 340 12.63 -2.21 -5.44
CA PHE A 340 11.66 -1.19 -5.82
C PHE A 340 10.34 -1.48 -5.12
N GLN A 341 9.67 -0.44 -4.61
CA GLN A 341 8.39 -0.62 -3.94
C GLN A 341 7.25 -0.36 -4.92
N TYR A 342 6.37 -1.34 -5.10
CA TYR A 342 5.26 -1.15 -6.01
C TYR A 342 4.06 -0.45 -5.39
N ARG A 343 4.25 0.82 -5.07
CA ARG A 343 3.18 1.65 -4.54
C ARG A 343 3.51 3.08 -4.83
N ASN A 344 2.50 3.93 -4.78
CA ASN A 344 2.70 5.34 -5.08
C ASN A 344 1.74 6.17 -4.24
N ARG A 345 2.18 7.37 -3.91
CA ARG A 345 1.36 8.29 -3.14
C ARG A 345 1.61 9.63 -3.83
N ILE A 346 0.54 10.27 -4.29
CA ILE A 346 0.65 11.54 -5.00
C ILE A 346 1.08 12.69 -4.09
N ALA A 347 2.15 13.38 -4.48
CA ALA A 347 2.68 14.49 -3.71
C ALA A 347 2.07 15.82 -4.13
N MET A 348 1.91 16.73 -3.17
CA MET A 348 1.33 18.03 -3.47
C MET A 348 2.21 18.80 -4.45
N GLU A 349 3.52 18.57 -4.41
CA GLU A 349 4.45 19.26 -5.31
C GLU A 349 4.26 18.81 -6.76
N PHE A 350 3.93 17.53 -6.92
CA PHE A 350 3.71 16.95 -8.23
C PHE A 350 2.45 17.60 -8.83
N ASN A 351 1.46 17.84 -7.98
CA ASN A 351 0.22 18.48 -8.40
C ASN A 351 0.54 19.89 -8.92
N GLN A 352 1.30 20.64 -8.14
CA GLN A 352 1.68 22.01 -8.52
C GLN A 352 2.44 22.03 -9.85
N LEU A 353 3.49 21.21 -9.93
CA LEU A 353 4.34 21.11 -11.11
C LEU A 353 3.59 20.77 -12.40
N TYR A 354 2.48 20.05 -12.27
CA TYR A 354 1.70 19.65 -13.44
C TYR A 354 0.67 20.66 -13.92
N HIS A 355 0.68 21.88 -13.39
CA HIS A 355 -0.27 22.88 -13.86
C HIS A 355 0.29 23.48 -15.14
N TRP A 356 0.11 22.75 -16.23
CA TRP A 356 0.63 23.16 -17.55
C TRP A 356 -0.32 23.95 -18.41
N HIS A 357 -0.92 24.98 -17.84
CA HIS A 357 -1.86 25.80 -18.57
C HIS A 357 -1.28 26.54 -19.77
N PRO A 358 0.04 26.78 -19.80
CA PRO A 358 0.57 27.48 -20.97
C PRO A 358 0.29 26.72 -22.28
N LEU A 359 0.05 25.42 -22.17
CA LEU A 359 -0.21 24.58 -23.33
C LEU A 359 -1.45 25.02 -24.12
N MET A 360 -2.44 25.54 -23.42
CA MET A 360 -3.67 25.98 -24.07
C MET A 360 -3.47 27.15 -25.02
N PRO A 361 -4.08 27.08 -26.20
CA PRO A 361 -3.99 28.10 -27.25
C PRO A 361 -4.84 29.35 -27.03
N ASP A 362 -4.79 30.26 -28.00
CA ASP A 362 -5.56 31.49 -27.96
C ASP A 362 -7.01 31.16 -28.32
N SER A 363 -7.17 30.16 -29.18
CA SER A 363 -8.48 29.71 -29.63
C SER A 363 -8.30 28.30 -30.18
N PHE A 364 -9.41 27.62 -30.45
CA PHE A 364 -9.34 26.25 -30.95
C PHE A 364 -9.82 26.09 -32.39
N ARG A 365 -8.91 25.70 -33.27
CA ARG A 365 -9.26 25.54 -34.68
C ARG A 365 -9.64 24.11 -35.05
N VAL A 366 -10.82 23.99 -35.66
CA VAL A 366 -11.33 22.71 -36.12
C VAL A 366 -11.65 22.91 -37.60
N GLY A 367 -10.73 22.49 -38.46
CA GLY A 367 -10.92 22.67 -39.88
C GLY A 367 -10.94 24.16 -40.21
N PRO A 368 -11.97 24.63 -40.94
CA PRO A 368 -12.07 26.04 -41.29
C PRO A 368 -12.56 26.91 -40.14
N GLN A 369 -13.20 26.29 -39.16
CA GLN A 369 -13.74 27.01 -38.01
C GLN A 369 -12.73 27.29 -36.91
N ASP A 370 -12.88 28.45 -36.28
CA ASP A 370 -12.02 28.84 -35.17
C ASP A 370 -12.95 29.12 -34.01
N TYR A 371 -12.82 28.34 -32.94
CA TYR A 371 -13.67 28.51 -31.77
C TYR A 371 -12.97 29.19 -30.61
N SER A 372 -13.67 30.13 -29.98
CA SER A 372 -13.12 30.87 -28.85
C SER A 372 -13.37 30.08 -27.57
N TYR A 373 -12.77 30.53 -26.47
CA TYR A 373 -12.94 29.87 -25.19
C TYR A 373 -14.42 29.87 -24.81
N GLU A 374 -15.11 30.97 -25.12
CA GLU A 374 -16.53 31.09 -24.81
C GLU A 374 -17.36 30.08 -25.59
N GLN A 375 -16.90 29.73 -26.79
CA GLN A 375 -17.62 28.77 -27.63
C GLN A 375 -17.18 27.33 -27.33
N PHE A 376 -15.96 27.17 -26.83
CA PHE A 376 -15.40 25.86 -26.54
C PHE A 376 -15.73 25.32 -25.15
N LEU A 377 -15.47 26.12 -24.13
CA LEU A 377 -15.75 25.71 -22.75
C LEU A 377 -17.22 25.40 -22.52
N PHE A 378 -17.47 24.25 -21.90
CA PHE A 378 -18.80 23.77 -21.60
C PHE A 378 -19.72 23.61 -22.80
N ASN A 379 -19.13 23.50 -23.99
CA ASN A 379 -19.90 23.30 -25.20
C ASN A 379 -20.47 21.88 -25.14
N THR A 380 -21.79 21.78 -25.19
CA THR A 380 -22.46 20.48 -25.08
C THR A 380 -22.69 19.69 -26.35
N SER A 381 -22.33 20.22 -27.51
CA SER A 381 -22.57 19.49 -28.75
C SER A 381 -21.38 19.30 -29.68
N MET A 382 -20.32 20.07 -29.49
CA MET A 382 -19.16 19.97 -30.37
C MET A 382 -18.65 18.55 -30.59
N LEU A 383 -18.49 17.79 -29.52
CA LEU A 383 -18.00 16.42 -29.63
C LEU A 383 -18.87 15.58 -30.56
N VAL A 384 -20.19 15.63 -30.36
CA VAL A 384 -21.10 14.86 -31.20
C VAL A 384 -21.25 15.48 -32.58
N ASP A 385 -21.17 16.81 -32.66
CA ASP A 385 -21.29 17.49 -33.95
C ASP A 385 -20.19 17.03 -34.90
N TYR A 386 -18.94 17.07 -34.43
CA TYR A 386 -17.82 16.68 -35.26
C TYR A 386 -17.44 15.20 -35.23
N GLY A 387 -17.65 14.55 -34.09
CA GLY A 387 -17.30 13.14 -33.99
C GLY A 387 -15.86 13.01 -33.52
N VAL A 388 -15.48 11.80 -33.10
CA VAL A 388 -14.13 11.56 -32.60
C VAL A 388 -13.02 11.81 -33.63
N GLU A 389 -13.11 11.18 -34.79
CA GLU A 389 -12.10 11.35 -35.84
C GLU A 389 -11.75 12.79 -36.16
N ALA A 390 -12.77 13.62 -36.39
CA ALA A 390 -12.54 15.01 -36.76
C ALA A 390 -11.84 15.83 -35.67
N LEU A 391 -12.24 15.62 -34.41
CA LEU A 391 -11.61 16.36 -33.31
C LEU A 391 -10.19 15.88 -33.08
N VAL A 392 -9.94 14.58 -33.22
CA VAL A 392 -8.59 14.06 -33.03
C VAL A 392 -7.69 14.66 -34.10
N ASP A 393 -8.19 14.73 -35.33
CA ASP A 393 -7.42 15.29 -36.43
C ASP A 393 -7.06 16.74 -36.16
N ALA A 394 -8.07 17.53 -35.77
CA ALA A 394 -7.86 18.94 -35.48
C ALA A 394 -6.93 19.17 -34.30
N PHE A 395 -7.11 18.43 -33.20
CA PHE A 395 -6.24 18.60 -32.06
C PHE A 395 -4.81 18.14 -32.35
N SER A 396 -4.67 17.13 -33.19
CA SER A 396 -3.35 16.62 -33.54
C SER A 396 -2.60 17.58 -34.46
N ARG A 397 -3.33 18.50 -35.08
CA ARG A 397 -2.72 19.47 -35.98
C ARG A 397 -2.42 20.82 -35.35
N GLN A 398 -3.14 21.21 -34.31
CA GLN A 398 -2.91 22.51 -33.70
C GLN A 398 -1.80 22.51 -32.66
N PRO A 399 -0.84 23.45 -32.80
CA PRO A 399 0.26 23.54 -31.85
C PRO A 399 -0.15 23.98 -30.45
N ALA A 400 0.52 23.42 -29.45
CA ALA A 400 0.25 23.77 -28.06
C ALA A 400 1.31 24.80 -27.69
N GLY A 401 1.08 25.56 -26.63
CA GLY A 401 2.05 26.56 -26.23
C GLY A 401 3.21 26.01 -25.44
N ARG A 402 4.33 26.75 -25.44
CA ARG A 402 5.51 26.34 -24.69
C ARG A 402 5.19 26.49 -23.20
N ILE A 403 5.56 25.48 -22.41
CA ILE A 403 5.27 25.51 -20.97
C ILE A 403 6.19 26.42 -20.18
N GLY A 404 7.49 26.28 -20.37
CA GLY A 404 8.43 27.12 -19.64
C GLY A 404 8.76 28.42 -20.35
N GLY A 405 9.52 29.28 -19.69
CA GLY A 405 9.91 30.54 -20.31
C GLY A 405 9.15 31.74 -19.78
N GLY A 406 7.92 31.52 -19.34
CA GLY A 406 7.11 32.61 -18.81
C GLY A 406 6.24 33.30 -19.84
N ARG A 407 5.38 34.18 -19.34
CA ARG A 407 4.48 34.97 -20.16
C ARG A 407 3.78 34.19 -21.27
N ASN A 408 3.22 33.03 -20.95
CA ASN A 408 2.52 32.26 -21.97
C ASN A 408 1.24 31.55 -21.53
N ILE A 409 0.57 32.10 -20.52
CA ILE A 409 -0.70 31.51 -20.09
C ILE A 409 -1.81 32.44 -20.59
N ASP A 410 -2.72 31.89 -21.39
CA ASP A 410 -3.83 32.66 -21.92
C ASP A 410 -4.63 33.31 -20.79
N HIS A 411 -5.01 34.58 -20.98
CA HIS A 411 -5.75 35.33 -19.96
C HIS A 411 -7.04 34.66 -19.46
N HIS A 412 -7.65 33.82 -20.29
CA HIS A 412 -8.88 33.13 -19.90
C HIS A 412 -8.68 32.19 -18.71
N ILE A 413 -7.47 31.68 -18.55
CA ILE A 413 -7.21 30.73 -17.48
C ILE A 413 -6.09 31.15 -16.52
N LEU A 414 -5.69 32.42 -16.59
CA LEU A 414 -4.63 32.91 -15.72
C LEU A 414 -5.01 32.77 -14.25
N HIS A 415 -6.30 32.91 -13.95
CA HIS A 415 -6.76 32.80 -12.57
C HIS A 415 -6.34 31.49 -11.92
N VAL A 416 -6.21 30.43 -12.71
CA VAL A 416 -5.80 29.15 -12.15
C VAL A 416 -4.39 29.26 -11.58
N ALA A 417 -3.50 29.95 -12.31
CA ALA A 417 -2.12 30.14 -11.86
C ALA A 417 -2.10 30.96 -10.57
N VAL A 418 -2.96 31.97 -10.50
CA VAL A 418 -3.02 32.80 -9.31
C VAL A 418 -3.36 31.91 -8.11
N ASP A 419 -4.33 31.03 -8.28
CA ASP A 419 -4.75 30.15 -7.20
C ASP A 419 -3.67 29.12 -6.82
N VAL A 420 -2.91 28.66 -7.80
CA VAL A 420 -1.84 27.71 -7.53
C VAL A 420 -0.83 28.37 -6.60
N ILE A 421 -0.49 29.62 -6.89
CA ILE A 421 0.46 30.34 -6.06
C ILE A 421 -0.09 30.55 -4.65
N LYS A 422 -1.38 30.88 -4.55
CA LYS A 422 -2.01 31.07 -3.25
C LYS A 422 -2.06 29.75 -2.47
N GLU A 423 -2.40 28.66 -3.16
CA GLU A 423 -2.46 27.35 -2.51
C GLU A 423 -1.06 26.98 -1.98
N SER A 424 -0.04 27.33 -2.76
CA SER A 424 1.34 27.04 -2.40
C SER A 424 1.70 27.68 -1.04
N ARG A 425 1.18 28.87 -0.80
CA ARG A 425 1.47 29.54 0.45
C ARG A 425 0.67 28.94 1.59
N VAL A 426 -0.51 28.42 1.29
CA VAL A 426 -1.32 27.79 2.32
C VAL A 426 -0.62 26.48 2.72
N LEU A 427 -0.10 25.77 1.72
CA LEU A 427 0.62 24.51 1.92
C LEU A 427 1.98 24.74 2.56
N ARG A 428 2.44 26.00 2.49
CA ARG A 428 3.73 26.40 3.02
C ARG A 428 4.87 25.57 2.40
N LEU A 429 4.87 25.54 1.07
CA LEU A 429 5.89 24.85 0.31
C LEU A 429 7.21 25.60 0.47
N GLN A 430 8.31 24.86 0.63
CA GLN A 430 9.61 25.48 0.77
C GLN A 430 10.03 26.16 -0.53
N PRO A 431 11.07 27.00 -0.46
CA PRO A 431 11.54 27.71 -1.65
C PRO A 431 12.00 26.81 -2.79
N PHE A 432 11.91 27.35 -3.99
CA PHE A 432 12.32 26.63 -5.20
C PHE A 432 13.72 26.07 -5.03
N ASN A 433 14.65 26.88 -4.52
CA ASN A 433 16.02 26.41 -4.35
C ASN A 433 16.16 25.24 -3.40
N GLU A 434 15.27 25.10 -2.44
CA GLU A 434 15.38 23.95 -1.53
C GLU A 434 14.96 22.71 -2.30
N TYR A 435 14.00 22.88 -3.21
CA TYR A 435 13.56 21.74 -4.03
C TYR A 435 14.63 21.40 -5.05
N ARG A 436 15.35 22.41 -5.53
CA ARG A 436 16.42 22.16 -6.48
C ARG A 436 17.42 21.20 -5.82
N LYS A 437 17.82 21.51 -4.60
CA LYS A 437 18.76 20.66 -3.88
C LYS A 437 18.19 19.27 -3.59
N ARG A 438 16.92 19.20 -3.22
CA ARG A 438 16.29 17.93 -2.92
C ARG A 438 16.25 17.02 -4.15
N PHE A 439 16.22 17.61 -5.34
CA PHE A 439 16.20 16.82 -6.55
C PHE A 439 17.54 16.75 -7.28
N GLY A 440 18.62 16.98 -6.51
CA GLY A 440 19.97 16.87 -7.04
C GLY A 440 20.59 18.00 -7.82
N MET A 441 20.03 19.21 -7.77
CA MET A 441 20.61 20.32 -8.51
C MET A 441 21.17 21.37 -7.57
N LYS A 442 22.08 22.19 -8.08
CA LYS A 442 22.64 23.26 -7.26
C LYS A 442 21.61 24.37 -7.25
N PRO A 443 21.47 25.07 -6.12
CA PRO A 443 20.49 26.16 -6.07
C PRO A 443 20.95 27.31 -6.98
N TYR A 444 20.01 28.11 -7.46
CA TYR A 444 20.38 29.25 -8.30
C TYR A 444 20.93 30.33 -7.38
N THR A 445 21.95 31.05 -7.86
CA THR A 445 22.57 32.09 -7.04
C THR A 445 22.03 33.49 -7.30
N SER A 446 21.17 33.63 -8.31
CA SER A 446 20.57 34.91 -8.65
C SER A 446 19.44 34.69 -9.62
N PHE A 447 18.59 35.70 -9.80
CA PHE A 447 17.48 35.58 -10.73
C PHE A 447 17.98 35.56 -12.18
N GLN A 448 19.09 36.24 -12.45
CA GLN A 448 19.62 36.25 -13.81
C GLN A 448 20.04 34.85 -14.21
N GLU A 449 20.60 34.10 -13.28
CA GLU A 449 21.02 32.74 -13.58
C GLU A 449 19.78 31.91 -13.86
N LEU A 450 18.73 32.14 -13.07
CA LEU A 450 17.46 31.43 -13.23
C LEU A 450 16.81 31.65 -14.58
N THR A 451 16.58 32.92 -14.92
CA THR A 451 15.91 33.29 -16.17
C THR A 451 16.76 33.29 -17.42
N GLY A 452 18.06 33.48 -17.27
CA GLY A 452 18.93 33.51 -18.43
C GLY A 452 18.88 34.88 -19.09
N GLU A 453 18.14 35.81 -18.49
CA GLU A 453 18.05 37.16 -19.04
C GLU A 453 18.16 38.22 -17.94
N LYS A 454 17.94 39.49 -18.29
CA LYS A 454 18.07 40.57 -17.31
C LYS A 454 16.80 41.32 -16.92
N GLU A 455 15.87 41.44 -17.86
CA GLU A 455 14.63 42.18 -17.61
C GLU A 455 13.73 41.59 -16.53
N MET A 456 13.22 40.38 -16.75
CA MET A 456 12.35 39.75 -15.74
C MET A 456 13.12 39.50 -14.45
N ALA A 457 14.38 39.11 -14.58
CA ALA A 457 15.21 38.83 -13.42
C ALA A 457 15.32 40.03 -12.48
N ALA A 458 15.51 41.22 -13.06
CA ALA A 458 15.63 42.44 -12.26
C ALA A 458 14.36 42.73 -11.49
N GLU A 459 13.21 42.57 -12.14
CA GLU A 459 11.94 42.84 -11.47
C GLU A 459 11.66 41.79 -10.41
N LEU A 460 12.02 40.54 -10.70
CA LEU A 460 11.81 39.46 -9.74
C LEU A 460 12.64 39.70 -8.48
N GLU A 461 13.88 40.15 -8.67
CA GLU A 461 14.75 40.41 -7.54
C GLU A 461 14.17 41.51 -6.66
N GLU A 462 13.61 42.53 -7.29
CA GLU A 462 12.98 43.63 -6.58
C GLU A 462 11.79 43.15 -5.75
N LEU A 463 10.97 42.29 -6.35
CA LEU A 463 9.78 41.77 -5.68
C LEU A 463 10.09 40.77 -4.56
N TYR A 464 10.90 39.78 -4.86
CA TYR A 464 11.24 38.75 -3.88
C TYR A 464 12.37 39.15 -2.94
N GLY A 465 13.25 40.01 -3.41
CA GLY A 465 14.37 40.46 -2.60
C GLY A 465 15.53 39.48 -2.54
N ASP A 466 15.25 38.18 -2.57
CA ASP A 466 16.29 37.17 -2.49
C ASP A 466 15.94 35.94 -3.31
N ILE A 467 16.91 35.42 -4.06
CA ILE A 467 16.68 34.25 -4.90
C ILE A 467 16.19 33.07 -4.06
N ASP A 468 16.63 33.01 -2.81
CA ASP A 468 16.23 31.93 -1.92
C ASP A 468 14.82 32.09 -1.39
N ALA A 469 14.11 33.12 -1.87
CA ALA A 469 12.74 33.35 -1.45
C ALA A 469 11.81 32.96 -2.58
N LEU A 470 12.37 32.80 -3.78
CA LEU A 470 11.57 32.42 -4.95
C LEU A 470 10.77 31.15 -4.66
N GLU A 471 9.47 31.18 -4.97
CA GLU A 471 8.60 30.04 -4.71
C GLU A 471 8.64 28.95 -5.78
N PHE A 472 8.22 27.75 -5.38
CA PHE A 472 8.22 26.55 -6.21
C PHE A 472 7.63 26.69 -7.62
N TYR A 473 6.34 26.98 -7.72
CA TYR A 473 5.68 27.08 -9.02
C TYR A 473 6.25 28.18 -9.91
N PRO A 474 6.38 29.41 -9.39
CA PRO A 474 6.94 30.47 -10.24
C PRO A 474 8.33 30.10 -10.74
N GLY A 475 9.11 29.44 -9.89
CA GLY A 475 10.44 29.02 -10.26
C GLY A 475 10.43 28.08 -11.44
N LEU A 476 9.52 27.10 -11.41
CA LEU A 476 9.41 26.14 -12.51
C LEU A 476 9.02 26.79 -13.83
N LEU A 477 8.06 27.71 -13.79
CA LEU A 477 7.61 28.37 -15.02
C LEU A 477 8.48 29.51 -15.53
N LEU A 478 9.35 30.07 -14.69
CA LEU A 478 10.21 31.18 -15.12
C LEU A 478 11.66 30.79 -15.41
N GLU A 479 12.04 29.57 -15.05
CA GLU A 479 13.39 29.09 -15.32
C GLU A 479 13.62 29.03 -16.83
N LYS A 480 14.83 29.38 -17.26
CA LYS A 480 15.16 29.35 -18.69
C LYS A 480 14.97 27.94 -19.24
N CYS A 481 14.45 27.83 -20.45
CA CYS A 481 14.21 26.53 -21.07
C CYS A 481 15.46 25.94 -21.69
N HIS A 482 15.53 24.61 -21.75
CA HIS A 482 16.65 23.95 -22.40
C HIS A 482 16.59 24.42 -23.85
N PRO A 483 17.72 24.34 -24.58
CA PRO A 483 17.73 24.77 -25.98
C PRO A 483 16.60 24.14 -26.80
N ASN A 484 15.74 24.98 -27.37
CA ASN A 484 14.62 24.52 -28.18
C ASN A 484 13.72 23.50 -27.50
N SER A 485 13.60 23.59 -26.18
CA SER A 485 12.77 22.66 -25.42
C SER A 485 11.47 23.27 -24.94
N ILE A 486 10.54 22.40 -24.55
CA ILE A 486 9.23 22.83 -24.07
C ILE A 486 9.31 23.47 -22.67
N PHE A 487 10.34 23.11 -21.91
CA PHE A 487 10.54 23.71 -20.58
C PHE A 487 11.96 23.55 -20.06
N GLY A 488 12.21 24.06 -18.86
CA GLY A 488 13.54 24.00 -18.28
C GLY A 488 13.92 22.70 -17.61
N GLU A 489 15.17 22.63 -17.15
CA GLU A 489 15.68 21.42 -16.51
C GLU A 489 14.96 21.02 -15.21
N SER A 490 14.54 22.00 -14.42
CA SER A 490 13.87 21.68 -13.16
C SER A 490 12.57 20.89 -13.37
N MET A 491 11.83 21.23 -14.42
CA MET A 491 10.58 20.54 -14.70
C MET A 491 10.89 19.06 -14.97
N ILE A 492 12.04 18.79 -15.57
CA ILE A 492 12.44 17.42 -15.87
C ILE A 492 13.05 16.72 -14.67
N GLU A 493 14.01 17.37 -14.01
CA GLU A 493 14.67 16.78 -12.86
C GLU A 493 13.73 16.54 -11.67
N MET A 494 12.70 17.37 -11.55
CA MET A 494 11.75 17.20 -10.46
C MET A 494 10.55 16.38 -10.92
N GLY A 495 10.14 16.58 -12.18
CA GLY A 495 8.99 15.87 -12.71
C GLY A 495 9.22 14.40 -13.04
N ALA A 496 10.38 14.07 -13.59
CA ALA A 496 10.69 12.69 -13.95
C ALA A 496 10.55 11.73 -12.76
N PRO A 497 11.15 12.07 -11.60
CA PRO A 497 11.02 11.16 -10.47
C PRO A 497 9.56 10.85 -10.11
N PHE A 498 8.75 11.90 -9.94
CA PHE A 498 7.32 11.71 -9.61
C PHE A 498 6.59 10.87 -10.65
N SER A 499 6.77 11.24 -11.92
N SER A 499 6.78 11.23 -11.91
CA SER A 499 6.11 10.54 -13.02
CA SER A 499 6.12 10.54 -13.01
C SER A 499 6.50 9.08 -13.17
C SER A 499 6.50 9.07 -13.16
N LEU A 500 7.79 8.80 -13.23
CA LEU A 500 8.25 7.41 -13.39
C LEU A 500 7.90 6.53 -12.18
N LYS A 501 8.01 7.07 -10.98
CA LYS A 501 7.66 6.32 -9.79
C LYS A 501 6.17 6.00 -9.83
N GLY A 502 5.39 6.97 -10.30
CA GLY A 502 3.95 6.79 -10.40
C GLY A 502 3.55 5.77 -11.45
N LEU A 503 4.31 5.70 -12.54
CA LEU A 503 4.01 4.75 -13.60
C LEU A 503 4.43 3.32 -13.24
N LEU A 504 5.69 3.14 -12.85
CA LEU A 504 6.17 1.80 -12.51
C LEU A 504 5.74 1.32 -11.12
N GLY A 505 5.37 2.27 -10.26
CA GLY A 505 4.94 1.91 -8.92
C GLY A 505 3.60 1.19 -8.89
N ASN A 506 2.91 1.19 -10.02
CA ASN A 506 1.61 0.53 -10.14
C ASN A 506 1.74 -0.98 -9.86
N PRO A 507 0.79 -1.55 -9.10
CA PRO A 507 0.88 -2.99 -8.81
C PRO A 507 0.89 -3.90 -10.05
N ILE A 508 0.33 -3.44 -11.17
CA ILE A 508 0.33 -4.32 -12.34
C ILE A 508 1.75 -4.52 -12.87
N CYS A 509 2.68 -3.68 -12.44
CA CYS A 509 4.07 -3.78 -12.88
C CYS A 509 4.89 -4.70 -11.98
N SER A 510 4.28 -5.21 -10.91
CA SER A 510 4.98 -6.08 -9.98
C SER A 510 5.11 -7.49 -10.57
N PRO A 511 6.11 -8.26 -10.11
CA PRO A 511 6.31 -9.63 -10.60
C PRO A 511 5.07 -10.47 -10.36
N GLU A 512 4.34 -10.15 -9.30
CA GLU A 512 3.13 -10.88 -8.94
C GLU A 512 2.00 -10.70 -9.95
N TYR A 513 1.84 -9.49 -10.46
CA TYR A 513 0.77 -9.18 -11.40
C TYR A 513 1.15 -9.25 -12.88
N TRP A 514 2.39 -8.92 -13.20
CA TRP A 514 2.84 -8.88 -14.59
C TRP A 514 2.98 -10.27 -15.22
N LYS A 515 1.84 -10.88 -15.50
CA LYS A 515 1.75 -12.23 -16.09
C LYS A 515 0.60 -12.23 -17.07
N ALA A 516 0.66 -13.12 -18.06
CA ALA A 516 -0.40 -13.22 -19.06
C ALA A 516 -1.78 -13.45 -18.45
N SER A 517 -1.88 -14.33 -17.46
CA SER A 517 -3.17 -14.63 -16.84
C SER A 517 -3.87 -13.41 -16.23
N THR A 518 -3.09 -12.44 -15.76
CA THR A 518 -3.67 -11.25 -15.16
C THR A 518 -4.53 -10.51 -16.18
N PHE A 519 -4.09 -10.53 -17.44
CA PHE A 519 -4.81 -9.85 -18.49
C PHE A 519 -5.67 -10.77 -19.36
N GLY A 520 -6.06 -11.92 -18.81
CA GLY A 520 -6.89 -12.84 -19.55
C GLY A 520 -6.19 -13.70 -20.58
N GLY A 521 -4.87 -13.77 -20.51
CA GLY A 521 -4.15 -14.59 -21.47
C GLY A 521 -3.25 -13.77 -22.37
N GLU A 522 -2.63 -14.46 -23.33
CA GLU A 522 -1.70 -13.81 -24.24
C GLU A 522 -2.33 -12.69 -25.11
N VAL A 523 -3.59 -12.84 -25.49
CA VAL A 523 -4.24 -11.82 -26.30
C VAL A 523 -4.34 -10.52 -25.52
N GLY A 524 -4.76 -10.62 -24.26
CA GLY A 524 -4.87 -9.44 -23.42
C GLY A 524 -3.51 -8.86 -23.08
N PHE A 525 -2.53 -9.73 -22.82
CA PHE A 525 -1.18 -9.29 -22.48
C PHE A 525 -0.55 -8.53 -23.65
N ASN A 526 -0.79 -9.01 -24.87
CA ASN A 526 -0.23 -8.36 -26.04
C ASN A 526 -0.88 -7.01 -26.32
N LEU A 527 -2.15 -6.87 -25.94
CA LEU A 527 -2.82 -5.59 -26.13
C LEU A 527 -2.05 -4.52 -25.35
N VAL A 528 -1.60 -4.89 -24.16
CA VAL A 528 -0.84 -3.99 -23.31
C VAL A 528 0.56 -3.73 -23.88
N LYS A 529 1.26 -4.81 -24.23
CA LYS A 529 2.62 -4.71 -24.75
C LYS A 529 2.78 -4.00 -26.09
N THR A 530 1.70 -3.89 -26.86
CA THR A 530 1.78 -3.25 -28.16
C THR A 530 0.88 -2.02 -28.30
N ALA A 531 0.33 -1.56 -27.18
CA ALA A 531 -0.55 -0.39 -27.18
C ALA A 531 0.12 0.80 -27.84
N THR A 532 -0.69 1.58 -28.56
CA THR A 532 -0.21 2.76 -29.26
C THR A 532 -1.31 3.81 -29.31
N LEU A 533 -0.94 5.09 -29.35
CA LEU A 533 -1.94 6.16 -29.43
C LEU A 533 -2.76 5.99 -30.70
N LYS A 534 -2.08 5.71 -31.81
CA LYS A 534 -2.77 5.55 -33.09
C LYS A 534 -3.79 4.40 -33.05
N LYS A 535 -3.41 3.29 -32.43
CA LYS A 535 -4.30 2.14 -32.32
C LYS A 535 -5.45 2.44 -31.37
N LEU A 536 -5.14 3.13 -30.28
CA LEU A 536 -6.16 3.49 -29.30
C LEU A 536 -7.30 4.22 -30.01
N VAL A 537 -6.92 5.11 -30.93
CA VAL A 537 -7.91 5.88 -31.68
C VAL A 537 -8.55 5.12 -32.84
N CYS A 538 -7.73 4.70 -33.79
CA CYS A 538 -8.21 4.04 -35.00
C CYS A 538 -8.91 2.70 -34.91
N LEU A 539 -8.65 1.93 -33.85
CA LEU A 539 -9.35 0.66 -33.71
C LEU A 539 -10.74 0.94 -33.13
N ASN A 540 -10.99 2.20 -32.81
CA ASN A 540 -12.28 2.59 -32.23
C ASN A 540 -13.01 3.68 -33.01
N THR A 541 -12.52 3.98 -34.21
CA THR A 541 -13.14 5.00 -35.06
C THR A 541 -13.42 4.45 -36.46
N LYS A 542 -14.37 5.07 -37.16
CA LYS A 542 -14.73 4.63 -38.51
C LYS A 542 -13.56 4.79 -39.47
N THR A 543 -12.97 5.98 -39.48
CA THR A 543 -11.83 6.25 -40.34
C THR A 543 -10.64 6.61 -39.47
N CYS A 544 -9.45 6.54 -40.05
CA CYS A 544 -8.23 6.81 -39.32
C CYS A 544 -7.68 8.20 -39.65
N PRO A 545 -7.82 9.16 -38.72
CA PRO A 545 -7.33 10.53 -38.95
C PRO A 545 -5.86 10.65 -38.59
N TYR A 546 -5.30 11.84 -38.76
CA TYR A 546 -3.92 12.06 -38.37
C TYR A 546 -3.96 12.07 -36.85
N VAL A 547 -3.23 11.16 -36.23
CA VAL A 547 -3.20 11.06 -34.77
C VAL A 547 -1.76 11.00 -34.28
N SER A 548 -1.41 11.94 -33.40
CA SER A 548 -0.05 12.04 -32.87
C SER A 548 0.03 13.06 -31.73
N PHE A 549 1.14 13.07 -31.01
CA PHE A 549 1.36 14.02 -29.92
C PHE A 549 2.21 15.18 -30.44
N HIS A 550 2.56 15.10 -31.72
CA HIS A 550 3.39 16.09 -32.40
C HIS A 550 2.64 16.58 -33.65
N VAL A 551 2.76 17.86 -33.96
CA VAL A 551 2.08 18.39 -35.16
C VAL A 551 2.74 17.75 -36.38
N PRO A 552 2.00 17.66 -37.50
CA PRO A 552 2.60 17.05 -38.69
C PRO A 552 3.77 17.87 -39.25
N ASP A 553 4.63 17.23 -40.04
CA ASP A 553 5.78 17.92 -40.61
C ASP A 553 5.36 18.95 -41.65
N PRO B 1 -20.26 -30.12 -18.96
CA PRO B 1 -18.80 -29.83 -18.97
C PRO B 1 -18.33 -29.48 -17.56
N VAL B 2 -17.63 -30.41 -16.91
CA VAL B 2 -17.12 -30.15 -15.56
C VAL B 2 -15.97 -29.15 -15.60
N ASN B 3 -16.08 -28.09 -14.80
CA ASN B 3 -15.05 -27.07 -14.74
C ASN B 3 -13.71 -27.75 -14.49
N PRO B 4 -12.80 -27.70 -15.47
CA PRO B 4 -11.49 -28.34 -15.29
C PRO B 4 -10.68 -27.80 -14.11
N CYS B 5 -10.87 -26.54 -13.75
CA CYS B 5 -10.08 -26.02 -12.63
C CYS B 5 -10.53 -26.70 -11.31
N CYS B 6 -11.63 -27.47 -11.33
CA CYS B 6 -12.08 -28.16 -10.13
C CYS B 6 -11.11 -29.28 -9.74
N TYR B 7 -10.24 -29.67 -10.68
CA TYR B 7 -9.26 -30.72 -10.39
C TYR B 7 -7.95 -30.14 -9.87
N TYR B 8 -7.87 -28.82 -9.77
CA TYR B 8 -6.66 -28.14 -9.30
C TYR B 8 -5.47 -28.69 -10.10
N PRO B 9 -5.58 -28.67 -11.45
CA PRO B 9 -4.51 -29.17 -12.32
C PRO B 9 -3.19 -28.43 -12.27
N CYS B 10 -3.23 -27.10 -12.11
CA CYS B 10 -2.00 -26.33 -12.08
C CYS B 10 -1.24 -26.46 -10.76
N GLN B 11 -0.01 -26.94 -10.86
CA GLN B 11 0.85 -27.15 -9.70
C GLN B 11 1.83 -26.00 -9.48
N HIS B 12 2.51 -26.04 -8.35
CA HIS B 12 3.53 -25.07 -7.97
C HIS B 12 3.22 -23.60 -8.22
N GLN B 13 2.01 -23.20 -7.82
CA GLN B 13 1.55 -21.82 -7.94
C GLN B 13 1.16 -21.40 -9.36
N GLY B 14 1.03 -22.38 -10.25
CA GLY B 14 0.62 -22.06 -11.61
C GLY B 14 -0.82 -21.60 -11.51
N ILE B 15 -1.25 -20.71 -12.40
CA ILE B 15 -2.61 -20.19 -12.36
C ILE B 15 -3.53 -20.80 -13.42
N CYS B 16 -4.61 -21.47 -12.97
CA CYS B 16 -5.59 -22.13 -13.83
C CYS B 16 -6.57 -21.11 -14.39
N VAL B 17 -6.65 -21.02 -15.71
CA VAL B 17 -7.56 -20.10 -16.37
C VAL B 17 -8.41 -20.89 -17.36
N ARG B 18 -9.70 -20.63 -17.35
CA ARG B 18 -10.65 -21.30 -18.23
C ARG B 18 -10.60 -20.65 -19.62
N PHE B 19 -10.46 -21.46 -20.66
CA PHE B 19 -10.43 -20.97 -22.04
C PHE B 19 -11.45 -21.74 -22.84
N GLY B 20 -12.20 -21.06 -23.70
CA GLY B 20 -13.20 -21.74 -24.49
C GLY B 20 -14.28 -22.33 -23.60
N LEU B 21 -15.09 -23.23 -24.15
CA LEU B 21 -16.16 -23.84 -23.38
C LEU B 21 -15.74 -24.89 -22.36
N ASP B 22 -14.65 -25.60 -22.62
CA ASP B 22 -14.23 -26.63 -21.69
C ASP B 22 -12.72 -26.82 -21.50
N ARG B 23 -11.91 -25.91 -22.03
CA ARG B 23 -10.47 -26.04 -21.87
C ARG B 23 -9.95 -25.21 -20.68
N TYR B 24 -8.67 -25.36 -20.40
CA TYR B 24 -8.02 -24.61 -19.32
C TYR B 24 -6.54 -24.50 -19.70
N GLN B 25 -5.88 -23.48 -19.17
CA GLN B 25 -4.47 -23.29 -19.42
C GLN B 25 -3.81 -22.88 -18.10
N CYS B 26 -2.59 -23.36 -17.86
CA CYS B 26 -1.89 -23.01 -16.63
C CYS B 26 -0.83 -21.98 -16.96
N ASP B 27 -0.85 -20.86 -16.25
CA ASP B 27 0.15 -19.80 -16.44
C ASP B 27 1.27 -20.13 -15.46
N CYS B 28 2.37 -20.66 -15.99
CA CYS B 28 3.53 -21.08 -15.18
C CYS B 28 4.57 -20.00 -14.96
N THR B 29 4.28 -18.78 -15.42
CA THR B 29 5.21 -17.67 -15.27
C THR B 29 5.88 -17.58 -13.90
N ARG B 30 7.21 -17.61 -13.89
CA ARG B 30 8.01 -17.50 -12.66
C ARG B 30 7.79 -18.55 -11.59
N THR B 31 7.22 -19.69 -11.95
CA THR B 31 7.00 -20.76 -10.98
C THR B 31 8.22 -21.65 -10.87
N GLY B 32 9.09 -21.59 -11.87
CA GLY B 32 10.27 -22.43 -11.87
C GLY B 32 9.96 -23.74 -12.59
N TYR B 33 8.73 -23.85 -13.11
CA TYR B 33 8.31 -25.05 -13.82
C TYR B 33 7.66 -24.70 -15.15
N SER B 34 7.53 -25.71 -16.01
CA SER B 34 6.89 -25.54 -17.32
C SER B 34 5.97 -26.73 -17.54
N GLY B 35 5.42 -26.84 -18.73
CA GLY B 35 4.52 -27.93 -19.04
C GLY B 35 3.08 -27.52 -18.81
N PRO B 36 2.10 -28.26 -19.37
CA PRO B 36 0.67 -28.00 -19.24
C PRO B 36 0.24 -27.73 -17.82
N ASN B 37 0.82 -28.46 -16.87
CA ASN B 37 0.44 -28.29 -15.49
C ASN B 37 1.52 -27.70 -14.54
N CYS B 38 2.54 -27.01 -15.07
N CYS B 38 2.55 -27.05 -15.10
CA CYS B 38 3.62 -26.44 -14.27
CA CYS B 38 3.56 -26.43 -14.31
C CYS B 38 4.22 -27.54 -13.41
C CYS B 38 4.25 -27.49 -13.47
N THR B 39 4.55 -28.65 -14.06
CA THR B 39 5.18 -29.78 -13.34
C THR B 39 6.59 -30.17 -13.84
N ILE B 40 7.01 -29.57 -14.94
CA ILE B 40 8.33 -29.86 -15.50
C ILE B 40 9.31 -28.86 -14.90
N PRO B 41 10.16 -29.31 -13.98
CA PRO B 41 11.12 -28.40 -13.34
C PRO B 41 12.36 -28.00 -14.12
N GLU B 42 12.82 -26.78 -13.85
CA GLU B 42 14.03 -26.25 -14.45
C GLU B 42 15.13 -26.85 -13.58
N ILE B 43 16.39 -26.78 -14.01
CA ILE B 43 17.49 -27.37 -13.25
C ILE B 43 17.60 -26.92 -11.80
N TRP B 44 17.68 -25.61 -11.58
CA TRP B 44 17.81 -25.08 -10.21
C TRP B 44 16.61 -25.45 -9.35
N THR B 45 15.42 -25.46 -9.95
CA THR B 45 14.21 -25.80 -9.22
C THR B 45 14.32 -27.23 -8.71
N TRP B 46 14.71 -28.14 -9.61
CA TRP B 46 14.84 -29.55 -9.26
C TRP B 46 15.88 -29.79 -8.16
N LEU B 47 17.02 -29.11 -8.25
CA LEU B 47 18.06 -29.25 -7.25
C LEU B 47 17.56 -28.78 -5.89
N ARG B 48 16.97 -27.60 -5.88
CA ARG B 48 16.44 -26.99 -4.68
C ARG B 48 15.43 -27.90 -3.96
N THR B 49 14.52 -28.51 -4.71
CA THR B 49 13.52 -29.39 -4.11
C THR B 49 14.07 -30.77 -3.77
N THR B 50 15.12 -31.18 -4.47
CA THR B 50 15.72 -32.48 -4.23
C THR B 50 16.66 -32.46 -3.01
N LEU B 51 17.33 -31.34 -2.80
CA LEU B 51 18.26 -31.20 -1.68
C LEU B 51 17.65 -30.65 -0.41
N ARG B 52 16.50 -29.99 -0.53
CA ARG B 52 15.84 -29.43 0.64
C ARG B 52 15.38 -30.52 1.61
N PRO B 53 15.84 -30.46 2.87
CA PRO B 53 15.42 -31.48 3.83
C PRO B 53 13.97 -31.22 4.25
N SER B 54 13.30 -32.25 4.75
CA SER B 54 11.91 -32.13 5.18
C SER B 54 11.71 -31.13 6.32
N PRO B 55 10.49 -30.58 6.45
CA PRO B 55 10.22 -29.62 7.53
C PRO B 55 10.49 -30.27 8.88
N SER B 56 10.22 -31.58 8.94
CA SER B 56 10.41 -32.35 10.16
C SER B 56 11.89 -32.48 10.52
N PHE B 57 12.73 -32.68 9.51
CA PHE B 57 14.16 -32.82 9.77
C PHE B 57 14.73 -31.48 10.23
N ILE B 58 14.32 -30.40 9.57
CA ILE B 58 14.80 -29.07 9.92
C ILE B 58 14.32 -28.70 11.32
N HIS B 59 13.12 -29.13 11.67
CA HIS B 59 12.59 -28.86 13.00
C HIS B 59 13.48 -29.52 14.04
N PHE B 60 13.92 -30.73 13.73
CA PHE B 60 14.80 -31.48 14.62
C PHE B 60 16.10 -30.70 14.84
N LEU B 61 16.73 -30.29 13.74
CA LEU B 61 17.98 -29.54 13.79
C LEU B 61 17.87 -28.31 14.69
N LEU B 62 16.76 -27.58 14.55
CA LEU B 62 16.52 -26.36 15.32
C LEU B 62 16.17 -26.55 16.78
N THR B 63 15.90 -27.80 17.19
CA THR B 63 15.53 -28.03 18.57
C THR B 63 16.44 -29.01 19.30
N HIS B 64 17.65 -29.18 18.77
CA HIS B 64 18.64 -30.08 19.37
C HIS B 64 20.03 -29.46 19.22
N GLY B 65 20.96 -29.89 20.06
CA GLY B 65 22.32 -29.37 20.01
C GLY B 65 22.44 -27.95 20.52
N ARG B 66 21.97 -27.71 21.74
CA ARG B 66 22.03 -26.37 22.34
C ARG B 66 23.46 -25.81 22.31
N TRP B 67 24.44 -26.67 22.61
CA TRP B 67 25.83 -26.25 22.63
C TRP B 67 26.26 -25.63 21.30
N LEU B 68 25.83 -26.25 20.20
CA LEU B 68 26.19 -25.74 18.89
C LEU B 68 25.44 -24.46 18.55
N TRP B 69 24.17 -24.38 18.93
CA TRP B 69 23.40 -23.19 18.66
C TRP B 69 23.91 -21.99 19.45
N ASP B 70 24.32 -22.22 20.69
CA ASP B 70 24.85 -21.14 21.51
C ASP B 70 26.05 -20.53 20.80
N PHE B 71 26.90 -21.38 20.26
CA PHE B 71 28.09 -20.94 19.54
C PHE B 71 27.69 -20.13 18.31
N VAL B 72 26.77 -20.70 17.51
CA VAL B 72 26.29 -20.05 16.30
C VAL B 72 25.59 -18.71 16.57
N ASN B 73 24.77 -18.68 17.62
CA ASN B 73 24.06 -17.45 17.96
C ASN B 73 24.96 -16.26 18.26
N ALA B 74 26.20 -16.54 18.66
CA ALA B 74 27.15 -15.48 18.98
C ALA B 74 27.95 -15.02 17.76
N THR B 75 27.63 -15.56 16.59
CA THR B 75 28.34 -15.20 15.37
C THR B 75 27.42 -14.58 14.32
N PHE B 76 28.00 -14.19 13.20
CA PHE B 76 27.27 -13.58 12.09
C PHE B 76 26.28 -14.58 11.50
N ILE B 77 26.49 -15.86 11.79
CA ILE B 77 25.61 -16.91 11.29
C ILE B 77 24.17 -16.70 11.76
N ARG B 78 24.02 -16.10 12.93
CA ARG B 78 22.69 -15.83 13.46
C ARG B 78 21.95 -14.94 12.48
N ASP B 79 22.64 -13.91 11.99
CA ASP B 79 22.06 -12.97 11.03
C ASP B 79 21.79 -13.65 9.69
N THR B 80 22.74 -14.44 9.23
CA THR B 80 22.60 -15.15 7.97
C THR B 80 21.36 -16.04 7.99
N LEU B 81 21.18 -16.78 9.08
CA LEU B 81 20.03 -17.67 9.20
C LEU B 81 18.71 -16.92 9.37
N MET B 82 18.74 -15.81 10.12
CA MET B 82 17.51 -15.06 10.31
C MET B 82 17.07 -14.45 8.98
N ARG B 83 18.03 -13.97 8.20
CA ARG B 83 17.71 -13.39 6.90
C ARG B 83 17.12 -14.45 5.99
N LEU B 84 17.69 -15.65 6.04
CA LEU B 84 17.22 -16.76 5.23
C LEU B 84 15.78 -17.08 5.63
N VAL B 85 15.54 -17.18 6.93
CA VAL B 85 14.21 -17.49 7.44
C VAL B 85 13.18 -16.46 6.98
N LEU B 86 13.51 -15.18 7.13
CA LEU B 86 12.64 -14.09 6.73
C LEU B 86 12.28 -14.12 5.26
N THR B 87 13.30 -14.21 4.41
CA THR B 87 13.08 -14.21 2.97
C THR B 87 12.40 -15.48 2.45
N VAL B 88 12.85 -16.65 2.89
CA VAL B 88 12.24 -17.88 2.42
C VAL B 88 10.77 -17.98 2.82
N ARG B 89 10.46 -17.66 4.07
CA ARG B 89 9.07 -17.73 4.52
C ARG B 89 8.20 -16.68 3.82
N SER B 90 8.63 -15.42 3.88
CA SER B 90 7.88 -14.32 3.26
C SER B 90 7.59 -14.49 1.78
N ASN B 91 8.53 -15.06 1.04
CA ASN B 91 8.33 -15.23 -0.40
C ASN B 91 7.15 -16.10 -0.80
N LEU B 92 6.60 -16.86 0.15
CA LEU B 92 5.46 -17.71 -0.14
C LEU B 92 4.15 -16.92 -0.11
N ILE B 93 4.22 -15.66 0.33
CA ILE B 93 3.02 -14.82 0.41
C ILE B 93 3.04 -13.78 -0.71
N PRO B 94 2.02 -13.82 -1.59
CA PRO B 94 1.98 -12.85 -2.69
C PRO B 94 1.85 -11.40 -2.21
N SER B 95 2.65 -10.53 -2.81
CA SER B 95 2.65 -9.12 -2.47
C SER B 95 3.07 -8.34 -3.71
N PRO B 96 2.19 -7.48 -4.25
CA PRO B 96 0.83 -7.18 -3.79
C PRO B 96 -0.10 -8.39 -3.73
N PRO B 97 -1.15 -8.32 -2.88
CA PRO B 97 -2.12 -9.40 -2.71
C PRO B 97 -2.88 -9.76 -3.97
N THR B 98 -3.35 -10.99 -4.03
CA THR B 98 -4.05 -11.46 -5.22
C THR B 98 -5.58 -11.50 -5.17
N TYR B 99 -6.13 -12.57 -4.60
CA TYR B 99 -7.58 -12.78 -4.57
C TYR B 99 -8.31 -12.41 -3.29
N ASN B 100 -9.64 -12.36 -3.38
CA ASN B 100 -10.49 -12.09 -2.22
C ASN B 100 -11.78 -12.89 -2.39
N ILE B 101 -12.69 -12.80 -1.42
CA ILE B 101 -13.93 -13.56 -1.49
C ILE B 101 -14.77 -13.32 -2.75
N ALA B 102 -14.61 -12.15 -3.38
CA ALA B 102 -15.39 -11.87 -4.58
C ALA B 102 -14.68 -12.19 -5.88
N HIS B 103 -13.35 -12.05 -5.88
CA HIS B 103 -12.59 -12.31 -7.10
C HIS B 103 -11.54 -13.39 -7.01
N ASP B 104 -11.73 -14.49 -7.75
CA ASP B 104 -10.74 -15.55 -7.78
C ASP B 104 -9.76 -15.29 -8.91
N TYR B 105 -9.38 -14.03 -9.04
CA TYR B 105 -8.43 -13.58 -10.07
C TYR B 105 -7.95 -12.20 -9.65
N ILE B 106 -6.83 -11.76 -10.20
CA ILE B 106 -6.31 -10.46 -9.86
C ILE B 106 -7.23 -9.38 -10.46
N SER B 107 -7.46 -8.30 -9.71
CA SER B 107 -8.31 -7.22 -10.17
C SER B 107 -7.94 -5.95 -9.44
N TRP B 108 -8.27 -4.80 -10.01
CA TRP B 108 -7.95 -3.54 -9.36
C TRP B 108 -8.74 -3.40 -8.06
N GLU B 109 -9.95 -3.96 -8.04
CA GLU B 109 -10.80 -3.90 -6.85
C GLU B 109 -10.21 -4.72 -5.71
N SER B 110 -9.64 -5.88 -6.03
CA SER B 110 -9.04 -6.70 -4.98
C SER B 110 -7.82 -5.97 -4.43
N PHE B 111 -7.07 -5.33 -5.33
CA PHE B 111 -5.90 -4.59 -4.89
C PHE B 111 -6.25 -3.38 -4.03
N SER B 112 -7.28 -2.62 -4.43
CA SER B 112 -7.61 -1.40 -3.70
C SER B 112 -8.60 -1.42 -2.55
N ASN B 113 -9.59 -2.31 -2.57
CA ASN B 113 -10.58 -2.34 -1.50
C ASN B 113 -10.06 -3.14 -0.30
N VAL B 114 -9.58 -2.43 0.72
CA VAL B 114 -9.03 -3.08 1.90
C VAL B 114 -10.04 -3.60 2.92
N SER B 115 -11.32 -3.48 2.62
CA SER B 115 -12.34 -4.01 3.52
C SER B 115 -12.39 -5.52 3.35
N TYR B 116 -11.72 -6.01 2.30
CA TYR B 116 -11.66 -7.45 2.01
C TYR B 116 -10.42 -8.10 2.61
N TYR B 117 -10.58 -9.31 3.14
CA TYR B 117 -9.43 -10.08 3.58
C TYR B 117 -8.94 -10.61 2.23
N THR B 118 -7.65 -10.90 2.10
CA THR B 118 -7.21 -11.46 0.81
C THR B 118 -7.24 -12.98 1.02
N ARG B 119 -6.81 -13.74 0.02
CA ARG B 119 -6.72 -15.18 0.15
C ARG B 119 -5.57 -15.67 -0.71
N ILE B 120 -4.95 -16.77 -0.28
CA ILE B 120 -3.79 -17.33 -0.98
C ILE B 120 -4.17 -18.23 -2.14
N LEU B 121 -5.12 -19.13 -1.91
CA LEU B 121 -5.59 -20.02 -2.97
C LEU B 121 -6.99 -19.56 -3.33
N PRO B 122 -7.35 -19.63 -4.62
CA PRO B 122 -8.70 -19.21 -4.99
C PRO B 122 -9.71 -20.15 -4.37
N SER B 123 -10.98 -19.78 -4.37
CA SER B 123 -12.00 -20.63 -3.76
C SER B 123 -12.27 -21.88 -4.59
N VAL B 124 -13.02 -22.81 -4.02
CA VAL B 124 -13.40 -24.00 -4.76
C VAL B 124 -14.47 -23.46 -5.70
N PRO B 125 -14.29 -23.60 -7.02
CA PRO B 125 -15.30 -23.08 -7.94
C PRO B 125 -16.71 -23.52 -7.53
N ARG B 126 -17.66 -22.61 -7.62
CA ARG B 126 -19.03 -22.90 -7.23
C ARG B 126 -19.69 -24.02 -8.05
N ASP B 127 -19.23 -24.23 -9.27
CA ASP B 127 -19.83 -25.27 -10.12
C ASP B 127 -19.15 -26.64 -10.02
N CYS B 128 -18.32 -26.86 -9.02
CA CYS B 128 -17.64 -28.15 -8.88
C CYS B 128 -18.61 -29.26 -8.43
N PRO B 129 -18.28 -30.51 -8.78
CA PRO B 129 -19.08 -31.71 -8.44
C PRO B 129 -19.26 -31.90 -6.95
N THR B 130 -18.22 -31.65 -6.18
CA THR B 130 -18.30 -31.81 -4.72
C THR B 130 -17.92 -30.50 -4.05
N PRO B 131 -18.29 -30.35 -2.76
CA PRO B 131 -17.98 -29.14 -2.00
C PRO B 131 -16.48 -28.80 -1.98
N MET B 132 -15.64 -29.83 -2.03
CA MET B 132 -14.19 -29.62 -1.99
C MET B 132 -13.50 -29.67 -3.34
N GLY B 133 -14.26 -29.82 -4.41
CA GLY B 133 -13.68 -29.88 -5.75
C GLY B 133 -14.26 -31.08 -6.49
N THR B 134 -13.55 -32.20 -6.46
CA THR B 134 -14.02 -33.42 -7.13
C THR B 134 -13.95 -34.61 -6.18
N LYS B 135 -13.30 -34.43 -5.03
CA LYS B 135 -13.15 -35.53 -4.07
C LYS B 135 -14.10 -35.40 -2.88
N GLY B 136 -14.28 -36.51 -2.17
CA GLY B 136 -15.17 -36.50 -1.02
C GLY B 136 -16.62 -36.75 -1.39
N LYS B 137 -17.51 -36.56 -0.42
CA LYS B 137 -18.94 -36.78 -0.61
C LYS B 137 -19.66 -35.51 -1.04
N LYS B 138 -20.90 -35.65 -1.48
CA LYS B 138 -21.70 -34.53 -1.92
C LYS B 138 -21.97 -33.55 -0.77
N GLN B 139 -21.90 -34.06 0.45
CA GLN B 139 -22.12 -33.22 1.63
C GLN B 139 -21.01 -33.42 2.66
N LEU B 140 -20.48 -32.32 3.17
CA LEU B 140 -19.41 -32.36 4.17
C LEU B 140 -19.94 -32.79 5.53
N PRO B 141 -19.06 -33.27 6.41
CA PRO B 141 -19.48 -33.72 7.74
C PRO B 141 -20.09 -32.57 8.54
N ASP B 142 -21.07 -32.89 9.38
CA ASP B 142 -21.72 -31.89 10.21
C ASP B 142 -20.65 -31.19 11.07
N ALA B 143 -20.57 -29.86 10.97
CA ALA B 143 -19.58 -29.09 11.71
C ALA B 143 -19.63 -29.32 13.22
N GLU B 144 -20.84 -29.40 13.76
CA GLU B 144 -21.04 -29.63 15.18
C GLU B 144 -20.50 -31.00 15.61
N PHE B 145 -20.86 -32.03 14.86
CA PHE B 145 -20.42 -33.40 15.15
C PHE B 145 -18.90 -33.50 15.06
N LEU B 146 -18.35 -32.93 14.00
CA LEU B 146 -16.92 -32.94 13.78
C LEU B 146 -16.21 -32.31 14.99
N SER B 147 -16.76 -31.21 15.49
CA SER B 147 -16.18 -30.52 16.65
C SER B 147 -16.30 -31.32 17.94
N ARG B 148 -17.48 -31.86 18.18
CA ARG B 148 -17.73 -32.66 19.39
C ARG B 148 -16.81 -33.88 19.41
N ARG B 149 -16.75 -34.58 18.29
CA ARG B 149 -15.95 -35.80 18.16
C ARG B 149 -14.44 -35.65 18.22
N PHE B 150 -13.90 -34.66 17.49
CA PHE B 150 -12.46 -34.51 17.42
C PHE B 150 -11.80 -33.27 18.04
N LEU B 151 -12.56 -32.24 18.37
CA LEU B 151 -11.96 -31.03 18.93
C LEU B 151 -12.30 -30.74 20.39
N LEU B 152 -13.41 -31.29 20.87
CA LEU B 152 -13.86 -31.08 22.24
C LEU B 152 -12.87 -31.65 23.26
N ARG B 153 -12.55 -30.86 24.27
CA ARG B 153 -11.63 -31.31 25.30
C ARG B 153 -12.29 -32.31 26.25
N ARG B 154 -11.57 -33.37 26.57
CA ARG B 154 -12.06 -34.38 27.50
C ARG B 154 -11.28 -34.04 28.77
N LYS B 155 -9.97 -34.21 28.71
CA LYS B 155 -9.12 -33.90 29.85
C LYS B 155 -8.09 -32.88 29.35
N PHE B 156 -7.85 -31.82 30.12
CA PHE B 156 -6.90 -30.78 29.73
C PHE B 156 -5.53 -31.33 29.39
N ILE B 157 -5.01 -30.92 28.23
CA ILE B 157 -3.70 -31.35 27.79
C ILE B 157 -2.80 -30.11 27.78
N PRO B 158 -1.88 -30.02 28.74
CA PRO B 158 -1.00 -28.84 28.78
C PRO B 158 -0.02 -28.82 27.62
N ASP B 159 0.42 -27.63 27.24
CA ASP B 159 1.38 -27.51 26.15
C ASP B 159 2.72 -28.02 26.68
N PRO B 160 3.33 -28.98 25.99
CA PRO B 160 4.62 -29.51 26.44
C PRO B 160 5.75 -28.48 26.42
N GLN B 161 5.63 -27.46 25.58
CA GLN B 161 6.66 -26.42 25.49
C GLN B 161 6.63 -25.45 26.67
N GLY B 162 5.69 -25.65 27.59
CA GLY B 162 5.60 -24.79 28.76
C GLY B 162 4.96 -23.42 28.56
N THR B 163 4.27 -23.24 27.44
CA THR B 163 3.59 -21.98 27.16
C THR B 163 2.54 -21.73 28.25
N ASN B 164 2.36 -20.47 28.63
CA ASN B 164 1.40 -20.11 29.68
C ASN B 164 0.25 -19.22 29.21
N LEU B 165 -0.59 -18.79 30.15
CA LEU B 165 -1.72 -17.94 29.80
C LEU B 165 -1.29 -16.50 29.49
N MET B 166 -0.15 -16.08 30.03
CA MET B 166 0.34 -14.75 29.76
C MET B 166 0.57 -14.68 28.24
N PHE B 167 1.06 -15.78 27.69
CA PHE B 167 1.30 -15.90 26.25
C PHE B 167 -0.04 -15.96 25.52
N ALA B 168 -0.93 -16.83 26.00
CA ALA B 168 -2.24 -17.03 25.38
C ALA B 168 -3.00 -15.70 25.25
N PHE B 169 -3.02 -14.91 26.32
CA PHE B 169 -3.73 -13.62 26.25
C PHE B 169 -3.00 -12.61 25.38
N PHE B 170 -1.68 -12.74 25.28
CA PHE B 170 -0.92 -11.82 24.44
C PHE B 170 -1.34 -12.11 23.00
N ALA B 171 -1.36 -13.40 22.65
CA ALA B 171 -1.76 -13.82 21.32
C ALA B 171 -3.16 -13.32 20.96
N GLN B 172 -4.10 -13.47 21.89
CA GLN B 172 -5.45 -13.01 21.62
C GLN B 172 -5.49 -11.50 21.47
N HIS B 173 -4.84 -10.79 22.38
CA HIS B 173 -4.80 -9.33 22.34
C HIS B 173 -4.16 -8.86 21.03
N PHE B 174 -2.96 -9.36 20.76
CA PHE B 174 -2.18 -9.03 19.57
C PHE B 174 -2.90 -9.29 18.25
N THR B 175 -3.45 -10.49 18.07
CA THR B 175 -4.14 -10.83 16.82
C THR B 175 -5.43 -10.04 16.60
N HIS B 176 -6.07 -9.61 17.68
CA HIS B 176 -7.32 -8.88 17.52
C HIS B 176 -7.18 -7.47 16.95
N GLN B 177 -5.96 -7.06 16.65
CA GLN B 177 -5.75 -5.76 16.05
C GLN B 177 -5.85 -5.93 14.53
N PHE B 178 -5.61 -7.16 14.03
CA PHE B 178 -5.72 -7.36 12.58
C PHE B 178 -6.78 -8.39 12.12
N PHE B 179 -7.44 -9.02 13.09
CA PHE B 179 -8.53 -9.94 12.76
C PHE B 179 -9.77 -9.29 13.39
N LYS B 180 -10.61 -8.68 12.56
CA LYS B 180 -11.83 -8.03 13.00
C LYS B 180 -12.90 -8.20 11.92
N THR B 181 -13.36 -9.43 11.78
CA THR B 181 -14.35 -9.77 10.78
C THR B 181 -15.63 -8.97 10.98
N SER B 182 -16.09 -8.34 9.90
CA SER B 182 -17.29 -7.51 9.93
C SER B 182 -18.60 -8.28 10.01
N GLY B 183 -19.34 -8.06 11.08
CA GLY B 183 -20.62 -8.74 11.22
C GLY B 183 -21.58 -8.27 10.15
N LYS B 184 -21.62 -6.97 9.90
CA LYS B 184 -22.51 -6.40 8.90
C LYS B 184 -22.19 -6.80 7.46
N MET B 185 -20.93 -6.75 7.06
CA MET B 185 -20.56 -7.11 5.69
C MET B 185 -20.48 -8.62 5.47
N GLY B 186 -20.13 -9.37 6.51
CA GLY B 186 -20.06 -10.82 6.39
C GLY B 186 -18.68 -11.45 6.29
N PRO B 187 -18.63 -12.77 6.09
CA PRO B 187 -17.35 -13.48 5.98
C PRO B 187 -16.56 -12.89 4.82
N GLY B 188 -15.24 -12.86 4.96
CA GLY B 188 -14.40 -12.32 3.90
C GLY B 188 -14.15 -10.83 4.03
N PHE B 189 -14.81 -10.18 4.99
CA PHE B 189 -14.64 -8.74 5.19
C PHE B 189 -14.09 -8.41 6.58
N THR B 190 -13.25 -7.37 6.64
CA THR B 190 -12.63 -6.96 7.89
C THR B 190 -12.79 -5.48 8.16
N LYS B 191 -12.73 -5.10 9.43
CA LYS B 191 -12.81 -3.69 9.81
C LYS B 191 -11.42 -3.22 10.22
N ALA B 192 -10.47 -4.15 10.31
CA ALA B 192 -9.11 -3.79 10.68
C ALA B 192 -8.37 -3.42 9.40
N LEU B 193 -8.65 -2.22 8.90
CA LEU B 193 -8.09 -1.75 7.64
C LEU B 193 -6.57 -1.56 7.66
N GLY B 194 -5.97 -1.63 8.84
CA GLY B 194 -4.52 -1.50 8.90
C GLY B 194 -3.86 -2.77 8.36
N HIS B 195 -4.59 -3.87 8.39
CA HIS B 195 -4.07 -5.15 7.90
C HIS B 195 -2.70 -5.52 8.47
N GLY B 196 -2.50 -5.29 9.76
CA GLY B 196 -1.22 -5.64 10.34
C GLY B 196 -1.03 -5.05 11.72
N VAL B 197 0.23 -4.84 12.09
CA VAL B 197 0.56 -4.29 13.40
C VAL B 197 0.51 -2.77 13.37
N ASP B 198 -0.70 -2.22 13.44
CA ASP B 198 -0.89 -0.77 13.44
C ASP B 198 -1.28 -0.34 14.84
N LEU B 199 -1.48 -1.32 15.71
CA LEU B 199 -1.89 -1.10 17.09
C LEU B 199 -3.26 -0.46 17.19
N GLY B 200 -4.12 -0.78 16.21
CA GLY B 200 -5.47 -0.25 16.21
C GLY B 200 -6.30 -0.77 17.38
N HIS B 201 -5.81 -1.81 18.05
CA HIS B 201 -6.52 -2.38 19.19
C HIS B 201 -6.24 -1.55 20.44
N ILE B 202 -5.34 -0.58 20.29
CA ILE B 202 -4.98 0.34 21.37
C ILE B 202 -5.50 1.72 21.02
N TYR B 203 -5.26 2.15 19.78
CA TYR B 203 -5.66 3.47 19.31
C TYR B 203 -6.97 3.56 18.54
N GLY B 204 -7.63 2.42 18.32
CA GLY B 204 -8.88 2.43 17.59
C GLY B 204 -8.64 2.16 16.11
N ASP B 205 -9.60 1.54 15.43
CA ASP B 205 -9.43 1.27 14.00
C ASP B 205 -9.90 2.42 13.11
N ASN B 206 -10.38 3.50 13.72
CA ASN B 206 -10.81 4.67 12.95
C ASN B 206 -10.45 5.96 13.69
N LEU B 207 -10.31 7.06 12.95
CA LEU B 207 -9.92 8.35 13.53
C LEU B 207 -10.80 8.93 14.62
N GLU B 208 -12.12 8.94 14.42
CA GLU B 208 -12.98 9.50 15.45
C GLU B 208 -12.87 8.76 16.77
N ARG B 209 -12.73 7.44 16.70
CA ARG B 209 -12.59 6.64 17.91
C ARG B 209 -11.26 7.00 18.59
N GLN B 210 -10.20 7.12 17.80
CA GLN B 210 -8.89 7.49 18.33
C GLN B 210 -9.01 8.82 19.06
N TYR B 211 -9.69 9.77 18.44
CA TYR B 211 -9.85 11.10 19.04
C TYR B 211 -10.62 11.07 20.36
N GLN B 212 -11.55 10.13 20.50
CA GLN B 212 -12.32 9.99 21.73
C GLN B 212 -11.44 9.40 22.84
N LEU B 213 -10.47 8.58 22.45
CA LEU B 213 -9.56 7.93 23.40
C LEU B 213 -8.37 8.80 23.81
N ARG B 214 -8.06 9.81 23.01
CA ARG B 214 -6.93 10.69 23.29
C ARG B 214 -7.23 11.81 24.28
N LEU B 215 -6.23 12.15 25.09
CA LEU B 215 -6.35 13.21 26.09
C LEU B 215 -6.17 14.55 25.39
N PHE B 216 -5.36 14.53 24.34
CA PHE B 216 -5.03 15.72 23.56
C PHE B 216 -4.19 16.68 24.37
N LYS B 217 -3.39 16.10 25.26
CA LYS B 217 -2.48 16.83 26.11
C LYS B 217 -1.25 15.94 26.25
N ASP B 218 -0.07 16.50 25.97
CA ASP B 218 1.18 15.76 26.11
C ASP B 218 1.24 14.50 25.27
N GLY B 219 0.39 14.41 24.25
CA GLY B 219 0.36 13.26 23.36
C GLY B 219 -0.23 12.00 23.97
N LYS B 220 -0.77 12.14 25.18
CA LYS B 220 -1.31 11.00 25.91
C LYS B 220 -2.71 10.49 25.62
N LEU B 221 -2.98 9.32 26.17
CA LEU B 221 -4.27 8.65 26.06
C LEU B 221 -5.01 8.94 27.36
N LYS B 222 -6.33 9.07 27.30
CA LYS B 222 -7.12 9.30 28.52
C LYS B 222 -6.97 8.09 29.42
N TYR B 223 -7.21 8.29 30.71
CA TYR B 223 -7.09 7.21 31.67
C TYR B 223 -7.84 7.61 32.94
N GLN B 224 -7.91 6.69 33.89
CA GLN B 224 -8.56 6.98 35.16
C GLN B 224 -7.72 6.36 36.26
N MET B 225 -7.87 6.88 37.48
CA MET B 225 -7.12 6.36 38.61
C MET B 225 -8.05 5.54 39.49
N LEU B 226 -7.63 4.33 39.82
CA LEU B 226 -8.40 3.44 40.68
C LEU B 226 -7.41 2.75 41.60
N ASN B 227 -7.61 2.90 42.90
CA ASN B 227 -6.73 2.32 43.91
C ASN B 227 -5.32 2.85 43.71
N GLY B 228 -5.23 4.09 43.24
CA GLY B 228 -3.94 4.72 43.01
C GLY B 228 -3.23 4.17 41.79
N GLU B 229 -3.94 3.40 40.98
CA GLU B 229 -3.36 2.80 39.78
C GLU B 229 -3.97 3.37 38.50
N VAL B 230 -3.20 3.35 37.42
CA VAL B 230 -3.66 3.86 36.13
C VAL B 230 -4.37 2.78 35.31
N TYR B 231 -5.57 3.08 34.85
CA TYR B 231 -6.34 2.16 34.02
C TYR B 231 -7.01 2.91 32.88
N PRO B 232 -7.49 2.19 31.85
CA PRO B 232 -8.15 2.85 30.73
C PRO B 232 -9.35 3.59 31.30
N PRO B 233 -9.78 4.69 30.65
CA PRO B 233 -10.91 5.46 31.15
C PRO B 233 -12.23 4.72 30.94
N SER B 234 -13.30 5.20 31.58
CA SER B 234 -14.60 4.57 31.42
C SER B 234 -15.27 5.13 30.16
N VAL B 235 -16.29 4.43 29.69
CA VAL B 235 -17.01 4.86 28.50
C VAL B 235 -17.67 6.22 28.70
N GLU B 236 -17.83 6.64 29.96
CA GLU B 236 -18.43 7.94 30.24
C GLU B 236 -17.47 9.06 29.86
N GLU B 237 -16.18 8.89 30.19
CA GLU B 237 -15.18 9.91 29.87
C GLU B 237 -14.69 9.78 28.44
N ALA B 238 -14.71 8.56 27.91
CA ALA B 238 -14.29 8.30 26.53
C ALA B 238 -15.45 7.60 25.83
N PRO B 239 -16.44 8.40 25.37
CA PRO B 239 -17.66 7.97 24.66
C PRO B 239 -17.33 7.16 23.42
N VAL B 240 -16.98 5.90 23.62
CA VAL B 240 -16.61 5.01 22.54
C VAL B 240 -17.45 3.73 22.61
N LEU B 241 -17.78 3.16 21.46
CA LEU B 241 -18.57 1.94 21.40
C LEU B 241 -17.78 0.76 21.95
N MET B 242 -18.32 0.08 22.97
CA MET B 242 -17.69 -1.09 23.56
C MET B 242 -18.74 -2.19 23.62
N HIS B 243 -18.33 -3.43 23.34
CA HIS B 243 -19.28 -4.53 23.39
C HIS B 243 -19.37 -5.13 24.78
N TYR B 244 -20.36 -4.66 25.54
CA TYR B 244 -20.60 -5.15 26.88
C TYR B 244 -22.04 -5.66 26.93
N PRO B 245 -22.31 -6.64 27.78
CA PRO B 245 -23.68 -7.16 27.86
C PRO B 245 -24.63 -6.04 28.31
N ARG B 246 -25.82 -6.01 27.72
CA ARG B 246 -26.80 -5.00 28.10
C ARG B 246 -27.05 -5.14 29.59
N GLY B 247 -27.15 -4.02 30.30
CA GLY B 247 -27.39 -4.06 31.73
C GLY B 247 -26.19 -3.69 32.57
N ILE B 248 -25.03 -3.55 31.94
CA ILE B 248 -23.82 -3.17 32.67
C ILE B 248 -23.69 -1.66 32.67
N PRO B 249 -23.62 -1.05 33.87
CA PRO B 249 -23.50 0.40 33.99
C PRO B 249 -22.28 0.96 33.24
N PRO B 250 -22.45 2.10 32.55
CA PRO B 250 -21.38 2.74 31.78
C PRO B 250 -20.09 2.99 32.57
N GLN B 251 -20.24 3.36 33.84
CA GLN B 251 -19.10 3.62 34.70
C GLN B 251 -18.24 2.36 34.92
N SER B 252 -18.83 1.19 34.69
CA SER B 252 -18.11 -0.06 34.88
C SER B 252 -17.50 -0.56 33.56
N GLN B 253 -17.72 0.19 32.49
CA GLN B 253 -17.20 -0.18 31.18
C GLN B 253 -15.93 0.61 30.88
N MET B 254 -14.87 -0.10 30.52
CA MET B 254 -13.62 0.58 30.18
C MET B 254 -13.57 0.78 28.67
N ALA B 255 -13.02 1.92 28.26
CA ALA B 255 -12.91 2.25 26.84
C ALA B 255 -11.48 2.06 26.33
N VAL B 256 -11.32 1.18 25.35
CA VAL B 256 -10.02 0.91 24.74
C VAL B 256 -10.17 0.81 23.23
N GLY B 257 -9.04 0.74 22.54
CA GLY B 257 -9.07 0.67 21.09
C GLY B 257 -9.94 -0.41 20.48
N GLN B 258 -9.88 -1.62 21.03
CA GLN B 258 -10.66 -2.75 20.53
C GLN B 258 -11.97 -2.93 21.31
N GLU B 259 -13.10 -2.82 20.60
CA GLU B 259 -14.43 -2.91 21.20
C GLU B 259 -14.76 -4.19 21.96
N VAL B 260 -14.08 -5.30 21.68
CA VAL B 260 -14.41 -6.54 22.37
C VAL B 260 -13.55 -6.88 23.57
N PHE B 261 -12.59 -6.03 23.91
CA PHE B 261 -11.69 -6.33 25.02
C PHE B 261 -12.29 -6.37 26.42
N GLY B 262 -13.56 -5.98 26.54
CA GLY B 262 -14.20 -6.04 27.85
C GLY B 262 -14.60 -7.47 28.13
N LEU B 263 -14.51 -8.31 27.11
CA LEU B 263 -14.84 -9.73 27.21
C LEU B 263 -14.05 -10.51 28.24
N LEU B 264 -12.76 -10.20 28.37
CA LEU B 264 -11.88 -10.92 29.28
C LEU B 264 -10.89 -10.04 30.03
N PRO B 265 -10.69 -10.30 31.34
CA PRO B 265 -9.76 -9.51 32.13
C PRO B 265 -8.35 -9.63 31.53
N GLY B 266 -8.09 -10.78 30.91
CA GLY B 266 -6.79 -11.01 30.30
C GLY B 266 -6.53 -10.05 29.15
N LEU B 267 -7.60 -9.65 28.48
CA LEU B 267 -7.50 -8.73 27.35
C LEU B 267 -7.35 -7.29 27.87
N MET B 268 -8.17 -6.94 28.86
CA MET B 268 -8.12 -5.59 29.42
C MET B 268 -6.80 -5.38 30.15
N LEU B 269 -6.21 -6.48 30.62
CA LEU B 269 -4.93 -6.42 31.31
C LEU B 269 -3.87 -5.87 30.33
N TYR B 270 -3.81 -6.45 29.13
CA TYR B 270 -2.84 -5.99 28.15
C TYR B 270 -3.16 -4.59 27.65
N ALA B 271 -4.44 -4.25 27.58
CA ALA B 271 -4.85 -2.93 27.15
C ALA B 271 -4.32 -1.90 28.16
N THR B 272 -4.33 -2.28 29.43
CA THR B 272 -3.85 -1.40 30.49
C THR B 272 -2.34 -1.25 30.43
N ILE B 273 -1.64 -2.35 30.24
CA ILE B 273 -0.19 -2.32 30.15
C ILE B 273 0.27 -1.43 28.99
N TRP B 274 -0.29 -1.65 27.81
CA TRP B 274 0.09 -0.85 26.65
C TRP B 274 -0.30 0.63 26.77
N LEU B 275 -1.44 0.90 27.40
CA LEU B 275 -1.85 2.29 27.58
C LEU B 275 -0.84 2.97 28.48
N ARG B 276 -0.44 2.28 29.55
CA ARG B 276 0.54 2.82 30.47
C ARG B 276 1.88 3.05 29.74
N GLU B 277 2.27 2.11 28.89
CA GLU B 277 3.51 2.25 28.12
C GLU B 277 3.44 3.48 27.20
N HIS B 278 2.31 3.66 26.52
CA HIS B 278 2.16 4.81 25.62
C HIS B 278 2.43 6.12 26.37
N ASN B 279 1.74 6.29 27.49
CA ASN B 279 1.91 7.50 28.29
C ASN B 279 3.31 7.64 28.88
N ARG B 280 3.94 6.53 29.20
CA ARG B 280 5.31 6.55 29.75
C ARG B 280 6.25 7.09 28.65
N VAL B 281 6.06 6.62 27.43
CA VAL B 281 6.87 7.05 26.30
C VAL B 281 6.63 8.52 26.00
N CYS B 282 5.39 8.97 26.12
CA CYS B 282 5.08 10.38 25.88
C CYS B 282 5.91 11.24 26.83
N ASP B 283 6.07 10.77 28.07
CA ASP B 283 6.86 11.48 29.08
C ASP B 283 8.33 11.57 28.66
N LEU B 284 8.88 10.46 28.20
CA LEU B 284 10.28 10.43 27.76
C LEU B 284 10.52 11.34 26.56
N LEU B 285 9.57 11.36 25.64
CA LEU B 285 9.66 12.17 24.44
C LEU B 285 9.65 13.66 24.78
N LYS B 286 8.71 14.07 25.63
CA LYS B 286 8.59 15.46 26.03
C LYS B 286 9.86 16.00 26.69
N ALA B 287 10.53 15.15 27.46
CA ALA B 287 11.76 15.55 28.13
C ALA B 287 12.83 15.87 27.09
N GLU B 288 12.80 15.13 25.99
CA GLU B 288 13.75 15.29 24.90
C GLU B 288 13.34 16.42 23.95
N HIS B 289 12.02 16.58 23.77
CA HIS B 289 11.49 17.59 22.85
C HIS B 289 10.44 18.50 23.46
N PRO B 290 10.87 19.49 24.28
CA PRO B 290 9.91 20.41 24.90
C PRO B 290 9.10 21.27 23.93
N THR B 291 9.58 21.44 22.71
CA THR B 291 8.86 22.26 21.73
C THR B 291 7.75 21.52 21.00
N TRP B 292 7.75 20.19 21.09
CA TRP B 292 6.72 19.40 20.42
C TRP B 292 5.32 19.60 20.95
N GLY B 293 4.34 19.52 20.07
CA GLY B 293 2.95 19.66 20.45
C GLY B 293 2.37 18.28 20.71
N ASP B 294 1.13 18.24 21.19
CA ASP B 294 0.43 16.99 21.50
C ASP B 294 0.40 16.01 20.33
N GLU B 295 0.09 16.50 19.13
CA GLU B 295 0.03 15.65 17.95
C GLU B 295 1.30 14.85 17.69
N GLN B 296 2.42 15.54 17.55
CA GLN B 296 3.68 14.85 17.29
C GLN B 296 4.06 13.88 18.40
N LEU B 297 3.80 14.29 19.65
CA LEU B 297 4.10 13.41 20.78
C LEU B 297 3.29 12.11 20.64
N PHE B 298 2.00 12.25 20.37
CA PHE B 298 1.13 11.09 20.20
C PHE B 298 1.56 10.19 19.05
N GLN B 299 1.78 10.78 17.88
CA GLN B 299 2.18 10.01 16.71
C GLN B 299 3.51 9.30 16.90
N THR B 300 4.48 10.00 17.48
CA THR B 300 5.80 9.40 17.69
C THR B 300 5.76 8.25 18.70
N ALA B 301 4.98 8.40 19.76
CA ALA B 301 4.86 7.35 20.76
C ALA B 301 4.22 6.11 20.11
N ARG B 302 3.23 6.33 19.24
CA ARG B 302 2.57 5.21 18.56
C ARG B 302 3.58 4.42 17.73
N LEU B 303 4.45 5.13 17.02
CA LEU B 303 5.46 4.45 16.19
C LEU B 303 6.39 3.63 17.07
N ILE B 304 6.76 4.19 18.22
CA ILE B 304 7.64 3.49 19.16
C ILE B 304 6.96 2.21 19.67
N LEU B 305 5.68 2.31 20.03
CA LEU B 305 4.98 1.12 20.52
C LEU B 305 4.83 0.06 19.42
N ILE B 306 4.68 0.50 18.17
CA ILE B 306 4.58 -0.44 17.09
C ILE B 306 5.90 -1.22 17.02
N GLY B 307 7.02 -0.50 17.11
CA GLY B 307 8.31 -1.15 17.08
C GLY B 307 8.53 -2.06 18.28
N GLU B 308 8.12 -1.61 19.46
CA GLU B 308 8.28 -2.44 20.64
C GLU B 308 7.49 -3.72 20.49
N THR B 309 6.30 -3.62 19.89
CA THR B 309 5.46 -4.79 19.67
C THR B 309 6.11 -5.79 18.72
N ILE B 310 6.59 -5.33 17.58
CA ILE B 310 7.22 -6.24 16.63
C ILE B 310 8.47 -6.88 17.24
N LYS B 311 9.24 -6.11 17.99
CA LYS B 311 10.45 -6.61 18.66
C LYS B 311 10.10 -7.78 19.59
N ILE B 312 9.14 -7.54 20.46
CA ILE B 312 8.73 -8.58 21.42
C ILE B 312 8.10 -9.79 20.73
N VAL B 313 7.30 -9.56 19.71
CA VAL B 313 6.67 -10.66 18.99
C VAL B 313 7.68 -11.60 18.36
N ILE B 314 8.70 -11.03 17.72
CA ILE B 314 9.70 -11.87 17.08
C ILE B 314 10.67 -12.54 18.04
N GLU B 315 11.24 -11.75 18.95
CA GLU B 315 12.24 -12.29 19.86
C GLU B 315 11.77 -13.03 21.11
N GLU B 316 10.49 -12.91 21.45
CA GLU B 316 10.00 -13.62 22.63
C GLU B 316 8.78 -14.48 22.35
N TYR B 317 7.81 -13.91 21.65
CA TYR B 317 6.56 -14.60 21.31
C TYR B 317 6.81 -15.75 20.32
N VAL B 318 7.36 -15.43 19.15
CA VAL B 318 7.64 -16.46 18.16
C VAL B 318 8.74 -17.40 18.66
N GLN B 319 9.65 -16.86 19.47
CA GLN B 319 10.73 -17.67 20.03
C GLN B 319 10.13 -18.79 20.89
N GLN B 320 9.21 -18.41 21.78
CA GLN B 320 8.56 -19.38 22.66
C GLN B 320 7.76 -20.41 21.86
N LEU B 321 7.02 -19.93 20.87
CA LEU B 321 6.20 -20.79 20.03
C LEU B 321 7.01 -21.79 19.21
N SER B 322 8.09 -21.32 18.59
CA SER B 322 8.91 -22.19 17.76
C SER B 322 9.73 -23.23 18.55
N GLY B 323 10.18 -22.85 19.74
CA GLY B 323 10.98 -23.76 20.54
C GLY B 323 12.39 -23.89 19.96
N TYR B 324 12.72 -23.02 19.00
CA TYR B 324 14.04 -23.06 18.35
C TYR B 324 15.20 -22.64 19.25
N PHE B 325 16.35 -23.24 19.01
CA PHE B 325 17.55 -22.91 19.78
C PHE B 325 18.26 -21.75 19.07
N LEU B 326 17.85 -21.51 17.83
CA LEU B 326 18.38 -20.40 17.07
C LEU B 326 17.75 -19.17 17.72
N GLN B 327 18.57 -18.18 18.03
CA GLN B 327 18.06 -16.96 18.67
C GLN B 327 17.52 -16.02 17.59
N LEU B 328 16.20 -15.97 17.47
CA LEU B 328 15.54 -15.12 16.47
C LEU B 328 15.89 -13.66 16.71
N LYS B 329 15.83 -12.87 15.65
CA LYS B 329 16.21 -11.48 15.77
C LYS B 329 15.35 -10.53 14.95
N PHE B 330 14.92 -9.44 15.59
CA PHE B 330 14.15 -8.44 14.87
C PHE B 330 15.14 -7.37 14.46
N ASP B 331 15.47 -7.35 13.17
CA ASP B 331 16.39 -6.36 12.65
C ASP B 331 16.06 -6.07 11.20
N PRO B 332 15.31 -4.99 10.94
CA PRO B 332 14.89 -4.57 9.61
C PRO B 332 16.05 -4.51 8.61
N GLU B 333 17.25 -4.18 9.09
CA GLU B 333 18.40 -4.07 8.20
C GLU B 333 18.76 -5.39 7.52
N LEU B 334 18.34 -6.50 8.10
CA LEU B 334 18.63 -7.81 7.50
C LEU B 334 18.02 -7.88 6.10
N LEU B 335 16.99 -7.09 5.85
CA LEU B 335 16.31 -7.12 4.55
C LEU B 335 16.64 -5.98 3.59
N PHE B 336 17.47 -5.04 4.01
CA PHE B 336 17.82 -3.89 3.16
C PHE B 336 18.59 -4.27 1.89
N GLY B 337 19.13 -5.48 1.86
CA GLY B 337 19.87 -5.88 0.67
C GLY B 337 19.08 -6.83 -0.20
N ALA B 338 17.82 -7.07 0.17
CA ALA B 338 16.97 -7.98 -0.57
C ALA B 338 15.74 -7.31 -1.18
N GLN B 339 15.08 -8.03 -2.07
CA GLN B 339 13.87 -7.56 -2.72
C GLN B 339 12.72 -7.95 -1.77
N PHE B 340 12.01 -6.94 -1.28
CA PHE B 340 10.93 -7.18 -0.33
C PHE B 340 9.95 -6.01 -0.38
N GLN B 341 8.66 -6.32 -0.37
CA GLN B 341 7.62 -5.28 -0.39
C GLN B 341 7.14 -4.98 1.03
N TYR B 342 7.26 -3.72 1.44
CA TYR B 342 6.82 -3.34 2.78
C TYR B 342 5.32 -3.05 2.80
N ARG B 343 4.54 -4.11 2.61
CA ARG B 343 3.09 -4.03 2.61
C ARG B 343 2.56 -5.38 3.06
N ASN B 344 1.36 -5.39 3.61
CA ASN B 344 0.74 -6.63 4.08
C ASN B 344 -0.76 -6.52 3.94
N ARG B 345 -1.41 -7.63 3.60
CA ARG B 345 -2.87 -7.69 3.47
C ARG B 345 -3.21 -8.98 4.19
N ILE B 346 -4.08 -8.91 5.18
CA ILE B 346 -4.45 -10.08 5.97
C ILE B 346 -5.27 -11.10 5.19
N ALA B 347 -4.81 -12.34 5.20
CA ALA B 347 -5.48 -13.42 4.49
C ALA B 347 -6.53 -14.13 5.35
N MET B 348 -7.63 -14.56 4.72
CA MET B 348 -8.69 -15.24 5.44
C MET B 348 -8.14 -16.55 6.01
N GLU B 349 -7.17 -17.17 5.33
CA GLU B 349 -6.61 -18.42 5.82
C GLU B 349 -5.78 -18.19 7.08
N PHE B 350 -5.14 -17.03 7.16
CA PHE B 350 -4.33 -16.68 8.33
C PHE B 350 -5.28 -16.53 9.52
N ASN B 351 -6.42 -15.90 9.27
CA ASN B 351 -7.43 -15.71 10.32
C ASN B 351 -7.84 -17.09 10.88
N GLN B 352 -8.22 -18.00 10.00
CA GLN B 352 -8.62 -19.35 10.39
C GLN B 352 -7.54 -20.07 11.20
N LEU B 353 -6.32 -20.08 10.66
CA LEU B 353 -5.19 -20.73 11.30
C LEU B 353 -4.91 -20.23 12.73
N TYR B 354 -5.21 -18.96 12.99
CA TYR B 354 -4.96 -18.38 14.30
C TYR B 354 -6.05 -18.58 15.38
N HIS B 355 -7.02 -19.44 15.13
CA HIS B 355 -8.05 -19.70 16.13
C HIS B 355 -7.44 -20.72 17.08
N TRP B 356 -6.62 -20.25 18.01
CA TRP B 356 -5.93 -21.11 18.96
C TRP B 356 -6.66 -21.33 20.27
N HIS B 357 -7.96 -21.57 20.19
CA HIS B 357 -8.76 -21.78 21.38
C HIS B 357 -8.31 -22.90 22.32
N PRO B 358 -7.60 -23.92 21.80
CA PRO B 358 -7.17 -24.97 22.73
C PRO B 358 -6.28 -24.43 23.85
N LEU B 359 -5.74 -23.22 23.66
CA LEU B 359 -4.86 -22.61 24.65
C LEU B 359 -5.57 -22.32 25.97
N MET B 360 -6.85 -22.02 25.91
CA MET B 360 -7.61 -21.70 27.11
C MET B 360 -7.77 -22.92 28.02
N PRO B 361 -7.57 -22.71 29.33
CA PRO B 361 -7.66 -23.73 30.39
C PRO B 361 -9.08 -24.10 30.81
N ASP B 362 -9.17 -24.97 31.80
CA ASP B 362 -10.45 -25.43 32.34
C ASP B 362 -11.04 -24.35 33.24
N SER B 363 -10.14 -23.63 33.93
CA SER B 363 -10.53 -22.55 34.83
C SER B 363 -9.32 -21.64 34.96
N PHE B 364 -9.50 -20.48 35.60
CA PHE B 364 -8.42 -19.51 35.74
C PHE B 364 -7.96 -19.33 37.18
N ARG B 365 -6.75 -19.80 37.45
CA ARG B 365 -6.17 -19.72 38.78
C ARG B 365 -5.43 -18.43 39.08
N VAL B 366 -5.87 -17.75 40.14
CA VAL B 366 -5.24 -16.51 40.57
C VAL B 366 -4.90 -16.71 42.05
N GLY B 367 -3.67 -17.11 42.32
CA GLY B 367 -3.27 -17.34 43.69
C GLY B 367 -4.03 -18.56 44.19
N PRO B 368 -4.56 -18.52 45.43
CA PRO B 368 -5.29 -19.67 45.97
C PRO B 368 -6.69 -19.82 45.39
N GLN B 369 -7.18 -18.77 44.73
CA GLN B 369 -8.51 -18.79 44.13
C GLN B 369 -8.55 -19.36 42.72
N ASP B 370 -9.60 -20.12 42.45
CA ASP B 370 -9.81 -20.72 41.14
C ASP B 370 -11.07 -20.09 40.58
N TYR B 371 -10.97 -19.45 39.43
CA TYR B 371 -12.13 -18.81 38.83
C TYR B 371 -12.66 -19.56 37.62
N SER B 372 -13.97 -19.75 37.59
CA SER B 372 -14.63 -20.45 36.50
C SER B 372 -14.81 -19.50 35.32
N TYR B 373 -15.23 -20.04 34.20
CA TYR B 373 -15.47 -19.24 33.01
C TYR B 373 -16.56 -18.19 33.30
N GLU B 374 -17.58 -18.57 34.07
CA GLU B 374 -18.66 -17.63 34.39
C GLU B 374 -18.20 -16.53 35.34
N GLN B 375 -17.11 -16.76 36.05
CA GLN B 375 -16.58 -15.77 36.97
C GLN B 375 -15.49 -14.93 36.29
N PHE B 376 -15.05 -15.39 35.13
CA PHE B 376 -13.99 -14.73 34.39
C PHE B 376 -14.50 -13.88 33.22
N LEU B 377 -15.26 -14.50 32.32
CA LEU B 377 -15.81 -13.79 31.16
C LEU B 377 -16.65 -12.58 31.56
N PHE B 378 -16.36 -11.45 30.90
CA PHE B 378 -17.06 -10.20 31.16
C PHE B 378 -17.04 -9.73 32.60
N ASN B 379 -16.04 -10.16 33.35
CA ASN B 379 -15.92 -9.72 34.72
C ASN B 379 -15.25 -8.35 34.66
N THR B 380 -15.99 -7.32 35.05
CA THR B 380 -15.48 -5.95 35.01
C THR B 380 -14.80 -5.43 36.28
N SER B 381 -14.56 -6.30 37.26
CA SER B 381 -13.91 -5.83 38.48
C SER B 381 -12.63 -6.57 38.83
N MET B 382 -12.44 -7.75 38.25
CA MET B 382 -11.26 -8.56 38.52
C MET B 382 -9.92 -7.87 38.27
N LEU B 383 -9.79 -7.19 37.13
CA LEU B 383 -8.54 -6.50 36.81
C LEU B 383 -8.18 -5.47 37.88
N VAL B 384 -9.16 -4.65 38.24
CA VAL B 384 -8.94 -3.62 39.26
C VAL B 384 -8.82 -4.23 40.67
N ASP B 385 -9.54 -5.32 40.94
CA ASP B 385 -9.45 -5.95 42.25
C ASP B 385 -8.02 -6.42 42.52
N TYR B 386 -7.45 -7.14 41.56
CA TYR B 386 -6.10 -7.68 41.71
C TYR B 386 -4.97 -6.76 41.26
N GLY B 387 -5.21 -5.93 40.26
CA GLY B 387 -4.17 -5.06 39.76
C GLY B 387 -3.35 -5.77 38.71
N VAL B 388 -2.59 -5.01 37.93
CA VAL B 388 -1.76 -5.56 36.85
C VAL B 388 -0.74 -6.63 37.27
N GLU B 389 0.12 -6.31 38.23
CA GLU B 389 1.15 -7.26 38.68
C GLU B 389 0.62 -8.62 39.10
N ALA B 390 -0.41 -8.61 39.93
CA ALA B 390 -1.00 -9.86 40.41
C ALA B 390 -1.52 -10.73 39.27
N LEU B 391 -2.20 -10.13 38.31
CA LEU B 391 -2.72 -10.91 37.18
C LEU B 391 -1.59 -11.39 36.27
N VAL B 392 -0.60 -10.54 36.01
CA VAL B 392 0.53 -10.95 35.18
C VAL B 392 1.21 -12.16 35.84
N ASP B 393 1.41 -12.09 37.15
CA ASP B 393 2.06 -13.18 37.85
C ASP B 393 1.26 -14.49 37.72
N ALA B 394 -0.04 -14.41 37.93
CA ALA B 394 -0.90 -15.59 37.83
C ALA B 394 -0.97 -16.17 36.42
N PHE B 395 -1.14 -15.30 35.42
CA PHE B 395 -1.20 -15.78 34.05
C PHE B 395 0.14 -16.33 33.57
N SER B 396 1.24 -15.80 34.11
CA SER B 396 2.56 -16.27 33.72
C SER B 396 2.85 -17.63 34.35
N ARG B 397 2.16 -17.96 35.43
CA ARG B 397 2.38 -19.23 36.10
C ARG B 397 1.47 -20.34 35.62
N GLN B 398 0.28 -20.00 35.13
CA GLN B 398 -0.63 -21.05 34.68
C GLN B 398 -0.37 -21.54 33.27
N PRO B 399 -0.20 -22.87 33.10
CA PRO B 399 0.04 -23.41 31.77
C PRO B 399 -1.16 -23.30 30.83
N ALA B 400 -0.86 -23.15 29.55
CA ALA B 400 -1.88 -23.04 28.51
C ALA B 400 -2.01 -24.43 27.90
N GLY B 401 -3.08 -24.66 27.14
CA GLY B 401 -3.27 -25.97 26.55
C GLY B 401 -2.54 -26.16 25.23
N ARG B 402 -2.25 -27.41 24.89
CA ARG B 402 -1.57 -27.71 23.64
C ARG B 402 -2.56 -27.38 22.51
N ILE B 403 -2.05 -26.79 21.44
CA ILE B 403 -2.90 -26.40 20.32
C ILE B 403 -3.23 -27.53 19.36
N GLY B 404 -2.22 -28.27 18.91
CA GLY B 404 -2.44 -29.36 17.97
C GLY B 404 -2.73 -30.68 18.66
N GLY B 405 -3.00 -31.71 17.86
CA GLY B 405 -3.27 -33.02 18.44
C GLY B 405 -4.73 -33.39 18.56
N GLY B 406 -5.61 -32.40 18.67
CA GLY B 406 -7.04 -32.67 18.77
C GLY B 406 -7.58 -32.81 20.19
N ARG B 407 -8.90 -32.78 20.31
CA ARG B 407 -9.60 -32.93 21.59
C ARG B 407 -9.04 -32.10 22.74
N ASN B 408 -8.87 -30.80 22.52
CA ASN B 408 -8.35 -29.96 23.59
C ASN B 408 -8.94 -28.56 23.66
N ILE B 409 -10.18 -28.42 23.18
CA ILE B 409 -10.88 -27.14 23.23
C ILE B 409 -11.96 -27.21 24.30
N ASP B 410 -11.84 -26.37 25.32
CA ASP B 410 -12.81 -26.34 26.40
C ASP B 410 -14.23 -26.21 25.85
N HIS B 411 -15.19 -26.92 26.46
CA HIS B 411 -16.57 -26.88 26.00
C HIS B 411 -17.20 -25.49 25.97
N HIS B 412 -16.74 -24.60 26.83
CA HIS B 412 -17.27 -23.23 26.88
C HIS B 412 -17.07 -22.45 25.57
N ILE B 413 -16.03 -22.79 24.82
CA ILE B 413 -15.78 -22.07 23.57
C ILE B 413 -15.73 -22.93 22.32
N LEU B 414 -16.19 -24.17 22.44
CA LEU B 414 -16.20 -25.08 21.30
C LEU B 414 -17.05 -24.52 20.16
N HIS B 415 -18.09 -23.75 20.50
CA HIS B 415 -18.96 -23.17 19.47
C HIS B 415 -18.19 -22.28 18.49
N VAL B 416 -17.03 -21.78 18.89
CA VAL B 416 -16.24 -20.94 17.99
C VAL B 416 -15.68 -21.78 16.86
N ALA B 417 -15.15 -22.96 17.21
CA ALA B 417 -14.60 -23.87 16.22
C ALA B 417 -15.68 -24.28 15.22
N VAL B 418 -16.88 -24.56 15.74
CA VAL B 418 -17.99 -24.94 14.89
C VAL B 418 -18.25 -23.86 13.85
N ASP B 419 -18.24 -22.60 14.28
CA ASP B 419 -18.48 -21.52 13.34
C ASP B 419 -17.31 -21.27 12.39
N VAL B 420 -16.10 -21.60 12.80
CA VAL B 420 -14.94 -21.41 11.93
C VAL B 420 -15.06 -22.40 10.77
N ILE B 421 -15.50 -23.62 11.09
CA ILE B 421 -15.67 -24.65 10.07
C ILE B 421 -16.80 -24.23 9.13
N LYS B 422 -17.90 -23.74 9.69
CA LYS B 422 -19.01 -23.31 8.87
C LYS B 422 -18.61 -22.15 7.97
N GLU B 423 -17.85 -21.20 8.49
CA GLU B 423 -17.45 -20.05 7.68
C GLU B 423 -16.45 -20.45 6.60
N SER B 424 -15.66 -21.49 6.86
CA SER B 424 -14.68 -21.99 5.91
C SER B 424 -15.42 -22.48 4.67
N ARG B 425 -16.60 -23.07 4.88
CA ARG B 425 -17.41 -23.59 3.79
C ARG B 425 -18.10 -22.45 3.04
N VAL B 426 -18.38 -21.36 3.74
CA VAL B 426 -18.98 -20.20 3.08
C VAL B 426 -17.90 -19.55 2.20
N LEU B 427 -16.69 -19.46 2.74
CA LEU B 427 -15.55 -18.88 2.01
C LEU B 427 -15.06 -19.83 0.90
N ARG B 428 -15.54 -21.07 0.96
CA ARG B 428 -15.16 -22.10 0.00
C ARG B 428 -13.65 -22.29 -0.08
N LEU B 429 -13.04 -22.49 1.09
CA LEU B 429 -11.60 -22.71 1.18
C LEU B 429 -11.27 -24.07 0.57
N GLN B 430 -10.18 -24.13 -0.18
CA GLN B 430 -9.76 -25.38 -0.80
C GLN B 430 -9.36 -26.38 0.25
N PRO B 431 -9.26 -27.67 -0.11
CA PRO B 431 -8.88 -28.68 0.87
C PRO B 431 -7.50 -28.51 1.49
N PHE B 432 -7.35 -29.04 2.69
CA PHE B 432 -6.10 -28.97 3.45
C PHE B 432 -4.90 -29.40 2.60
N ASN B 433 -5.03 -30.47 1.83
CA ASN B 433 -3.91 -30.92 1.01
C ASN B 433 -3.48 -29.93 -0.07
N GLU B 434 -4.41 -29.11 -0.56
CA GLU B 434 -4.04 -28.14 -1.57
C GLU B 434 -3.19 -27.06 -0.91
N TYR B 435 -3.54 -26.72 0.34
CA TYR B 435 -2.77 -25.73 1.07
C TYR B 435 -1.40 -26.29 1.45
N ARG B 436 -1.34 -27.60 1.70
CA ARG B 436 -0.06 -28.24 2.02
C ARG B 436 0.89 -27.98 0.85
N LYS B 437 0.41 -28.28 -0.35
CA LYS B 437 1.22 -28.08 -1.55
C LYS B 437 1.59 -26.62 -1.76
N ARG B 438 0.63 -25.72 -1.55
CA ARG B 438 0.90 -24.29 -1.70
C ARG B 438 1.99 -23.79 -0.75
N PHE B 439 2.16 -24.47 0.37
CA PHE B 439 3.17 -24.05 1.31
C PHE B 439 4.40 -24.95 1.35
N GLY B 440 4.63 -25.63 0.23
CA GLY B 440 5.81 -26.48 0.07
C GLY B 440 5.84 -27.87 0.66
N MET B 441 4.70 -28.42 1.05
CA MET B 441 4.66 -29.74 1.64
C MET B 441 3.96 -30.75 0.75
N LYS B 442 4.28 -32.02 0.94
CA LYS B 442 3.63 -33.09 0.18
C LYS B 442 2.27 -33.30 0.81
N PRO B 443 1.25 -33.59 -0.01
CA PRO B 443 -0.09 -33.82 0.55
C PRO B 443 -0.13 -35.14 1.33
N TYR B 444 -1.02 -35.24 2.31
CA TYR B 444 -1.14 -36.47 3.07
C TYR B 444 -1.83 -37.52 2.21
N THR B 445 -1.35 -38.75 2.27
CA THR B 445 -1.93 -39.83 1.48
C THR B 445 -3.04 -40.60 2.19
N SER B 446 -3.22 -40.33 3.47
CA SER B 446 -4.27 -41.01 4.25
C SER B 446 -4.49 -40.29 5.57
N PHE B 447 -5.58 -40.62 6.25
CA PHE B 447 -5.85 -40.00 7.53
C PHE B 447 -4.90 -40.50 8.61
N GLN B 448 -4.42 -41.73 8.46
CA GLN B 448 -3.49 -42.29 9.43
C GLN B 448 -2.16 -41.54 9.35
N GLU B 449 -1.79 -41.15 8.13
CA GLU B 449 -0.53 -40.42 7.96
C GLU B 449 -0.67 -39.05 8.63
N LEU B 450 -1.86 -38.48 8.55
CA LEU B 450 -2.17 -37.18 9.15
C LEU B 450 -2.12 -37.20 10.68
N THR B 451 -2.92 -38.07 11.28
CA THR B 451 -3.02 -38.17 12.73
C THR B 451 -1.90 -38.92 13.43
N GLY B 452 -1.26 -39.83 12.72
CA GLY B 452 -0.21 -40.61 13.34
C GLY B 452 -0.80 -41.73 14.19
N GLU B 453 -2.12 -41.86 14.18
CA GLU B 453 -2.78 -42.92 14.95
C GLU B 453 -3.84 -43.63 14.12
N LYS B 454 -4.58 -44.57 14.73
CA LYS B 454 -5.56 -45.33 13.98
C LYS B 454 -7.06 -45.13 14.21
N GLU B 455 -7.47 -44.96 15.46
CA GLU B 455 -8.89 -44.82 15.73
C GLU B 455 -9.56 -43.57 15.16
N MET B 456 -9.01 -42.39 15.44
CA MET B 456 -9.60 -41.16 14.91
C MET B 456 -9.52 -41.15 13.39
N ALA B 457 -8.38 -41.59 12.87
CA ALA B 457 -8.15 -41.63 11.43
C ALA B 457 -9.23 -42.43 10.72
N ALA B 458 -9.58 -43.59 11.27
CA ALA B 458 -10.61 -44.44 10.68
C ALA B 458 -11.95 -43.71 10.66
N GLU B 459 -12.28 -43.04 11.75
CA GLU B 459 -13.55 -42.32 11.80
C GLU B 459 -13.58 -41.13 10.84
N LEU B 460 -12.45 -40.43 10.70
CA LEU B 460 -12.37 -39.29 9.79
C LEU B 460 -12.53 -39.77 8.35
N GLU B 461 -11.90 -40.89 8.03
CA GLU B 461 -11.97 -41.45 6.69
C GLU B 461 -13.40 -41.82 6.34
N GLU B 462 -14.14 -42.29 7.33
CA GLU B 462 -15.54 -42.67 7.13
C GLU B 462 -16.37 -41.41 6.85
N LEU B 463 -16.16 -40.38 7.66
CA LEU B 463 -16.88 -39.12 7.53
C LEU B 463 -16.58 -38.33 6.25
N TYR B 464 -15.30 -38.15 5.96
CA TYR B 464 -14.86 -37.39 4.77
C TYR B 464 -14.79 -38.22 3.50
N GLY B 465 -14.57 -39.51 3.66
CA GLY B 465 -14.47 -40.39 2.51
C GLY B 465 -13.11 -40.36 1.81
N ASP B 466 -12.48 -39.19 1.76
CA ASP B 466 -11.19 -39.07 1.09
C ASP B 466 -10.29 -38.03 1.77
N ILE B 467 -9.02 -38.36 1.95
CA ILE B 467 -8.08 -37.45 2.60
C ILE B 467 -8.02 -36.11 1.84
N ASP B 468 -8.28 -36.14 0.54
CA ASP B 468 -8.24 -34.92 -0.26
C ASP B 468 -9.48 -34.05 -0.09
N ALA B 469 -10.39 -34.45 0.78
CA ALA B 469 -11.59 -33.67 1.05
C ALA B 469 -11.48 -33.03 2.44
N LEU B 470 -10.47 -33.44 3.21
CA LEU B 470 -10.25 -32.88 4.54
C LEU B 470 -10.13 -31.35 4.43
N GLU B 471 -10.82 -30.62 5.31
CA GLU B 471 -10.80 -29.17 5.28
C GLU B 471 -9.60 -28.53 6.00
N PHE B 472 -9.35 -27.27 5.67
CA PHE B 472 -8.23 -26.49 6.20
C PHE B 472 -8.08 -26.47 7.74
N TYR B 473 -9.03 -25.87 8.44
CA TYR B 473 -8.93 -25.78 9.89
C TYR B 473 -8.86 -27.14 10.59
N PRO B 474 -9.74 -28.08 10.24
CA PRO B 474 -9.69 -29.41 10.89
C PRO B 474 -8.34 -30.07 10.67
N GLY B 475 -7.79 -29.91 9.47
CA GLY B 475 -6.50 -30.50 9.18
C GLY B 475 -5.42 -29.93 10.07
N LEU B 476 -5.44 -28.61 10.25
CA LEU B 476 -4.45 -27.92 11.08
C LEU B 476 -4.48 -28.40 12.52
N LEU B 477 -5.69 -28.54 13.07
CA LEU B 477 -5.83 -28.98 14.46
C LEU B 477 -5.72 -30.47 14.71
N LEU B 478 -5.98 -31.29 13.70
CA LEU B 478 -5.90 -32.74 13.90
C LEU B 478 -4.57 -33.37 13.49
N GLU B 479 -3.72 -32.60 12.81
CA GLU B 479 -2.42 -33.10 12.39
C GLU B 479 -1.58 -33.47 13.62
N LYS B 480 -0.84 -34.55 13.52
CA LYS B 480 0.02 -34.97 14.64
C LYS B 480 1.04 -33.87 14.93
N CYS B 481 1.29 -33.61 16.21
CA CYS B 481 2.24 -32.59 16.60
C CYS B 481 3.69 -33.01 16.40
N HIS B 482 4.57 -32.02 16.31
CA HIS B 482 6.00 -32.30 16.21
C HIS B 482 6.29 -32.90 17.59
N PRO B 483 7.36 -33.68 17.73
CA PRO B 483 7.71 -34.29 19.03
C PRO B 483 7.78 -33.26 20.17
N ASN B 484 6.98 -33.49 21.21
CA ASN B 484 6.95 -32.60 22.37
C ASN B 484 6.68 -31.15 21.99
N SER B 485 5.93 -30.93 20.91
CA SER B 485 5.66 -29.57 20.47
C SER B 485 4.21 -29.15 20.68
N ILE B 486 3.99 -27.83 20.62
CA ILE B 486 2.66 -27.27 20.82
C ILE B 486 1.71 -27.59 19.65
N PHE B 487 2.26 -27.79 18.45
CA PHE B 487 1.41 -28.17 17.31
C PHE B 487 2.19 -28.83 16.17
N GLY B 488 1.49 -29.18 15.10
CA GLY B 488 2.11 -29.86 13.98
C GLY B 488 2.89 -29.00 13.01
N GLU B 489 3.53 -29.64 12.03
CA GLU B 489 4.34 -28.92 11.05
C GLU B 489 3.57 -27.93 10.19
N SER B 490 2.33 -28.25 9.83
CA SER B 490 1.55 -27.36 8.98
C SER B 490 1.29 -26.00 9.59
N MET B 491 1.02 -25.98 10.90
CA MET B 491 0.78 -24.73 11.59
C MET B 491 2.01 -23.84 11.43
N ILE B 492 3.19 -24.45 11.48
CA ILE B 492 4.44 -23.71 11.32
C ILE B 492 4.73 -23.36 9.87
N GLU B 493 4.70 -24.35 8.99
CA GLU B 493 4.98 -24.12 7.57
C GLU B 493 4.00 -23.18 6.88
N MET B 494 2.76 -23.12 7.38
CA MET B 494 1.75 -22.24 6.80
C MET B 494 1.66 -20.93 7.58
N GLY B 495 1.79 -21.00 8.89
CA GLY B 495 1.68 -19.82 9.71
C GLY B 495 2.87 -18.88 9.70
N ALA B 496 4.08 -19.44 9.62
CA ALA B 496 5.30 -18.63 9.62
C ALA B 496 5.31 -17.62 8.47
N PRO B 497 4.99 -18.07 7.25
CA PRO B 497 4.97 -17.14 6.12
C PRO B 497 4.06 -15.94 6.39
N PHE B 498 2.83 -16.19 6.85
CA PHE B 498 1.87 -15.11 7.14
C PHE B 498 2.32 -14.17 8.24
N SER B 499 2.79 -14.74 9.35
N SER B 499 2.78 -14.73 9.36
CA SER B 499 3.25 -13.97 10.52
CA SER B 499 3.22 -13.93 10.48
C SER B 499 4.45 -13.11 10.23
C SER B 499 4.46 -13.08 10.21
N LEU B 500 5.49 -13.69 9.65
CA LEU B 500 6.72 -12.95 9.36
C LEU B 500 6.53 -11.86 8.32
N LYS B 501 5.74 -12.16 7.30
CA LYS B 501 5.47 -11.18 6.27
C LYS B 501 4.72 -10.01 6.91
N GLY B 502 3.81 -10.33 7.83
CA GLY B 502 3.04 -9.29 8.50
C GLY B 502 3.85 -8.45 9.47
N LEU B 503 4.95 -9.00 9.99
CA LEU B 503 5.78 -8.27 10.93
C LEU B 503 6.76 -7.35 10.20
N LEU B 504 7.54 -7.93 9.30
CA LEU B 504 8.54 -7.17 8.55
C LEU B 504 7.94 -6.37 7.41
N GLY B 505 6.72 -6.73 7.01
CA GLY B 505 6.06 -6.01 5.94
C GLY B 505 5.56 -4.65 6.39
N ASN B 506 5.73 -4.37 7.67
CA ASN B 506 5.29 -3.10 8.23
C ASN B 506 6.15 -1.95 7.69
N PRO B 507 5.53 -0.78 7.40
CA PRO B 507 6.34 0.32 6.87
C PRO B 507 7.45 0.83 7.79
N ILE B 508 7.32 0.65 9.10
CA ILE B 508 8.40 1.13 9.98
C ILE B 508 9.67 0.31 9.78
N CYS B 509 9.55 -0.84 9.10
CA CYS B 509 10.72 -1.69 8.84
C CYS B 509 11.43 -1.33 7.53
N SER B 510 10.87 -0.38 6.79
CA SER B 510 11.46 0.02 5.52
C SER B 510 12.67 0.93 5.75
N PRO B 511 13.58 0.98 4.77
CA PRO B 511 14.78 1.83 4.87
C PRO B 511 14.36 3.29 5.10
N GLU B 512 13.24 3.67 4.51
CA GLU B 512 12.75 5.05 4.64
C GLU B 512 12.34 5.44 6.06
N TYR B 513 11.71 4.51 6.77
CA TYR B 513 11.23 4.76 8.14
C TYR B 513 12.17 4.33 9.27
N TRP B 514 12.93 3.27 9.06
CA TRP B 514 13.82 2.73 10.10
C TRP B 514 15.06 3.59 10.36
N LYS B 515 14.84 4.72 11.04
CA LYS B 515 15.91 5.68 11.38
C LYS B 515 15.55 6.27 12.73
N ALA B 516 16.55 6.78 13.44
CA ALA B 516 16.30 7.36 14.76
C ALA B 516 15.29 8.51 14.79
N SER B 517 15.30 9.37 13.77
CA SER B 517 14.38 10.52 13.75
C SER B 517 12.90 10.12 13.72
N THR B 518 12.61 8.97 13.11
CA THR B 518 11.24 8.49 13.03
C THR B 518 10.68 8.29 14.45
N PHE B 519 11.53 7.80 15.35
CA PHE B 519 11.15 7.53 16.73
C PHE B 519 11.53 8.62 17.73
N GLY B 520 11.73 9.84 17.23
CA GLY B 520 12.08 10.94 18.10
C GLY B 520 13.53 10.98 18.54
N GLY B 521 14.38 10.20 17.91
CA GLY B 521 15.78 10.22 18.31
C GLY B 521 16.26 8.92 18.88
N GLU B 522 17.49 8.93 19.37
CA GLU B 522 18.12 7.74 19.92
C GLU B 522 17.38 7.10 21.10
N VAL B 523 16.81 7.93 21.96
CA VAL B 523 16.06 7.41 23.11
C VAL B 523 14.88 6.56 22.64
N GLY B 524 14.11 7.08 21.68
CA GLY B 524 12.98 6.36 21.17
C GLY B 524 13.38 5.14 20.37
N PHE B 525 14.42 5.29 19.56
CA PHE B 525 14.91 4.19 18.73
C PHE B 525 15.41 3.03 19.60
N ASN B 526 16.08 3.34 20.71
CA ASN B 526 16.58 2.29 21.59
C ASN B 526 15.45 1.59 22.34
N LEU B 527 14.36 2.31 22.59
CA LEU B 527 13.21 1.71 23.26
C LEU B 527 12.72 0.56 22.40
N VAL B 528 12.68 0.78 21.09
CA VAL B 528 12.26 -0.25 20.15
C VAL B 528 13.26 -1.39 20.08
N LYS B 529 14.54 -1.05 19.89
CA LYS B 529 15.60 -2.04 19.77
C LYS B 529 15.87 -2.90 20.99
N THR B 530 15.48 -2.44 22.17
CA THR B 530 15.74 -3.21 23.39
C THR B 530 14.47 -3.60 24.14
N ALA B 531 13.32 -3.46 23.48
CA ALA B 531 12.04 -3.80 24.12
C ALA B 531 12.01 -5.25 24.56
N THR B 532 11.37 -5.47 25.71
CA THR B 532 11.26 -6.79 26.29
C THR B 532 9.90 -6.91 26.98
N LEU B 533 9.35 -8.12 27.04
CA LEU B 533 8.08 -8.34 27.70
C LEU B 533 8.24 -7.91 29.17
N LYS B 534 9.35 -8.31 29.78
CA LYS B 534 9.61 -7.97 31.18
C LYS B 534 9.60 -6.46 31.41
N LYS B 535 10.30 -5.72 30.56
CA LYS B 535 10.34 -4.27 30.68
C LYS B 535 8.97 -3.65 30.39
N LEU B 536 8.23 -4.24 29.45
CA LEU B 536 6.91 -3.73 29.10
C LEU B 536 6.02 -3.68 30.34
N VAL B 537 6.09 -4.74 31.14
CA VAL B 537 5.29 -4.83 32.35
C VAL B 537 5.90 -4.07 33.52
N CYS B 538 7.11 -4.46 33.90
CA CYS B 538 7.79 -3.88 35.06
C CYS B 538 8.12 -2.40 35.06
N LEU B 539 8.29 -1.79 33.89
CA LEU B 539 8.57 -0.36 33.85
C LEU B 539 7.23 0.38 34.03
N ASN B 540 6.13 -0.36 34.06
CA ASN B 540 4.80 0.23 34.21
C ASN B 540 3.99 -0.26 35.41
N THR B 541 4.63 -0.93 36.37
CA THR B 541 3.95 -1.43 37.56
C THR B 541 4.73 -1.08 38.83
N LYS B 542 4.05 -1.08 39.99
CA LYS B 542 4.71 -0.76 41.26
C LYS B 542 5.82 -1.77 41.55
N THR B 543 5.48 -3.05 41.48
CA THR B 543 6.45 -4.11 41.72
C THR B 543 6.55 -4.97 40.46
N CYS B 544 7.60 -5.77 40.39
CA CYS B 544 7.83 -6.63 39.24
C CYS B 544 7.58 -8.09 39.60
N PRO B 545 6.52 -8.68 39.02
CA PRO B 545 6.16 -10.08 39.28
C PRO B 545 6.89 -11.02 38.34
N TYR B 546 6.52 -12.30 38.38
CA TYR B 546 7.11 -13.25 37.47
C TYR B 546 6.45 -12.91 36.14
N VAL B 547 7.25 -12.66 35.11
CA VAL B 547 6.71 -12.30 33.80
C VAL B 547 7.47 -13.04 32.71
N SER B 548 6.72 -13.81 31.92
CA SER B 548 7.31 -14.63 30.86
C SER B 548 6.20 -15.28 30.02
N PHE B 549 6.59 -15.83 28.87
CA PHE B 549 5.65 -16.53 28.00
C PHE B 549 5.79 -18.02 28.31
N HIS B 550 6.66 -18.34 29.26
CA HIS B 550 6.91 -19.72 29.67
C HIS B 550 6.61 -19.87 31.16
N VAL B 551 6.05 -21.02 31.53
CA VAL B 551 5.74 -21.30 32.94
C VAL B 551 7.07 -21.38 33.70
N PRO B 552 7.08 -21.01 34.99
CA PRO B 552 8.35 -21.09 35.72
C PRO B 552 8.83 -22.53 35.89
N ASP B 553 10.02 -22.70 36.46
CA ASP B 553 10.57 -24.02 36.68
C ASP B 553 10.32 -24.47 38.13
C1 NAG C . 25.24 23.85 9.88
C2 NAG C . 26.52 24.71 9.85
C3 NAG C . 26.29 26.05 10.55
C4 NAG C . 25.04 26.75 9.99
C5 NAG C . 23.84 25.79 10.05
C6 NAG C . 22.60 26.40 9.42
C7 NAG C . 28.42 23.24 9.77
C8 NAG C . 29.49 22.44 10.51
N2 NAG C . 27.60 23.99 10.49
O3 NAG C . 27.43 26.88 10.34
O4 NAG C . 24.73 27.98 10.70
O5 NAG C . 24.14 24.59 9.32
O6 NAG C . 22.80 26.66 8.04
O7 NAG C . 28.35 23.15 8.54
C1 NAG C . 24.98 28.06 12.08
C2 NAG C . 24.26 29.29 12.66
C3 NAG C . 24.84 30.57 12.04
C4 NAG C . 26.36 30.62 12.23
C5 NAG C . 27.01 29.32 11.74
C6 NAG C . 28.50 29.21 12.02
C7 NAG C . 22.04 28.50 13.21
C8 NAG C . 21.20 27.41 12.58
N2 NAG C . 22.83 29.22 12.41
O3 NAG C . 24.25 31.71 12.65
O4 NAG C . 26.90 31.71 11.50
O5 NAG C . 26.37 28.18 12.36
O6 NAG C . 28.94 30.25 12.88
O7 NAG C . 21.98 28.70 14.42
C1 NAG D . -7.90 11.52 7.23
C2 NAG D . -9.24 11.02 7.80
C3 NAG D . -10.29 12.15 7.83
C4 NAG D . -9.72 13.34 8.62
C5 NAG D . -8.41 13.77 7.94
C6 NAG D . -7.77 14.95 8.64
C7 NAG D . -9.70 8.67 7.48
C8 NAG D . -10.15 7.56 6.55
N2 NAG D . -9.72 9.91 6.99
O3 NAG D . -11.47 11.66 8.44
O4 NAG D . -10.61 14.47 8.64
O5 NAG D . -7.46 12.68 7.96
O6 NAG D . -7.53 14.65 10.00
O7 NAG D . -9.33 8.41 8.63
C1 NAG D . -11.86 14.38 9.26
C2 NAG D . -12.61 15.73 9.22
C3 NAG D . -12.24 16.59 10.43
C4 NAG D . -12.69 15.80 11.63
C5 NAG D . -11.72 14.62 11.74
C6 NAG D . -12.04 13.75 12.94
C7 NAG D . -11.30 17.22 7.80
C8 NAG D . -11.11 17.83 6.42
N2 NAG D . -12.36 16.43 7.97
O3 NAG D . -12.89 17.86 10.35
O4 NAG D . -12.73 16.58 12.86
O5 NAG D . -11.84 13.75 10.57
O6 NAG D . -13.27 13.07 12.76
O7 NAG D . -10.51 17.48 8.70
C1 MAN D . -13.42 17.81 12.86
C2 MAN D . -14.82 17.74 12.18
C3 MAN D . -15.90 18.34 13.05
C4 MAN D . -15.78 17.69 14.40
C5 MAN D . -14.51 18.19 15.09
C6 MAN D . -13.96 17.27 16.15
O2 MAN D . -15.16 16.39 11.87
O3 MAN D . -17.17 18.08 12.48
O4 MAN D . -16.91 17.99 15.19
O5 MAN D . -13.43 18.49 14.13
O6 MAN D . -13.93 17.98 17.40
C1 MAN D . -14.62 17.34 18.44
C2 MAN D . -16.10 17.14 18.07
C3 MAN D . -16.98 18.21 18.72
C4 MAN D . -16.87 18.15 20.25
C5 MAN D . -15.45 17.78 20.72
C6 MAN D . -15.24 16.35 21.22
O2 MAN D . -16.54 15.85 18.43
O3 MAN D . -18.33 17.99 18.34
O4 MAN D . -17.24 19.40 20.80
O5 MAN D . -14.47 18.06 19.68
O6 MAN D . -16.43 15.56 21.01
C1 MAN D . -16.97 15.06 22.20
C2 MAN D . -18.32 15.74 22.48
C3 MAN D . -19.35 15.37 21.40
C4 MAN D . -19.28 13.88 21.07
C5 MAN D . -18.48 13.13 22.13
C6 MAN D . -18.39 11.65 21.87
O2 MAN D . -18.16 17.16 22.52
O3 MAN D . -19.10 16.12 20.22
O4 MAN D . -20.60 13.34 21.01
O5 MAN D . -17.11 13.64 22.17
O6 MAN D . -19.64 11.02 22.11
C1 NAG E . -20.62 24.60 -29.63
C2 NAG E . -21.07 26.05 -29.84
C3 NAG E . -21.94 26.13 -31.10
C4 NAG E . -21.16 25.56 -32.29
C5 NAG E . -20.72 24.14 -31.97
C6 NAG E . -19.90 23.49 -33.07
C7 NAG E . -21.51 27.64 -28.08
C8 NAG E . -22.10 27.89 -26.71
N2 NAG E . -21.84 26.50 -28.69
O3 NAG E . -22.29 27.49 -31.35
O4 NAG E . -21.97 25.59 -33.47
O5 NAG E . -19.91 24.13 -30.78
O6 NAG E . -19.80 22.09 -32.88
O7 NAG E . -20.78 28.48 -28.60
C1 NAG E . -21.36 26.01 -34.64
C2 NAG E . -22.25 25.68 -35.84
C3 NAG E . -21.62 26.23 -37.12
C4 NAG E . -21.35 27.74 -36.96
C5 NAG E . -20.48 27.97 -35.71
C6 NAG E . -20.20 29.43 -35.43
C7 NAG E . -23.50 23.66 -35.45
C8 NAG E . -23.73 22.20 -35.82
N2 NAG E . -22.41 24.24 -35.94
O3 NAG E . -22.52 26.00 -38.20
O4 NAG E . -20.69 28.29 -38.13
O5 NAG E . -21.14 27.43 -34.55
O6 NAG E . -20.84 29.87 -34.25
O7 NAG E . -24.31 24.25 -34.73
C1 MAN E . -21.10 27.89 -39.42
C2 MAN E . -22.55 28.31 -39.74
C3 MAN E . -22.60 29.61 -40.56
C4 MAN E . -21.40 30.48 -40.23
C5 MAN E . -20.11 29.77 -40.66
C6 MAN E . -18.88 30.27 -39.93
O2 MAN E . -23.30 28.49 -38.54
O3 MAN E . -23.80 30.31 -40.27
O4 MAN E . -21.52 31.73 -40.89
O5 MAN E . -20.19 28.33 -40.45
O6 MAN E . -18.71 31.68 -40.18
C1 MAN E . -18.03 31.92 -41.39
C2 MAN E . -18.77 33.01 -42.20
C3 MAN E . -17.77 33.95 -42.88
C4 MAN E . -16.89 34.62 -41.82
C5 MAN E . -16.36 33.62 -40.78
C6 MAN E . -16.93 33.82 -39.37
O2 MAN E . -19.63 33.76 -41.34
O3 MAN E . -18.47 34.94 -43.62
O4 MAN E . -15.78 35.26 -42.45
O5 MAN E . -16.65 32.25 -41.19
O6 MAN E . -17.95 34.79 -39.35
C1 NAG F . -2.62 -32.09 -16.43
C2 NAG F . -2.28 -33.58 -16.70
C3 NAG F . -3.48 -34.39 -17.21
C4 NAG F . -4.68 -34.16 -16.31
C5 NAG F . -4.96 -32.66 -16.27
C6 NAG F . -6.20 -32.30 -15.46
C7 NAG F . 0.06 -33.73 -17.25
C8 NAG F . 1.14 -33.70 -18.32
N2 NAG F . -1.20 -33.66 -17.66
O3 NAG F . -3.15 -35.77 -17.24
O4 NAG F . -5.85 -34.92 -16.74
O5 NAG F . -3.83 -31.97 -15.66
O6 NAG F . -6.25 -33.03 -14.25
O7 NAG F . 0.37 -33.81 -16.05
C1 NAG F . -6.21 -34.94 -18.10
C2 NAG F . -7.68 -35.35 -18.27
C3 NAG F . -7.88 -36.86 -18.02
C4 NAG F . -6.90 -37.67 -18.87
C5 NAG F . -5.47 -37.20 -18.58
C6 NAG F . -4.42 -37.94 -19.39
C7 NAG F . -8.94 -33.38 -17.71
C8 NAG F . -9.55 -32.53 -16.61
N2 NAG F . -8.52 -34.59 -17.37
O3 NAG F . -9.21 -37.23 -18.36
O4 NAG F . -7.03 -39.05 -18.57
O5 NAG F . -5.35 -35.79 -18.88
O6 NAG F . -4.99 -38.55 -20.54
O7 NAG F . -8.85 -32.94 -18.86
C1 NAG G . -15.46 -2.78 -0.94
C2 NAG G . -16.28 -1.48 -0.95
C3 NAG G . -17.69 -1.71 -0.34
C4 NAG G . -18.37 -2.87 -1.07
C5 NAG G . -17.47 -4.10 -0.96
C6 NAG G . -18.06 -5.28 -1.68
C7 NAG G . -15.05 0.60 -0.82
C8 NAG G . -14.42 1.68 0.05
N2 NAG G . -15.57 -0.45 -0.20
O3 NAG G . -18.44 -0.52 -0.49
O4 NAG G . -19.67 -3.19 -0.49
O5 NAG G . -16.19 -3.82 -1.58
O6 NAG G . -18.33 -4.96 -3.04
O7 NAG G . -15.07 0.73 -2.05
C1 NAG G . -20.69 -2.23 -0.51
C2 NAG G . -22.03 -2.83 0.00
C3 NAG G . -22.76 -3.56 -1.12
C4 NAG G . -23.03 -2.53 -2.19
C5 NAG G . -21.68 -2.10 -2.77
C6 NAG G . -21.87 -1.01 -3.81
C7 NAG G . -21.40 -4.93 1.03
C8 NAG G . -20.97 -5.64 2.29
N2 NAG G . -21.85 -3.69 1.16
O3 NAG G . -23.99 -4.11 -0.65
O4 NAG G . -23.90 -3.05 -3.22
O5 NAG G . -20.83 -1.51 -1.74
O6 NAG G . -22.37 0.18 -3.21
O7 NAG G . -21.33 -5.50 -0.06
C1 MAN G . -25.28 -2.96 -3.04
C2 MAN G . -25.65 -1.70 -2.24
C3 MAN G . -27.17 -1.59 -2.07
C4 MAN G . -27.83 -1.62 -3.44
C5 MAN G . -27.44 -2.90 -4.16
C6 MAN G . -28.03 -3.02 -5.56
O2 MAN G . -25.18 -0.55 -2.93
O3 MAN G . -27.50 -0.39 -1.39
O4 MAN G . -29.24 -1.56 -3.30
O5 MAN G . -26.00 -2.98 -4.29
O6 MAN G . -27.91 -1.76 -6.26
C1 MAN G . -27.89 -1.94 -7.65
C2 MAN G . -29.33 -2.10 -8.19
C3 MAN G . -29.40 -1.82 -9.69
C4 MAN G . -28.83 -0.43 -10.06
C5 MAN G . -27.93 0.14 -8.97
C6 MAN G . -28.66 0.91 -7.89
O2 MAN G . -30.22 -1.24 -7.49
O3 MAN G . -30.76 -1.91 -10.12
O4 MAN G . -28.10 -0.53 -11.28
O5 MAN G . -27.15 -0.91 -8.34
O6 MAN G . -28.98 2.25 -8.37
C1 MAN G . -30.25 2.35 -8.96
C2 MAN G . -31.36 2.34 -7.90
C3 MAN G . -31.26 3.57 -6.98
C4 MAN G . -30.28 4.61 -7.54
C5 MAN G . -30.50 4.80 -9.06
C6 MAN G . -29.50 5.76 -9.67
O2 MAN G . -31.26 1.16 -7.11
O3 MAN G . -30.82 3.19 -5.69
O4 MAN G . -30.46 5.85 -6.88
O5 MAN G . -30.36 3.53 -9.78
O6 MAN G . -29.37 6.93 -8.89
C1 NAG H . -15.27 -11.05 39.25
C2 NAG H . -16.38 -11.86 39.92
C3 NAG H . -16.31 -11.74 41.44
C4 NAG H . -14.89 -11.99 41.95
C5 NAG H . -13.90 -11.13 41.18
C6 NAG H . -12.46 -11.38 41.58
C7 NAG H . -18.61 -12.22 39.06
C8 NAG H . -19.96 -11.63 38.71
N2 NAG H . -17.67 -11.38 39.47
O3 NAG H . -17.19 -12.69 42.05
O4 NAG H . -14.81 -11.67 43.35
O5 NAG H . -14.00 -11.41 39.78
O6 NAG H . -11.77 -10.15 41.72
O7 NAG H . -18.41 -13.44 38.95
C1 NAG H . -14.15 -12.59 44.14
C2 NAG H . -14.09 -12.05 45.58
C3 NAG H . -13.62 -13.12 46.56
C4 NAG H . -14.51 -14.37 46.40
C5 NAG H . -14.36 -14.84 44.95
C6 NAG H . -15.10 -16.13 44.65
C7 NAG H . -13.67 -9.67 45.63
C8 NAG H . -12.67 -8.55 45.43
N2 NAG H . -13.19 -10.92 45.66
O3 NAG H . -13.73 -12.62 47.88
O4 NAG H . -14.11 -15.42 47.29
O5 NAG H . -14.88 -13.82 44.08
O6 NAG H . -16.50 -16.00 44.88
O7 NAG H . -14.87 -9.41 45.77
C1 MAN H . -14.06 -15.12 48.66
C2 MAN H . -12.60 -14.92 49.07
C3 MAN H . -11.85 -16.21 48.75
C4 MAN H . -12.48 -17.38 49.51
C5 MAN H . -14.00 -17.46 49.27
C6 MAN H . -14.69 -18.40 50.23
O2 MAN H . -12.52 -14.63 50.45
O3 MAN H . -10.49 -16.08 49.10
O4 MAN H . -11.87 -18.58 49.09
O5 MAN H . -14.62 -16.16 49.46
O6 MAN H . -14.59 -19.75 49.73
C1 MAN H . -13.51 -20.43 50.30
C2 MAN H . -13.99 -21.34 51.45
C3 MAN H . -13.32 -22.72 51.33
C4 MAN H . -13.66 -23.33 49.97
C5 MAN H . -13.30 -22.37 48.83
C6 MAN H . -14.48 -22.01 47.93
O2 MAN H . -15.40 -21.49 51.40
O3 MAN H . -13.79 -23.56 52.38
O4 MAN H . -12.93 -24.55 49.81
O5 MAN H . -12.73 -21.14 49.33
O6 MAN H . -15.70 -22.51 48.44
C1 BOG I . 19.56 11.13 -13.81
O1 BOG I . 19.13 10.35 -14.89
C2 BOG I . 19.72 12.66 -14.20
O2 BOG I . 20.63 12.83 -15.29
C3 BOG I . 20.20 13.45 -12.94
O3 BOG I . 20.35 14.82 -13.28
C4 BOG I . 19.15 13.24 -11.77
O4 BOG I . 19.56 13.95 -10.59
C5 BOG I . 19.01 11.81 -11.44
O5 BOG I . 18.59 10.98 -12.66
C6 BOG I . 17.95 11.56 -10.31
O6 BOG I . 16.60 11.88 -10.68
C1' BOG I . 19.88 9.15 -15.17
C2' BOG I . 19.26 8.47 -16.37
C3' BOG I . 19.90 8.83 -17.54
C4' BOG I . 20.94 7.78 -17.96
C5' BOG I . 21.09 7.74 -19.49
C6' BOG I . 22.38 8.42 -19.94
C7' BOG I . 22.49 8.36 -21.31
C8' BOG I . 23.77 9.04 -21.75
C1 BOG J . 35.11 3.64 8.59
O1 BOG J . 35.75 3.66 7.35
C2 BOG J . 35.49 2.34 9.43
O2 BOG J . 35.17 1.15 8.71
C3 BOG J . 34.74 2.39 10.80
O3 BOG J . 35.08 1.22 11.57
C4 BOG J . 35.13 3.73 11.56
O4 BOG J . 34.46 3.80 12.84
C5 BOG J . 34.77 4.93 10.75
O5 BOG J . 35.44 4.89 9.38
C6 BOG J . 35.16 6.28 11.46
O6 BOG J . 36.37 6.24 12.24
C1' BOG J . 34.98 4.03 6.18
C2' BOG J . 35.91 3.95 4.97
C3' BOG J . 36.59 5.12 4.75
C4' BOG J . 37.03 5.23 3.29
C5' BOG J . 38.55 5.45 3.18
C6' BOG J . 38.89 6.45 2.07
C7' BOG J . 40.25 6.64 1.99
C8' BOG J . 40.58 7.62 0.89
C1 BOG K . 33.22 18.85 2.42
O1 BOG K . 34.30 18.37 1.66
C2 BOG K . 33.68 19.35 3.84
O2 BOG K . 34.35 18.30 4.56
C3 BOG K . 32.43 19.87 4.63
O3 BOG K . 32.85 20.32 5.92
C4 BOG K . 31.74 21.02 3.79
O4 BOG K . 30.58 21.53 4.50
C5 BOG K . 31.32 20.51 2.45
O5 BOG K . 32.50 19.95 1.68
C6 BOG K . 30.65 21.64 1.58
O6 BOG K . 31.58 22.51 0.91
C1' BOG K . 34.04 17.41 0.64
C2' BOG K . 35.38 17.06 0.00
C3' BOG K . 35.95 15.95 0.59
C4' BOG K . 37.18 15.47 -0.17
C5' BOG K . 37.10 13.97 -0.46
C6' BOG K . 38.45 13.40 -0.87
C7' BOG K . 38.35 12.06 -1.13
C8' BOG K . 39.71 11.52 -1.55
C1 BOG L . 27.23 12.92 -29.90
O1 BOG L . 27.10 12.32 -28.64
C2 BOG L . 27.52 14.48 -29.77
O2 BOG L . 26.48 15.13 -29.04
C3 BOG L . 27.66 15.09 -31.20
O3 BOG L . 27.92 16.50 -31.10
C4 BOG L . 28.82 14.33 -31.96
O4 BOG L . 28.99 14.87 -33.30
C5 BOG L . 28.53 12.88 -32.06
O5 BOG L . 28.33 12.26 -30.67
C6 BOG L . 29.68 12.08 -32.78
O6 BOG L . 29.46 11.87 -34.18
C1' BOG L . 26.00 11.41 -28.42
C2' BOG L . 26.10 10.91 -26.98
C3' BOG L . 25.52 9.66 -26.84
C4' BOG L . 26.37 8.79 -25.93
C5' BOG L . 25.49 7.80 -25.14
C6' BOG L . 26.13 6.41 -25.04
C7' BOG L . 25.33 5.56 -24.33
C8' BOG L . 25.98 4.20 -24.25
C FLP M . 7.04 16.11 -15.83
C FLP M . 6.98 15.99 -15.81
C1 FLP M . 8.22 15.45 -16.31
C1 FLP M . 8.16 15.31 -16.24
C2 FLP M . 8.08 14.21 -17.05
C2 FLP M . 8.04 14.09 -17.03
C3 FLP M . 6.78 13.66 -17.28
C3 FLP M . 6.75 13.59 -17.36
C4 FLP M . 5.63 14.35 -16.79
C4 FLP M . 5.58 14.29 -16.91
C5 FLP M . 5.77 15.57 -16.07
C5 FLP M . 5.71 15.48 -16.14
C6 FLP M . 9.33 13.49 -17.55
C6 FLP M . 9.27 13.35 -17.49
C7 FLP M . 10.35 14.20 -18.32
C7 FLP M . 9.50 11.98 -17.11
C8 FLP M . 11.52 13.48 -18.76
C8 FLP M . 10.69 11.31 -17.56
C9 FLP M . 11.70 12.09 -18.45
C9 FLP M . 11.65 11.99 -18.38
C10 FLP M . 10.71 11.41 -17.70
C10 FLP M . 11.44 13.33 -18.75
C11 FLP M . 9.58 12.10 -17.28
C11 FLP M . 10.28 13.97 -18.31
C12 FLP M . 12.95 11.29 -18.90
C12 FLP M . 12.96 11.33 -18.90
C13 FLP M . 12.61 9.87 -19.41
C13 FLP M . 12.72 9.94 -19.52
C14 FLP M . 13.92 11.33 -17.73
C14 FLP M . 13.94 11.35 -17.73
O FLP M . 13.82 10.65 -16.74
O FLP M . 13.89 10.62 -16.79
O1 FLP M . 14.88 12.17 -17.90
O1 FLP M . 14.86 12.25 -17.88
F FLP M . 8.68 11.37 -16.56
F FLP M . 10.13 15.27 -18.71
MN MNH N . -6.25 23.15 -15.53
CHA MNH N . -6.96 22.67 -12.43
CHB MNH N . -9.06 24.84 -15.84
CHC MNH N . -6.20 23.01 -18.94
CHD MNH N . -4.02 20.91 -15.45
NA MNH N . -7.91 23.69 -14.26
C1A MNH N . -7.92 23.56 -12.89
C2A MNH N . -8.93 24.43 -12.31
C3A MNH N . -9.61 25.08 -13.29
C4A MNH N . -8.91 24.62 -14.49
CMA MNH N . -10.76 26.08 -13.28
CAA MNH N . -9.14 24.43 -10.79
CBA MNH N . -8.45 25.67 -10.23
CGA MNH N . -8.71 26.22 -8.83
O1A MNH N . -9.27 25.50 -7.96
O2A MNH N . -8.18 27.36 -8.73
NB MNH N . -7.56 23.88 -17.25
C1B MNH N . -8.74 24.62 -17.17
C2B MNH N . -9.29 25.13 -18.40
C3B MNH N . -8.34 24.58 -19.24
C4B MNH N . -7.26 23.82 -18.61
CMB MNH N . -10.54 26.03 -18.51
CAB MNH N . -8.39 24.80 -20.75
CBB MNH N . -9.25 24.97 -22.00
NC MNH N . -5.20 22.04 -17.07
C1C MNH N . -5.20 22.19 -18.44
C2C MNH N . -4.13 21.40 -19.05
C3C MNH N . -3.50 20.79 -18.03
C4C MNH N . -4.16 21.18 -16.79
CMC MNH N . -3.81 21.40 -20.55
CAC MNH N . -2.23 19.96 -18.09
CBC MNH N . -1.97 18.54 -17.63
ND MNH N . -5.59 21.76 -14.05
C1D MNH N . -4.43 21.02 -14.15
C2D MNH N . -4.14 20.36 -12.88
C3D MNH N . -5.07 20.87 -12.04
C4D MNH N . -5.93 21.79 -12.73
CMD MNH N . -2.98 19.38 -12.66
CAD MNH N . -5.23 20.65 -10.53
CBD MNH N . -6.18 19.50 -10.21
CGD MNH N . -6.51 19.31 -8.76
O1D MNH N . -5.80 19.72 -7.82
O2D MNH N . -7.72 19.02 -8.53
C1 GOL O . -11.81 2.49 -6.98
O1 GOL O . -10.93 1.40 -7.77
C2 GOL O . -13.20 2.48 -6.87
O2 GOL O . -13.58 2.52 -5.59
C3 GOL O . -13.71 2.44 -7.98
O3 GOL O . -13.82 2.39 -9.55
C1 GOL P . -20.03 -2.61 -27.25
O1 GOL P . -18.49 -2.97 -27.56
C2 GOL P . -20.77 -1.66 -27.92
O2 GOL P . -21.78 -2.23 -28.62
C3 GOL P . -20.30 -0.57 -27.69
O3 GOL P . -19.35 0.50 -27.08
C1 GOL Q . -10.45 20.79 -14.95
O1 GOL Q . -8.93 21.06 -15.44
C2 GOL Q . -11.06 21.31 -13.81
O2 GOL Q . -11.94 22.29 -14.13
C3 GOL Q . -10.63 20.76 -12.83
O3 GOL Q . -9.81 19.77 -11.93
C1 BOG R . 12.03 -23.22 5.27
O1 BOG R . 12.68 -22.51 6.29
C2 BOG R . 11.30 -24.51 5.81
O2 BOG R . 12.22 -25.39 6.47
C3 BOG R . 10.61 -25.24 4.61
O3 BOG R . 9.95 -26.41 5.09
C4 BOG R . 9.61 -24.24 3.92
O4 BOG R . 8.94 -24.88 2.80
C5 BOG R . 10.30 -23.03 3.43
O5 BOG R . 11.04 -22.32 4.56
C6 BOG R . 9.32 -22.00 2.76
O6 BOG R . 8.50 -21.28 3.69
C1' BOG R . 14.05 -22.11 6.07
C2' BOG R . 14.53 -21.37 7.30
C3' BOG R . 15.15 -22.22 8.19
C4' BOG R . 16.68 -22.02 8.16
C5' BOG R . 17.33 -22.62 9.41
C6' BOG R . 18.08 -23.91 9.09
C7' BOG R . 18.66 -24.42 10.23
C8' BOG R . 19.40 -25.70 9.91
C1 BOG S . 14.96 -36.97 12.35
O1 BOG S . 16.17 -37.63 12.06
C2 BOG S . 13.94 -37.04 11.14
O2 BOG S . 14.50 -36.48 9.95
C3 BOG S . 12.63 -36.29 11.54
O3 BOG S . 11.70 -36.36 10.46
C4 BOG S . 12.04 -36.95 12.87
O4 BOG S . 10.82 -36.29 13.26
C5 BOG S . 13.03 -36.87 13.97
O5 BOG S . 14.34 -37.55 13.60
C6 BOG S . 12.49 -37.54 15.29
O6 BOG S . 13.41 -37.52 16.39
C1' BOG S . 17.41 -37.00 12.44
C2' BOG S . 18.55 -37.91 12.02
C3' BOG S . 19.73 -37.23 11.92
C4' BOG S . 20.60 -37.81 10.80
C5' BOG S . 22.02 -37.21 10.82
C6' BOG S . 22.37 -36.52 9.52
C7' BOG S . 23.65 -35.99 9.58
C8' BOG S . 23.98 -35.30 8.27
C1 BOG T . 22.97 -31.67 16.54
O1 BOG T . 22.67 -30.88 15.42
C2 BOG T . 21.98 -32.90 16.68
O2 BOG T . 20.63 -32.46 16.76
C3 BOG T . 22.38 -33.73 17.94
O3 BOG T . 21.50 -34.84 18.07
C4 BOG T . 23.89 -34.20 17.79
O4 BOG T . 24.29 -34.97 18.93
C5 BOG T . 24.78 -33.01 17.65
O5 BOG T . 24.39 -32.15 16.46
C6 BOG T . 26.29 -33.44 17.47
O6 BOG T . 26.99 -33.69 18.70
C1' BOG T . 22.56 -29.45 15.60
C2' BOG T . 22.24 -28.84 14.25
C3' BOG T . 22.79 -27.59 14.11
C4' BOG T . 23.12 -27.29 12.65
C5' BOG T . 22.94 -25.80 12.34
C6' BOG T . 24.09 -25.24 11.51
C7' BOG T . 23.90 -23.92 11.24
C8' BOG T . 25.06 -23.38 10.41
C FLP U . 1.77 -19.35 13.38
C FLP U . 1.74 -19.32 13.29
C1 FLP U . 3.16 -19.64 13.18
C1 FLP U . 3.14 -19.59 13.05
C2 FLP U . 4.16 -18.69 13.67
C2 FLP U . 4.13 -18.68 13.62
C3 FLP U . 3.73 -17.50 14.35
C3 FLP U . 3.71 -17.56 14.39
C4 FLP U . 2.33 -17.25 14.52
C4 FLP U . 2.31 -17.33 14.61
C5 FLP U . 1.37 -18.18 14.04
C5 FLP U . 1.35 -18.22 14.06
C6 FLP U . 5.62 -18.99 13.44
C6 FLP U . 5.60 -18.93 13.38
C7 FLP U . 6.20 -20.30 13.76
C7 FLP U . 6.44 -17.91 12.77
C8 FLP U . 7.59 -20.53 13.51
C8 FLP U . 7.82 -18.17 12.55
C9 FLP U . 8.43 -19.51 12.96
C9 FLP U . 8.40 -19.44 12.90
C10 FLP U . 7.89 -18.25 12.66
C10 FLP U . 7.60 -20.44 13.48
C11 FLP U . 6.53 -18.01 12.91
C11 FLP U . 6.24 -20.17 13.71
C12 FLP U . 9.95 -19.73 12.67
C12 FLP U . 9.90 -19.79 12.68
C13 FLP U . 10.83 -18.50 12.96
C13 FLP U . 10.85 -18.65 13.05
C14 FLP U . 10.01 -20.23 11.23
C14 FLP U . 10.00 -20.27 11.24
O FLP U . 9.92 -19.53 10.26
O FLP U . 9.97 -19.54 10.28
O1 FLP U . 10.17 -21.51 11.16
O1 FLP U . 10.13 -21.55 11.13
F FLP U . 6.09 -16.76 12.58
F FLP U . 5.54 -21.20 14.27
MN MNH V . -11.38 -16.54 20.31
CHA MNH V . -13.01 -15.24 17.74
CHB MNH V . -14.12 -16.14 22.11
CHC MNH V . -9.76 -17.02 23.16
CHD MNH V . -8.58 -16.09 18.80
NA MNH V . -13.40 -15.70 19.97
C1A MNH V . -13.95 -15.40 18.74
C2A MNH V . -15.39 -15.36 18.90
C3A MNH V . -15.76 -15.52 20.20
C4A MNH V . -14.48 -15.86 20.81
CMA MNH V . -17.09 -15.40 20.93
CAA MNH V . -16.21 -15.00 17.67
CBA MNH V . -16.95 -16.23 17.16
CGA MNH V . -18.18 -16.16 16.25
O1A MNH V . -18.51 -15.11 15.64
O2A MNH V . -18.61 -17.34 16.12
NB MNH V . -11.91 -16.60 22.42
C1B MNH V . -13.16 -16.47 23.05
C2B MNH V . -13.27 -16.71 24.46
C3B MNH V . -11.92 -16.95 24.71
C4B MNH V . -11.10 -16.90 23.51
CMB MNH V . -14.58 -16.61 25.28
CAB MNH V . -11.39 -17.27 26.10
CBB MNH V . -11.67 -17.31 27.61
NC MNH V . -9.32 -16.55 20.92
C1C MNH V . -8.81 -16.91 22.15
C2C MNH V . -7.36 -17.08 22.09
C3C MNH V . -7.02 -16.77 20.82
C4C MNH V . -8.22 -16.46 20.08
CMC MNH V . -6.51 -17.55 23.27
CAC MNH V . -5.63 -16.96 20.24
CBC MNH V . -4.86 -15.96 19.40
ND MNH V . -10.80 -15.60 18.43
C1D MNH V . -9.53 -15.69 17.89
C2D MNH V . -9.53 -15.31 16.48
C3D MNH V . -10.83 -14.97 16.28
C4D MNH V . -11.67 -15.28 17.42
CMD MNH V . -8.27 -15.16 15.61
CAD MNH V . -11.42 -14.41 14.98
CBD MNH V . -11.56 -12.89 15.03
CGD MNH V . -12.27 -12.30 13.84
O1D MNH V . -12.25 -12.85 12.73
O2D MNH V . -12.93 -11.25 14.04
C1 GOL W . -0.35 8.56 33.43
O1 GOL W . -0.74 7.38 32.42
C2 GOL W . 0.31 9.73 33.10
O2 GOL W . 1.07 9.59 32.00
C3 GOL W . 0.03 10.58 33.90
O3 GOL W . -0.62 11.30 35.12
C1 GOL X . -13.00 -12.05 21.13
O1 GOL X . -12.00 -13.30 20.93
C2 GOL X . -14.18 -11.83 20.39
O2 GOL X . -15.27 -11.98 21.16
C3 GOL X . -13.91 -11.56 19.24
O3 GOL X . -13.07 -11.27 17.96
#